data_7ODK
#
_entry.id   7ODK
#
_cell.length_a   77.539
_cell.length_b   84.001
_cell.length_c   89.061
_cell.angle_alpha   99.178
_cell.angle_beta   113.727
_cell.angle_gamma   108.410
#
_symmetry.space_group_name_H-M   'P 1'
#
loop_
_entity.id
_entity.type
_entity.pdbx_description
1 polymer 'Receptor-like protein kinase HSL1'
2 branched beta-D-mannopyranose-(1-4)-2-acetamido-2-deoxy-beta-D-glucopyranose-(1-4)-2-acetamido-2-deoxy-beta-D-glucopyranose
3 branched 2-acetamido-2-deoxy-beta-D-glucopyranose-(1-4)-2-acetamido-2-deoxy-beta-D-glucopyranose
4 branched alpha-L-fucopyranose-(1-3)-[2-acetamido-2-deoxy-beta-D-glucopyranose-(1-4)][alpha-L-fucopyranose-(1-6)]2-acetamido-2-deoxy-beta-D-glucopyranose
5 branched alpha-L-fucopyranose-(1-3)-[2-acetamido-2-deoxy-beta-D-glucopyranose-(1-4)]2-acetamido-2-deoxy-beta-D-glucopyranose
6 non-polymer 1,2-ETHANEDIOL
7 non-polymer 2-acetamido-2-deoxy-beta-D-glucopyranose
8 non-polymer 'SULFATE ION'
9 non-polymer 'SODIUM ION'
10 water water
#
_entity_poly.entity_id   1
_entity_poly.type   'polypeptide(L)'
_entity_poly.pdbx_seq_one_letter_code
;GSSMDNQDGFILQQVKLSLDDPDSYLSSWNSNDASPCRWSGVSCAGDFSSVTSVDLSSANLAGPFPSVICRLSNLAHLSL
YNNSINSTLPLNIAACKSLQTLDLSQNLLTGELPQTLADIPTLVHLDLTGNNFSGDIPASFGKFENLEVLSLVYNLLDGT
IPPFLGNISTLKMLNLSYNPFSPSRIPPEFGNLTNLEVMWLTECHLVGQIPDSLGQLSKLVDLDLALNDLVGHIPPSLGG
LTNVVQIELYNNSLTGEIPPELGNLKSLRLLDASMNQLTGKIPDELCRVPLESLNLYENNLEGELPASIALSPNLYEIRI
FGNRLTGGLPKDLGLNSPLRWLDVSENEFSGDLPADLCAKGELEELLIIHNSFSGVIPESLADCRSLTRIRLAYNRFSGS
VPTGFWGLPHVNLLELVNNSFSGEISKSIGGASNLSLLILSNNEFTGSLPEEIGSLDNLNQLSASGNKFSGSLPDSLMSL
GELGTLDLHGNQFSGELTSGIKSWKKLNELNLADNEFTGKIPDEIGSLSVLNYLDLSGNMFSGKIPVSLQSLKLNQLNLS
YNRLSGDLPPSLAKDMYKNSFIGNPGLCGDIKGLCGSENEAKKRGYVLEGSENLYFQ
;
_entity_poly.pdbx_strand_id   AAA,BBB
#
loop_
_chem_comp.id
_chem_comp.type
_chem_comp.name
_chem_comp.formula
BMA D-saccharide, beta linking beta-D-mannopyranose 'C6 H12 O6'
EDO non-polymer 1,2-ETHANEDIOL 'C2 H6 O2'
FUC L-saccharide, alpha linking alpha-L-fucopyranose 'C6 H12 O5'
NA non-polymer 'SODIUM ION' 'Na 1'
NAG D-saccharide, beta linking 2-acetamido-2-deoxy-beta-D-glucopyranose 'C8 H15 N O6'
SO4 non-polymer 'SULFATE ION' 'O4 S -2'
#
# COMPACT_ATOMS: atom_id res chain seq x y z
N GLN A 7 70.48 26.84 -14.73
CA GLN A 7 70.10 26.57 -13.32
C GLN A 7 68.86 25.66 -13.27
N ASP A 8 67.97 25.80 -14.26
CA ASP A 8 66.71 25.01 -14.35
C ASP A 8 67.03 23.52 -14.34
N GLY A 9 68.03 23.10 -15.12
CA GLY A 9 68.49 21.70 -15.16
C GLY A 9 68.99 21.23 -13.80
N PHE A 10 69.80 22.05 -13.14
CA PHE A 10 70.37 21.73 -11.81
C PHE A 10 69.24 21.58 -10.79
N ILE A 11 68.28 22.49 -10.81
CA ILE A 11 67.11 22.47 -9.89
C ILE A 11 66.32 21.18 -10.14
N LEU A 12 66.08 20.82 -11.39
CA LEU A 12 65.31 19.59 -11.74
C LEU A 12 66.10 18.35 -11.31
N GLN A 13 67.44 18.38 -11.38
CA GLN A 13 68.28 17.26 -10.88
C GLN A 13 68.03 17.08 -9.38
N GLN A 14 67.90 18.18 -8.64
CA GLN A 14 67.60 18.15 -7.18
C GLN A 14 66.22 17.52 -6.96
N VAL A 15 65.25 17.85 -7.80
CA VAL A 15 63.88 17.25 -7.75
C VAL A 15 64.01 15.73 -7.92
N LYS A 16 64.78 15.28 -8.92
CA LYS A 16 64.97 13.84 -9.22
C LYS A 16 65.55 13.12 -8.00
N LEU A 17 66.57 13.72 -7.37
CA LEU A 17 67.28 13.10 -6.23
C LEU A 17 66.35 12.99 -5.02
N SER A 18 65.29 13.81 -4.96
CA SER A 18 64.37 13.89 -3.81
C SER A 18 63.19 12.90 -3.94
N LEU A 19 63.05 12.21 -5.07
CA LEU A 19 61.85 11.36 -5.33
C LEU A 19 62.25 9.91 -5.60
N ASP A 20 61.39 8.97 -5.22
CA ASP A 20 61.53 7.53 -5.60
C ASP A 20 60.95 7.36 -7.00
N ASP A 21 61.71 6.75 -7.92
CA ASP A 21 61.32 6.61 -9.34
C ASP A 21 61.47 5.14 -9.74
N PRO A 22 60.59 4.24 -9.24
CA PRO A 22 60.72 2.80 -9.51
C PRO A 22 60.62 2.44 -10.98
N ASP A 23 59.86 3.21 -11.77
CA ASP A 23 59.60 2.92 -13.21
C ASP A 23 60.58 3.70 -14.09
N SER A 24 61.56 4.39 -13.50
CA SER A 24 62.64 5.12 -14.23
C SER A 24 62.04 6.14 -15.21
N TYR A 25 60.99 6.85 -14.80
CA TYR A 25 60.36 7.94 -15.61
C TYR A 25 61.35 9.08 -15.81
N LEU A 26 62.29 9.27 -14.88
CA LEU A 26 63.25 10.40 -14.90
C LEU A 26 64.59 9.95 -15.49
N SER A 27 64.62 8.83 -16.23
CA SER A 27 65.84 8.32 -16.92
C SER A 27 66.39 9.41 -17.86
N SER A 28 65.51 10.15 -18.52
CA SER A 28 65.87 11.17 -19.55
C SER A 28 66.49 12.39 -18.87
N TRP A 29 66.39 12.51 -17.54
CA TRP A 29 66.89 13.69 -16.80
C TRP A 29 68.40 13.56 -16.67
N ASN A 30 69.13 13.93 -17.74
CA ASN A 30 70.60 13.75 -17.84
C ASN A 30 71.30 15.10 -17.60
N SER A 31 72.16 15.16 -16.59
CA SER A 31 72.93 16.38 -16.21
C SER A 31 73.78 16.86 -17.38
N ASN A 32 74.27 15.93 -18.22
CA ASN A 32 75.19 16.24 -19.34
C ASN A 32 74.45 17.07 -20.40
N ASP A 33 73.11 17.06 -20.42
CA ASP A 33 72.29 17.86 -21.38
C ASP A 33 72.54 19.35 -21.16
N ALA A 34 72.64 20.10 -22.26
CA ALA A 34 72.77 21.57 -22.25
C ALA A 34 71.49 22.19 -21.66
N SER A 35 70.33 21.65 -22.00
CA SER A 35 69.00 22.17 -21.56
C SER A 35 68.13 21.01 -21.07
N PRO A 36 67.25 21.25 -20.06
CA PRO A 36 66.34 20.21 -19.57
C PRO A 36 65.01 20.15 -20.35
N CYS A 37 64.89 20.92 -21.43
CA CYS A 37 63.59 21.09 -22.14
C CYS A 37 63.11 19.77 -22.73
N ARG A 38 64.01 18.88 -23.15
CA ARG A 38 63.62 17.59 -23.79
C ARG A 38 63.33 16.52 -22.72
N TRP A 39 63.56 16.82 -21.44
CA TRP A 39 63.38 15.84 -20.34
C TRP A 39 61.90 15.46 -20.21
N SER A 40 61.63 14.22 -19.81
CA SER A 40 60.24 13.71 -19.62
C SER A 40 59.49 14.63 -18.66
N GLY A 41 58.29 15.07 -19.04
CA GLY A 41 57.42 15.90 -18.19
C GLY A 41 57.78 17.37 -18.23
N VAL A 42 58.85 17.77 -18.94
CA VAL A 42 59.33 19.19 -18.89
C VAL A 42 58.97 19.90 -20.19
N SER A 43 58.43 21.12 -20.09
CA SER A 43 58.11 21.99 -21.25
C SER A 43 58.71 23.38 -21.02
N CYS A 44 59.36 23.94 -22.04
CA CYS A 44 60.04 25.25 -21.96
C CYS A 44 59.40 26.26 -22.88
N ALA A 45 59.55 27.54 -22.57
CA ALA A 45 59.08 28.66 -23.42
C ALA A 45 60.11 29.79 -23.38
N GLY A 46 60.06 30.66 -24.39
CA GLY A 46 60.91 31.86 -24.49
C GLY A 46 62.26 31.56 -25.13
N ASP A 47 62.96 32.63 -25.56
CA ASP A 47 64.31 32.56 -26.16
C ASP A 47 65.33 32.06 -25.13
N PHE A 48 64.94 31.98 -23.85
CA PHE A 48 65.83 31.63 -22.71
C PHE A 48 65.79 30.12 -22.42
N SER A 49 64.84 29.35 -22.97
CA SER A 49 64.70 27.87 -22.68
C SER A 49 64.57 27.67 -21.16
N SER A 50 63.64 28.43 -20.62
CA SER A 50 63.24 28.40 -19.20
C SER A 50 62.10 27.39 -19.04
N VAL A 51 62.21 26.52 -18.03
CA VAL A 51 61.11 25.57 -17.71
C VAL A 51 59.88 26.38 -17.30
N THR A 52 58.77 26.17 -17.99
CA THR A 52 57.49 26.86 -17.71
C THR A 52 56.41 25.88 -17.24
N SER A 53 56.54 24.60 -17.57
N SER A 53 56.54 24.60 -17.57
CA SER A 53 55.55 23.55 -17.21
CA SER A 53 55.55 23.55 -17.21
C SER A 53 56.27 22.25 -16.84
C SER A 53 56.28 22.26 -16.84
N VAL A 54 55.86 21.61 -15.75
CA VAL A 54 56.34 20.26 -15.35
C VAL A 54 55.09 19.39 -15.15
N ASP A 55 54.96 18.33 -15.94
CA ASP A 55 53.83 17.37 -15.82
C ASP A 55 54.41 15.98 -15.56
N LEU A 56 54.45 15.58 -14.29
CA LEU A 56 54.96 14.24 -13.89
C LEU A 56 53.78 13.38 -13.45
N SER A 57 52.60 13.64 -14.00
CA SER A 57 51.34 12.92 -13.68
C SER A 57 51.49 11.44 -14.06
N SER A 58 50.95 10.54 -13.24
CA SER A 58 50.87 9.08 -13.53
C SER A 58 52.26 8.50 -13.82
N ALA A 59 53.28 8.92 -13.07
CA ALA A 59 54.68 8.46 -13.27
C ALA A 59 55.08 7.46 -12.19
N ASN A 60 54.18 7.14 -11.25
CA ASN A 60 54.44 6.23 -10.11
C ASN A 60 55.59 6.79 -9.25
N LEU A 61 55.72 8.11 -9.19
CA LEU A 61 56.73 8.79 -8.32
C LEU A 61 56.23 8.74 -6.87
N ALA A 62 57.15 8.59 -5.91
CA ALA A 62 56.83 8.49 -4.48
C ALA A 62 57.77 9.38 -3.67
N GLY A 63 57.34 9.79 -2.48
CA GLY A 63 58.16 10.61 -1.56
C GLY A 63 57.52 11.97 -1.34
N PRO A 64 58.18 12.85 -0.55
CA PRO A 64 57.60 14.15 -0.20
C PRO A 64 57.54 15.09 -1.40
N PHE A 65 56.70 16.12 -1.32
CA PHE A 65 56.62 17.16 -2.39
C PHE A 65 58.00 17.78 -2.56
N PRO A 66 58.51 17.88 -3.81
CA PRO A 66 59.85 18.44 -4.04
C PRO A 66 59.79 19.97 -4.06
N SER A 67 59.90 20.61 -2.90
CA SER A 67 59.76 22.09 -2.73
C SER A 67 60.85 22.83 -3.53
N VAL A 68 61.99 22.18 -3.81
CA VAL A 68 63.11 22.81 -4.58
C VAL A 68 62.62 23.16 -5.99
N ILE A 69 61.56 22.52 -6.50
CA ILE A 69 61.01 22.78 -7.86
C ILE A 69 60.57 24.25 -7.95
N CYS A 70 60.18 24.86 -6.82
CA CYS A 70 59.70 26.26 -6.77
C CYS A 70 60.84 27.24 -7.06
N ARG A 71 62.08 26.77 -7.07
CA ARG A 71 63.26 27.60 -7.44
C ARG A 71 63.26 27.86 -8.95
N LEU A 72 62.49 27.11 -9.74
CA LEU A 72 62.31 27.42 -11.19
C LEU A 72 61.57 28.75 -11.29
N SER A 73 62.23 29.79 -11.77
CA SER A 73 61.70 31.18 -11.77
C SER A 73 60.44 31.29 -12.64
N ASN A 74 60.37 30.59 -13.77
CA ASN A 74 59.28 30.79 -14.76
C ASN A 74 58.27 29.64 -14.70
N LEU A 75 58.31 28.77 -13.71
CA LEU A 75 57.37 27.62 -13.62
C LEU A 75 55.95 28.18 -13.46
N ALA A 76 55.06 27.91 -14.40
CA ALA A 76 53.67 28.43 -14.41
C ALA A 76 52.66 27.28 -14.26
N HIS A 77 53.04 26.06 -14.62
CA HIS A 77 52.14 24.89 -14.55
C HIS A 77 52.88 23.71 -13.89
N LEU A 78 52.31 23.15 -12.83
CA LEU A 78 52.89 21.96 -12.16
C LEU A 78 51.79 20.92 -11.96
N SER A 79 51.98 19.71 -12.46
CA SER A 79 51.06 18.58 -12.19
C SER A 79 51.82 17.37 -11.67
N LEU A 80 51.46 16.89 -10.48
CA LEU A 80 51.96 15.61 -9.92
C LEU A 80 50.76 14.69 -9.74
N TYR A 81 49.71 14.91 -10.55
CA TYR A 81 48.43 14.17 -10.47
C TYR A 81 48.70 12.66 -10.51
N ASN A 82 48.01 11.89 -9.68
CA ASN A 82 48.05 10.41 -9.72
C ASN A 82 49.48 9.93 -9.50
N ASN A 83 50.07 10.24 -8.35
CA ASN A 83 51.39 9.72 -7.93
C ASN A 83 51.27 9.25 -6.48
N SER A 84 52.38 8.89 -5.84
CA SER A 84 52.41 8.51 -4.40
C SER A 84 53.12 9.59 -3.60
N ILE A 85 52.97 10.85 -3.99
CA ILE A 85 53.56 12.00 -3.23
C ILE A 85 52.93 11.98 -1.84
N ASN A 86 53.73 12.02 -0.77
CA ASN A 86 53.20 11.81 0.60
C ASN A 86 53.71 12.91 1.53
N SER A 87 53.40 12.79 2.83
CA SER A 87 53.75 13.76 3.89
C SER A 87 52.94 15.05 3.68
N THR A 88 53.34 16.15 4.33
CA THR A 88 52.58 17.42 4.32
C THR A 88 52.97 18.25 3.10
N LEU A 89 52.08 19.12 2.62
CA LEU A 89 52.43 20.09 1.56
C LEU A 89 53.14 21.27 2.23
N PRO A 90 54.44 21.52 1.93
CA PRO A 90 55.20 22.54 2.66
C PRO A 90 54.67 23.97 2.49
N LEU A 91 54.80 24.81 3.53
CA LEU A 91 54.47 26.25 3.47
C LEU A 91 55.41 26.94 2.46
N ASN A 92 56.52 26.28 2.11
CA ASN A 92 57.52 26.78 1.14
C ASN A 92 56.92 26.83 -0.28
N ILE A 93 55.72 26.28 -0.48
CA ILE A 93 55.02 26.27 -1.81
C ILE A 93 54.84 27.71 -2.32
N ALA A 94 54.77 28.69 -1.42
CA ALA A 94 54.63 30.13 -1.79
C ALA A 94 55.83 30.58 -2.64
N ALA A 95 56.97 29.89 -2.55
CA ALA A 95 58.16 30.16 -3.40
C ALA A 95 57.83 29.97 -4.88
N CYS A 96 56.81 29.16 -5.19
CA CYS A 96 56.29 28.97 -6.57
C CYS A 96 55.41 30.18 -6.93
N LYS A 97 56.01 31.37 -7.00
CA LYS A 97 55.28 32.66 -7.13
C LYS A 97 54.74 32.87 -8.55
N SER A 98 55.22 32.13 -9.55
CA SER A 98 54.77 32.26 -10.97
C SER A 98 53.69 31.22 -11.30
N LEU A 99 53.36 30.33 -10.37
CA LEU A 99 52.43 29.21 -10.66
C LEU A 99 51.05 29.75 -11.00
N GLN A 100 50.50 29.35 -12.14
CA GLN A 100 49.10 29.65 -12.52
C GLN A 100 48.23 28.44 -12.25
N THR A 101 48.75 27.22 -12.48
CA THR A 101 47.98 25.97 -12.26
C THR A 101 48.80 25.02 -11.39
N LEU A 102 48.18 24.50 -10.34
CA LEU A 102 48.80 23.48 -9.46
C LEU A 102 47.84 22.29 -9.36
N ASP A 103 48.29 21.12 -9.81
CA ASP A 103 47.47 19.87 -9.69
C ASP A 103 48.27 18.84 -8.90
N LEU A 104 47.88 18.59 -7.65
CA LEU A 104 48.51 17.55 -6.80
C LEU A 104 47.45 16.50 -6.45
N SER A 105 46.43 16.37 -7.29
CA SER A 105 45.29 15.45 -7.04
C SER A 105 45.75 13.99 -7.11
N GLN A 106 45.02 13.09 -6.45
CA GLN A 106 45.28 11.63 -6.42
C GLN A 106 46.71 11.38 -5.91
N ASN A 107 47.04 11.92 -4.74
CA ASN A 107 48.34 11.66 -4.07
C ASN A 107 48.05 11.21 -2.63
N LEU A 108 49.08 11.12 -1.79
CA LEU A 108 48.94 10.67 -0.37
C LEU A 108 49.28 11.83 0.57
N LEU A 109 49.06 13.08 0.13
CA LEU A 109 49.40 14.27 0.94
C LEU A 109 48.55 14.29 2.20
N THR A 110 49.15 14.66 3.35
CA THR A 110 48.48 14.62 4.68
C THR A 110 48.67 15.95 5.39
N GLY A 111 47.95 16.16 6.49
CA GLY A 111 48.09 17.35 7.36
C GLY A 111 47.26 18.52 6.89
N GLU A 112 47.47 19.69 7.48
CA GLU A 112 46.68 20.91 7.21
C GLU A 112 47.10 21.50 5.85
N LEU A 113 46.14 22.10 5.14
CA LEU A 113 46.45 22.86 3.90
C LEU A 113 47.39 24.00 4.27
N PRO A 114 48.53 24.19 3.57
CA PRO A 114 49.39 25.34 3.85
C PRO A 114 48.68 26.65 3.52
N GLN A 115 48.64 27.59 4.47
CA GLN A 115 47.96 28.90 4.29
C GLN A 115 48.68 29.71 3.21
N THR A 116 49.97 29.42 2.96
CA THR A 116 50.82 30.15 2.00
C THR A 116 50.38 29.89 0.56
N LEU A 117 49.49 28.93 0.31
CA LEU A 117 48.93 28.69 -1.05
C LEU A 117 48.27 29.97 -1.56
N ALA A 118 47.63 30.73 -0.67
CA ALA A 118 46.94 32.00 -0.99
C ALA A 118 47.94 33.12 -1.28
N ASP A 119 49.23 32.91 -0.99
CA ASP A 119 50.30 33.93 -1.17
C ASP A 119 50.90 33.84 -2.57
N ILE A 120 50.34 32.99 -3.44
CA ILE A 120 50.71 32.91 -4.88
C ILE A 120 49.69 33.74 -5.65
N PRO A 121 50.03 34.99 -6.05
CA PRO A 121 49.07 35.89 -6.69
C PRO A 121 48.61 35.39 -8.07
N THR A 122 49.50 34.71 -8.80
CA THR A 122 49.27 34.22 -10.18
C THR A 122 48.35 32.98 -10.18
N LEU A 123 48.13 32.34 -9.03
CA LEU A 123 47.41 31.03 -8.98
C LEU A 123 45.98 31.21 -9.48
N VAL A 124 45.58 30.43 -10.48
CA VAL A 124 44.21 30.45 -11.07
C VAL A 124 43.52 29.10 -10.83
N HIS A 125 44.27 27.99 -10.91
N HIS A 125 44.27 27.99 -10.92
CA HIS A 125 43.76 26.60 -10.76
CA HIS A 125 43.76 26.60 -10.76
C HIS A 125 44.49 25.90 -9.60
C HIS A 125 44.49 25.90 -9.60
N LEU A 126 43.74 25.50 -8.57
CA LEU A 126 44.29 24.72 -7.41
C LEU A 126 43.48 23.43 -7.28
N ASP A 127 44.11 22.28 -7.55
CA ASP A 127 43.44 20.97 -7.47
C ASP A 127 44.19 20.08 -6.47
N LEU A 128 43.57 19.79 -5.32
CA LEU A 128 44.16 18.92 -4.26
C LEU A 128 43.21 17.74 -4.01
N THR A 129 42.40 17.39 -5.01
CA THR A 129 41.37 16.31 -4.92
C THR A 129 42.06 14.97 -4.59
N GLY A 130 41.40 14.08 -3.85
CA GLY A 130 41.90 12.72 -3.60
C GLY A 130 43.21 12.73 -2.82
N ASN A 131 43.27 13.50 -1.73
CA ASN A 131 44.42 13.52 -0.80
C ASN A 131 43.89 13.28 0.61
N ASN A 132 44.74 13.38 1.63
CA ASN A 132 44.35 13.14 3.04
C ASN A 132 44.48 14.43 3.84
N PHE A 133 44.29 15.59 3.21
CA PHE A 133 44.38 16.89 3.90
C PHE A 133 43.28 16.95 4.97
N SER A 134 43.61 17.42 6.17
CA SER A 134 42.65 17.47 7.30
C SER A 134 42.73 18.85 7.97
N GLY A 135 41.81 19.11 8.91
CA GLY A 135 41.78 20.37 9.66
C GLY A 135 40.99 21.45 8.94
N ASP A 136 41.10 22.69 9.42
CA ASP A 136 40.30 23.83 8.91
C ASP A 136 40.87 24.30 7.57
N ILE A 137 40.00 24.80 6.68
CA ILE A 137 40.45 25.56 5.48
C ILE A 137 41.02 26.88 5.99
N PRO A 138 42.28 27.25 5.63
CA PRO A 138 42.90 28.45 6.18
C PRO A 138 42.15 29.74 5.82
N ALA A 139 42.15 30.72 6.73
CA ALA A 139 41.50 32.04 6.55
C ALA A 139 42.14 32.77 5.35
N SER A 140 43.41 32.47 5.07
CA SER A 140 44.16 33.04 3.92
C SER A 140 43.42 32.75 2.60
N PHE A 141 42.68 31.64 2.52
CA PHE A 141 41.99 31.19 1.29
C PHE A 141 40.94 32.22 0.85
N GLY A 142 40.44 33.04 1.77
CA GLY A 142 39.52 34.16 1.45
C GLY A 142 40.21 35.25 0.65
N LYS A 143 41.55 35.33 0.69
CA LYS A 143 42.32 36.45 0.11
C LYS A 143 42.99 36.07 -1.21
N PHE A 144 42.63 34.93 -1.82
CA PHE A 144 43.17 34.54 -3.15
C PHE A 144 42.93 35.68 -4.15
N GLU A 145 43.98 36.14 -4.82
CA GLU A 145 43.96 37.30 -5.74
C GLU A 145 43.26 36.94 -7.06
N ASN A 146 43.59 35.80 -7.67
CA ASN A 146 43.13 35.48 -9.05
C ASN A 146 42.57 34.05 -9.16
N LEU A 147 42.32 33.35 -8.06
CA LEU A 147 41.91 31.92 -8.13
C LEU A 147 40.55 31.81 -8.83
N GLU A 148 40.45 30.92 -9.83
CA GLU A 148 39.19 30.65 -10.55
C GLU A 148 38.67 29.25 -10.21
N VAL A 149 39.57 28.32 -9.89
CA VAL A 149 39.16 26.92 -9.54
C VAL A 149 39.80 26.53 -8.20
N LEU A 150 38.96 26.20 -7.21
CA LEU A 150 39.41 25.62 -5.92
C LEU A 150 38.82 24.23 -5.80
N SER A 151 39.64 23.18 -5.83
CA SER A 151 39.16 21.78 -5.69
C SER A 151 39.84 21.11 -4.50
N LEU A 152 39.06 20.82 -3.45
CA LEU A 152 39.54 20.11 -2.24
C LEU A 152 38.74 18.82 -2.10
N VAL A 153 38.20 18.30 -3.21
CA VAL A 153 37.26 17.15 -3.24
C VAL A 153 37.97 15.91 -2.65
N TYR A 154 37.21 15.05 -1.96
CA TYR A 154 37.69 13.74 -1.46
C TYR A 154 38.97 13.93 -0.63
N ASN A 155 38.90 14.75 0.41
CA ASN A 155 40.00 14.90 1.41
C ASN A 155 39.43 14.52 2.78
N LEU A 156 40.16 14.81 3.86
CA LEU A 156 39.69 14.52 5.25
C LEU A 156 39.40 15.84 5.98
N LEU A 157 39.04 16.90 5.26
CA LEU A 157 38.81 18.23 5.90
C LEU A 157 37.64 18.08 6.88
N ASP A 158 37.84 18.47 8.14
CA ASP A 158 36.85 18.21 9.21
C ASP A 158 36.43 19.51 9.91
N GLY A 159 36.77 20.67 9.33
CA GLY A 159 36.34 21.99 9.84
C GLY A 159 34.97 22.35 9.31
N THR A 160 34.45 23.53 9.68
CA THR A 160 33.19 24.07 9.11
C THR A 160 33.49 24.62 7.72
N ILE A 161 32.48 24.68 6.85
CA ILE A 161 32.62 25.34 5.52
C ILE A 161 32.70 26.84 5.77
N PRO A 162 33.80 27.52 5.39
CA PRO A 162 34.01 28.93 5.73
C PRO A 162 33.30 29.94 4.83
N PRO A 163 32.62 30.96 5.42
CA PRO A 163 31.99 32.03 4.65
C PRO A 163 32.99 32.85 3.82
N PHE A 164 34.25 32.94 4.25
CA PHE A 164 35.29 33.78 3.58
C PHE A 164 35.59 33.24 2.17
N LEU A 165 35.21 32.00 1.85
CA LEU A 165 35.37 31.47 0.47
C LEU A 165 34.50 32.28 -0.49
N GLY A 166 33.40 32.88 0.00
CA GLY A 166 32.53 33.77 -0.79
C GLY A 166 33.22 35.07 -1.16
N ASN A 167 34.39 35.36 -0.57
CA ASN A 167 35.13 36.62 -0.78
C ASN A 167 36.08 36.49 -1.98
N ILE A 168 36.20 35.31 -2.58
CA ILE A 168 37.06 35.10 -3.78
C ILE A 168 36.24 35.51 -5.02
N SER A 169 36.30 36.79 -5.41
CA SER A 169 35.47 37.37 -6.49
C SER A 169 35.71 36.65 -7.82
N THR A 170 36.94 36.23 -8.08
CA THR A 170 37.37 35.61 -9.37
C THR A 170 36.91 34.14 -9.45
N LEU A 171 36.43 33.54 -8.37
CA LEU A 171 36.16 32.07 -8.34
C LEU A 171 35.11 31.70 -9.38
N LYS A 172 35.37 30.68 -10.20
CA LYS A 172 34.42 30.13 -11.20
C LYS A 172 33.97 28.73 -10.77
N MET A 173 34.81 27.98 -10.06
CA MET A 173 34.43 26.62 -9.58
C MET A 173 34.79 26.47 -8.10
N LEU A 174 33.80 26.13 -7.27
CA LEU A 174 34.02 25.80 -5.84
C LEU A 174 33.73 24.32 -5.66
N ASN A 175 34.77 23.49 -5.54
CA ASN A 175 34.62 22.01 -5.45
C ASN A 175 35.12 21.53 -4.10
N LEU A 176 34.22 21.31 -3.14
CA LEU A 176 34.56 20.85 -1.77
C LEU A 176 33.87 19.52 -1.44
N SER A 177 33.29 18.85 -2.44
N SER A 177 33.29 18.85 -2.44
CA SER A 177 32.49 17.60 -2.29
CA SER A 177 32.48 17.60 -2.28
C SER A 177 33.31 16.49 -1.61
C SER A 177 33.31 16.49 -1.61
N TYR A 178 32.62 15.57 -0.92
CA TYR A 178 33.21 14.35 -0.31
C TYR A 178 34.27 14.70 0.73
N ASN A 179 33.92 15.55 1.70
CA ASN A 179 34.79 15.86 2.86
C ASN A 179 33.98 15.66 4.14
N PRO A 180 34.59 15.10 5.22
CA PRO A 180 33.88 14.95 6.49
C PRO A 180 33.87 16.27 7.27
N PHE A 181 33.31 17.33 6.68
CA PHE A 181 33.26 18.68 7.30
C PHE A 181 32.39 18.61 8.56
N SER A 182 32.70 19.42 9.56
CA SER A 182 31.80 19.62 10.73
C SER A 182 30.49 20.13 10.15
N PRO A 183 29.32 19.68 10.65
CA PRO A 183 28.04 20.11 10.07
C PRO A 183 28.01 21.63 9.92
N SER A 184 27.74 22.14 8.71
CA SER A 184 27.82 23.57 8.38
C SER A 184 26.65 23.99 7.48
N ARG A 185 26.15 25.22 7.68
CA ARG A 185 25.16 25.82 6.75
C ARG A 185 25.92 26.31 5.51
N ILE A 186 25.25 26.41 4.37
CA ILE A 186 25.84 27.08 3.17
C ILE A 186 25.90 28.55 3.51
N PRO A 187 27.10 29.19 3.55
CA PRO A 187 27.17 30.61 3.85
C PRO A 187 26.38 31.40 2.81
N PRO A 188 25.49 32.32 3.22
CA PRO A 188 24.78 33.19 2.28
C PRO A 188 25.75 34.04 1.46
N GLU A 189 26.94 34.28 2.00
CA GLU A 189 28.02 35.04 1.33
C GLU A 189 28.43 34.37 0.02
N PHE A 190 28.18 33.05 -0.12
CA PHE A 190 28.47 32.28 -1.35
C PHE A 190 27.68 32.85 -2.53
N GLY A 191 26.52 33.47 -2.25
CA GLY A 191 25.71 34.15 -3.28
C GLY A 191 26.44 35.31 -3.91
N ASN A 192 27.49 35.82 -3.27
CA ASN A 192 28.26 36.98 -3.76
C ASN A 192 29.41 36.52 -4.67
N LEU A 193 29.51 35.22 -4.94
CA LEU A 193 30.48 34.70 -5.95
C LEU A 193 29.85 34.89 -7.33
N THR A 194 29.90 36.11 -7.87
CA THR A 194 29.17 36.51 -9.11
C THR A 194 29.65 35.68 -10.31
N ASN A 195 30.93 35.33 -10.38
CA ASN A 195 31.53 34.63 -11.55
C ASN A 195 31.39 33.11 -11.40
N LEU A 196 30.82 32.62 -10.30
CA LEU A 196 30.78 31.15 -10.03
C LEU A 196 29.98 30.44 -11.13
N GLU A 197 30.53 29.35 -11.67
CA GLU A 197 29.86 28.51 -12.70
C GLU A 197 29.55 27.13 -12.12
N VAL A 198 30.34 26.67 -11.13
CA VAL A 198 30.13 25.34 -10.50
C VAL A 198 30.15 25.48 -8.97
N MET A 199 29.09 25.04 -8.31
CA MET A 199 29.08 24.89 -6.84
C MET A 199 28.89 23.41 -6.52
N TRP A 200 29.97 22.71 -6.21
CA TRP A 200 29.93 21.24 -5.98
C TRP A 200 30.15 20.96 -4.50
N LEU A 201 29.06 20.76 -3.75
CA LEU A 201 29.11 20.56 -2.28
C LEU A 201 28.43 19.24 -1.89
N THR A 202 28.52 18.22 -2.75
CA THR A 202 27.93 16.88 -2.49
C THR A 202 28.63 16.26 -1.28
N GLU A 203 27.88 15.64 -0.36
CA GLU A 203 28.44 14.90 0.80
C GLU A 203 29.40 15.82 1.57
N CYS A 204 28.95 17.02 1.93
CA CYS A 204 29.75 18.01 2.72
C CYS A 204 29.16 18.22 4.11
N HIS A 205 28.23 17.36 4.54
CA HIS A 205 27.54 17.45 5.85
C HIS A 205 26.84 18.81 5.98
N LEU A 206 26.26 19.31 4.89
CA LEU A 206 25.52 20.61 4.91
C LEU A 206 24.26 20.45 5.75
N VAL A 207 23.92 21.47 6.54
CA VAL A 207 22.71 21.52 7.39
C VAL A 207 22.00 22.84 7.14
N GLY A 208 20.77 23.00 7.64
CA GLY A 208 20.01 24.25 7.50
C GLY A 208 19.38 24.36 6.13
N GLN A 209 19.03 25.57 5.70
CA GLN A 209 18.25 25.79 4.46
C GLN A 209 19.16 26.33 3.35
N ILE A 210 18.78 26.09 2.09
CA ILE A 210 19.48 26.68 0.92
C ILE A 210 19.25 28.19 0.98
N PRO A 211 20.31 29.03 0.99
CA PRO A 211 20.14 30.48 1.06
C PRO A 211 19.48 31.06 -0.19
N ASP A 212 18.60 32.05 -0.02
CA ASP A 212 17.95 32.76 -1.15
C ASP A 212 19.02 33.45 -2.00
N SER A 213 20.16 33.81 -1.39
CA SER A 213 21.29 34.52 -2.05
C SER A 213 21.82 33.72 -3.23
N LEU A 214 21.70 32.39 -3.20
CA LEU A 214 22.23 31.52 -4.28
C LEU A 214 21.56 31.87 -5.61
N GLY A 215 20.36 32.44 -5.58
CA GLY A 215 19.63 32.92 -6.78
C GLY A 215 20.39 34.02 -7.52
N GLN A 216 21.28 34.74 -6.83
CA GLN A 216 22.08 35.84 -7.42
C GLN A 216 23.15 35.29 -8.38
N LEU A 217 23.41 33.98 -8.37
CA LEU A 217 24.51 33.39 -9.19
C LEU A 217 24.03 33.21 -10.63
N SER A 218 24.00 34.30 -11.39
CA SER A 218 23.49 34.35 -12.79
C SER A 218 24.34 33.48 -13.73
N LYS A 219 25.64 33.31 -13.44
CA LYS A 219 26.57 32.57 -14.34
C LYS A 219 26.67 31.09 -13.92
N LEU A 220 25.99 30.67 -12.85
CA LEU A 220 26.11 29.28 -12.35
C LEU A 220 25.60 28.31 -13.43
N VAL A 221 26.36 27.26 -13.73
CA VAL A 221 25.98 26.20 -14.71
C VAL A 221 25.58 24.95 -13.92
N ASP A 222 26.26 24.66 -12.81
CA ASP A 222 25.99 23.45 -12.00
C ASP A 222 25.79 23.84 -10.53
N LEU A 223 24.64 23.50 -9.96
CA LEU A 223 24.39 23.63 -8.51
C LEU A 223 24.24 22.22 -7.94
N ASP A 224 25.21 21.77 -7.14
CA ASP A 224 25.16 20.39 -6.58
C ASP A 224 25.27 20.47 -5.06
N LEU A 225 24.16 20.23 -4.37
CA LEU A 225 24.08 20.24 -2.88
C LEU A 225 23.56 18.87 -2.41
N ALA A 226 23.78 17.82 -3.22
CA ALA A 226 23.21 16.48 -2.97
C ALA A 226 23.90 15.79 -1.80
N LEU A 227 23.25 14.76 -1.24
CA LEU A 227 23.81 13.89 -0.17
C LEU A 227 24.20 14.74 1.04
N ASN A 228 23.29 15.61 1.50
CA ASN A 228 23.48 16.45 2.72
C ASN A 228 22.22 16.34 3.59
N ASP A 229 22.11 17.14 4.65
N ASP A 229 22.11 17.14 4.65
CA ASP A 229 20.93 17.15 5.54
CA ASP A 229 20.92 17.15 5.54
C ASP A 229 20.21 18.49 5.41
C ASP A 229 20.21 18.49 5.41
N LEU A 230 20.18 19.06 4.20
CA LEU A 230 19.52 20.37 3.95
C LEU A 230 18.01 20.23 4.23
N VAL A 231 17.42 21.24 4.87
CA VAL A 231 15.98 21.25 5.24
C VAL A 231 15.36 22.51 4.65
N GLY A 232 14.04 22.67 4.77
CA GLY A 232 13.32 23.83 4.23
C GLY A 232 12.93 23.61 2.79
N HIS A 233 12.54 24.67 2.08
CA HIS A 233 12.00 24.59 0.70
C HIS A 233 13.10 24.92 -0.30
N ILE A 234 12.97 24.42 -1.53
CA ILE A 234 13.82 24.89 -2.67
C ILE A 234 13.44 26.35 -2.88
N PRO A 235 14.39 27.31 -2.79
CA PRO A 235 14.03 28.73 -2.89
C PRO A 235 13.46 29.10 -4.25
N PRO A 236 12.34 29.85 -4.33
CA PRO A 236 11.85 30.39 -5.59
C PRO A 236 12.89 31.31 -6.26
N SER A 237 13.80 31.88 -5.47
CA SER A 237 14.89 32.75 -5.95
C SER A 237 15.80 31.99 -6.93
N LEU A 238 15.80 30.66 -6.88
CA LEU A 238 16.64 29.82 -7.79
C LEU A 238 16.21 30.03 -9.24
N GLY A 239 15.03 30.62 -9.48
CA GLY A 239 14.59 31.04 -10.82
C GLY A 239 15.52 32.09 -11.41
N GLY A 240 16.33 32.75 -10.58
CA GLY A 240 17.31 33.76 -11.00
C GLY A 240 18.59 33.14 -11.55
N LEU A 241 18.72 31.82 -11.52
CA LEU A 241 19.91 31.10 -12.07
C LEU A 241 19.78 31.02 -13.59
N THR A 242 20.07 32.12 -14.29
CA THR A 242 19.82 32.26 -15.75
C THR A 242 20.57 31.19 -16.55
N ASN A 243 21.83 30.90 -16.22
CA ASN A 243 22.69 30.01 -17.05
C ASN A 243 22.71 28.58 -16.52
N VAL A 244 21.92 28.25 -15.47
CA VAL A 244 22.02 26.91 -14.82
C VAL A 244 21.60 25.83 -15.83
N VAL A 245 22.36 24.73 -15.89
CA VAL A 245 22.05 23.56 -16.76
C VAL A 245 21.76 22.34 -15.87
N GLN A 246 22.42 22.27 -14.71
CA GLN A 246 22.33 21.08 -13.82
C GLN A 246 22.00 21.51 -12.39
N ILE A 247 20.95 20.96 -11.80
CA ILE A 247 20.63 21.18 -10.36
C ILE A 247 20.54 19.81 -9.70
N GLU A 248 21.40 19.54 -8.71
CA GLU A 248 21.38 18.27 -7.95
C GLU A 248 21.09 18.59 -6.48
N LEU A 249 19.90 18.23 -6.00
CA LEU A 249 19.49 18.45 -4.60
C LEU A 249 19.08 17.11 -3.98
N TYR A 250 19.45 15.99 -4.60
CA TYR A 250 18.97 14.65 -4.20
C TYR A 250 19.55 14.26 -2.84
N ASN A 251 18.83 13.38 -2.14
CA ASN A 251 19.23 12.82 -0.81
C ASN A 251 19.46 13.98 0.17
N ASN A 252 18.43 14.80 0.39
CA ASN A 252 18.41 15.84 1.44
C ASN A 252 17.12 15.64 2.23
N SER A 253 16.75 16.56 3.12
CA SER A 253 15.46 16.52 3.86
C SER A 253 14.59 17.70 3.44
N LEU A 254 14.67 18.12 2.17
CA LEU A 254 13.93 19.30 1.66
C LEU A 254 12.42 19.02 1.68
N THR A 255 11.64 20.03 2.03
CA THR A 255 10.15 19.95 2.09
C THR A 255 9.57 21.03 1.18
N GLY A 256 8.24 21.12 1.12
CA GLY A 256 7.54 22.14 0.32
C GLY A 256 7.40 21.71 -1.12
N GLU A 257 6.97 22.64 -1.98
N GLU A 257 6.97 22.64 -1.98
CA GLU A 257 6.64 22.35 -3.40
CA GLU A 257 6.64 22.36 -3.41
C GLU A 257 7.82 22.76 -4.29
C GLU A 257 7.81 22.77 -4.30
N ILE A 258 7.95 22.10 -5.45
CA ILE A 258 8.95 22.49 -6.50
C ILE A 258 8.50 23.84 -7.03
N PRO A 259 9.36 24.90 -7.00
CA PRO A 259 8.94 26.22 -7.45
C PRO A 259 8.61 26.27 -8.93
N PRO A 260 7.50 26.91 -9.34
CA PRO A 260 7.18 27.13 -10.75
C PRO A 260 8.25 28.00 -11.41
N GLU A 261 8.97 28.80 -10.61
CA GLU A 261 10.05 29.71 -11.10
C GLU A 261 11.17 28.90 -11.76
N LEU A 262 11.29 27.61 -11.47
CA LEU A 262 12.29 26.73 -12.14
C LEU A 262 12.00 26.71 -13.65
N GLY A 263 10.76 26.98 -14.06
CA GLY A 263 10.38 27.10 -15.49
C GLY A 263 11.09 28.25 -16.18
N ASN A 264 11.53 29.26 -15.42
CA ASN A 264 12.25 30.45 -15.95
C ASN A 264 13.68 30.05 -16.36
N LEU A 265 14.15 28.88 -15.95
CA LEU A 265 15.54 28.41 -16.24
C LEU A 265 15.57 27.78 -17.63
N LYS A 266 15.83 28.60 -18.66
CA LYS A 266 15.78 28.17 -20.08
C LYS A 266 16.87 27.12 -20.37
N SER A 267 18.05 27.24 -19.76
CA SER A 267 19.20 26.34 -20.06
C SER A 267 19.17 25.08 -19.19
N LEU A 268 18.24 24.97 -18.25
CA LEU A 268 18.18 23.80 -17.34
C LEU A 268 17.90 22.53 -18.15
N ARG A 269 18.73 21.50 -17.99
CA ARG A 269 18.57 20.21 -18.71
C ARG A 269 18.51 19.06 -17.70
N LEU A 270 19.24 19.15 -16.59
CA LEU A 270 19.31 18.05 -15.60
C LEU A 270 18.78 18.54 -14.25
N LEU A 271 17.70 17.95 -13.76
CA LEU A 271 17.19 18.27 -12.40
C LEU A 271 17.03 16.96 -11.63
N ASP A 272 17.71 16.85 -10.49
CA ASP A 272 17.55 15.68 -9.59
C ASP A 272 17.30 16.18 -8.17
N ALA A 273 16.05 16.14 -7.72
CA ALA A 273 15.66 16.49 -6.33
C ALA A 273 15.05 15.25 -5.68
N SER A 274 15.52 14.06 -6.09
CA SER A 274 14.98 12.76 -5.61
C SER A 274 15.39 12.54 -4.15
N MET A 275 14.72 11.60 -3.46
CA MET A 275 15.03 11.24 -2.05
C MET A 275 14.95 12.50 -1.17
N ASN A 276 13.84 13.24 -1.27
CA ASN A 276 13.53 14.38 -0.39
C ASN A 276 12.12 14.17 0.18
N GLN A 277 11.55 15.18 0.83
CA GLN A 277 10.16 15.12 1.37
C GLN A 277 9.31 16.14 0.61
N LEU A 278 9.58 16.37 -0.67
CA LEU A 278 8.87 17.39 -1.47
C LEU A 278 7.40 16.98 -1.60
N THR A 279 6.49 17.97 -1.54
CA THR A 279 5.03 17.74 -1.62
C THR A 279 4.46 18.62 -2.73
N GLY A 280 3.18 18.42 -3.07
CA GLY A 280 2.49 19.21 -4.10
C GLY A 280 2.70 18.60 -5.47
N LYS A 281 2.46 19.38 -6.52
CA LYS A 281 2.43 18.87 -7.92
C LYS A 281 3.71 19.30 -8.63
N ILE A 282 4.10 18.54 -9.66
CA ILE A 282 5.23 18.92 -10.55
C ILE A 282 4.73 20.07 -11.43
N PRO A 283 5.35 21.28 -11.37
CA PRO A 283 4.84 22.43 -12.12
C PRO A 283 4.92 22.24 -13.64
N ASP A 284 3.87 22.68 -14.34
CA ASP A 284 3.81 22.63 -15.83
C ASP A 284 4.97 23.46 -16.40
N GLU A 285 5.28 24.59 -15.78
CA GLU A 285 6.33 25.53 -16.26
C GLU A 285 7.68 24.80 -16.34
N LEU A 286 8.02 24.03 -15.31
CA LEU A 286 9.28 23.23 -15.28
C LEU A 286 9.26 22.23 -16.43
N CYS A 287 8.13 21.55 -16.62
CA CYS A 287 7.99 20.49 -17.66
C CYS A 287 8.04 21.11 -19.07
N ARG A 288 7.67 22.38 -19.22
CA ARG A 288 7.75 23.10 -20.54
C ARG A 288 9.21 23.25 -20.95
N VAL A 289 10.14 23.36 -20.00
CA VAL A 289 11.60 23.45 -20.28
C VAL A 289 12.01 22.15 -20.99
N PRO A 290 12.86 22.21 -22.04
CA PRO A 290 13.27 21.01 -22.77
C PRO A 290 14.34 20.21 -22.00
N LEU A 291 13.93 19.55 -20.92
CA LEU A 291 14.85 18.84 -19.99
C LEU A 291 15.43 17.59 -20.64
N GLU A 292 16.63 17.19 -20.23
CA GLU A 292 17.26 15.91 -20.66
C GLU A 292 16.93 14.83 -19.63
N SER A 293 16.97 15.19 -18.34
CA SER A 293 16.70 14.23 -17.24
C SER A 293 15.86 14.89 -16.15
N LEU A 294 14.75 14.26 -15.76
CA LEU A 294 13.93 14.73 -14.61
C LEU A 294 13.86 13.61 -13.59
N ASN A 295 14.55 13.75 -12.46
CA ASN A 295 14.54 12.75 -11.37
C ASN A 295 13.91 13.37 -10.12
N LEU A 296 12.71 12.92 -9.76
CA LEU A 296 11.98 13.40 -8.56
C LEU A 296 11.51 12.21 -7.74
N TYR A 297 12.18 11.06 -7.85
CA TYR A 297 11.74 9.80 -7.20
C TYR A 297 11.90 9.90 -5.69
N GLU A 298 11.15 9.06 -4.96
CA GLU A 298 11.17 8.97 -3.48
C GLU A 298 10.92 10.35 -2.87
N ASN A 299 9.82 11.00 -3.27
CA ASN A 299 9.32 12.25 -2.65
C ASN A 299 7.88 11.97 -2.17
N ASN A 300 7.13 13.00 -1.78
CA ASN A 300 5.69 12.83 -1.43
C ASN A 300 4.84 13.62 -2.44
N LEU A 301 5.26 13.65 -3.70
CA LEU A 301 4.59 14.44 -4.75
C LEU A 301 3.24 13.81 -5.11
N GLU A 302 2.31 14.62 -5.60
CA GLU A 302 0.95 14.16 -5.99
C GLU A 302 0.51 14.94 -7.23
N GLY A 303 -0.67 14.62 -7.75
CA GLY A 303 -1.22 15.28 -8.94
C GLY A 303 -0.74 14.61 -10.20
N GLU A 304 -1.01 15.21 -11.36
CA GLU A 304 -0.72 14.59 -12.68
C GLU A 304 0.67 15.02 -13.15
N LEU A 305 1.31 14.20 -13.96
CA LEU A 305 2.56 14.57 -14.67
C LEU A 305 2.16 15.43 -15.86
N PRO A 306 2.62 16.71 -15.95
CA PRO A 306 2.23 17.58 -17.06
C PRO A 306 2.63 16.98 -18.42
N ALA A 307 1.73 17.07 -19.41
CA ALA A 307 1.94 16.52 -20.78
C ALA A 307 3.09 17.27 -21.46
N SER A 308 3.41 18.48 -21.00
CA SER A 308 4.47 19.35 -21.58
C SER A 308 5.83 18.63 -21.55
N ILE A 309 6.04 17.70 -20.62
CA ILE A 309 7.34 16.97 -20.50
C ILE A 309 7.60 16.19 -21.80
N ALA A 310 6.55 15.67 -22.45
CA ALA A 310 6.65 14.92 -23.71
C ALA A 310 7.15 15.82 -24.86
N LEU A 311 6.99 17.14 -24.73
CA LEU A 311 7.41 18.11 -25.78
C LEU A 311 8.94 18.17 -25.89
N SER A 312 9.69 17.89 -24.80
CA SER A 312 11.16 18.04 -24.81
C SER A 312 11.78 17.15 -25.90
N PRO A 313 12.64 17.71 -26.79
CA PRO A 313 13.37 16.91 -27.77
C PRO A 313 14.65 16.30 -27.20
N ASN A 314 15.02 16.64 -25.98
CA ASN A 314 16.30 16.21 -25.35
C ASN A 314 16.06 15.17 -24.25
N LEU A 315 14.80 14.83 -23.94
CA LEU A 315 14.48 13.99 -22.75
C LEU A 315 14.93 12.54 -22.98
N TYR A 316 15.85 12.04 -22.15
CA TYR A 316 16.26 10.62 -22.20
C TYR A 316 15.96 9.92 -20.87
N GLU A 317 15.70 10.65 -19.79
CA GLU A 317 15.52 10.03 -18.46
C GLU A 317 14.38 10.68 -17.69
N ILE A 318 13.43 9.88 -17.21
CA ILE A 318 12.39 10.32 -16.24
C ILE A 318 12.31 9.25 -15.15
N ARG A 319 12.71 9.59 -13.92
N ARG A 319 12.71 9.59 -13.92
CA ARG A 319 12.64 8.69 -12.75
CA ARG A 319 12.63 8.68 -12.74
C ARG A 319 11.84 9.40 -11.65
C ARG A 319 11.84 9.40 -11.65
N ILE A 320 10.54 9.12 -11.55
CA ILE A 320 9.61 9.80 -10.59
C ILE A 320 8.93 8.74 -9.72
N PHE A 321 9.57 7.59 -9.54
CA PHE A 321 9.00 6.44 -8.78
C PHE A 321 8.91 6.81 -7.30
N GLY A 322 8.09 6.07 -6.55
CA GLY A 322 7.88 6.31 -5.11
C GLY A 322 7.26 7.67 -4.84
N ASN A 323 6.16 8.00 -5.53
CA ASN A 323 5.36 9.22 -5.27
C ASN A 323 3.88 8.81 -5.23
N ARG A 324 2.96 9.77 -5.20
CA ARG A 324 1.51 9.50 -5.24
C ARG A 324 0.91 10.15 -6.49
N LEU A 325 1.67 10.16 -7.60
CA LEU A 325 1.24 10.82 -8.86
C LEU A 325 0.04 10.07 -9.45
N THR A 326 -0.92 10.80 -10.03
CA THR A 326 -2.18 10.23 -10.55
C THR A 326 -2.37 10.60 -12.02
N GLY A 327 -3.40 10.03 -12.64
CA GLY A 327 -3.72 10.28 -14.06
C GLY A 327 -2.92 9.39 -14.97
N GLY A 328 -2.87 9.70 -16.27
CA GLY A 328 -2.18 8.90 -17.28
C GLY A 328 -0.83 9.51 -17.64
N LEU A 329 0.06 8.71 -18.21
CA LEU A 329 1.33 9.21 -18.79
C LEU A 329 1.00 10.04 -20.03
N PRO A 330 1.85 11.02 -20.42
CA PRO A 330 1.56 11.83 -21.60
C PRO A 330 1.40 10.94 -22.84
N LYS A 331 0.39 11.21 -23.65
CA LYS A 331 0.06 10.41 -24.86
C LYS A 331 1.28 10.38 -25.80
N ASP A 332 2.00 11.50 -25.92
CA ASP A 332 3.12 11.66 -26.89
C ASP A 332 4.46 11.34 -26.23
N LEU A 333 4.49 10.77 -25.03
CA LEU A 333 5.78 10.49 -24.34
C LEU A 333 6.61 9.54 -25.20
N GLY A 334 7.85 9.93 -25.52
CA GLY A 334 8.79 9.12 -26.34
C GLY A 334 8.73 9.45 -27.81
N LEU A 335 7.67 10.11 -28.26
CA LEU A 335 7.48 10.47 -29.70
C LEU A 335 8.53 11.48 -30.14
N ASN A 336 8.82 12.49 -29.31
CA ASN A 336 9.69 13.64 -29.70
C ASN A 336 11.05 13.58 -29.01
N SER A 337 11.32 12.53 -28.21
CA SER A 337 12.55 12.49 -27.35
C SER A 337 13.25 11.14 -27.47
N PRO A 338 14.59 11.10 -27.34
CA PRO A 338 15.34 9.84 -27.31
C PRO A 338 15.25 9.20 -25.91
N LEU A 339 14.04 8.81 -25.50
CA LEU A 339 13.79 8.28 -24.14
C LEU A 339 14.58 6.97 -23.98
N ARG A 340 15.40 6.87 -22.92
N ARG A 340 15.40 6.88 -22.92
CA ARG A 340 16.24 5.69 -22.62
CA ARG A 340 16.24 5.68 -22.62
C ARG A 340 15.77 5.04 -21.32
C ARG A 340 15.77 5.04 -21.32
N TRP A 341 15.56 5.83 -20.26
CA TRP A 341 15.18 5.31 -18.93
C TRP A 341 13.86 5.93 -18.48
N LEU A 342 12.83 5.10 -18.30
CA LEU A 342 11.53 5.55 -17.75
C LEU A 342 11.24 4.75 -16.48
N ASP A 343 11.14 5.43 -15.33
CA ASP A 343 10.74 4.75 -14.07
C ASP A 343 9.62 5.58 -13.42
N VAL A 344 8.38 5.09 -13.48
CA VAL A 344 7.21 5.73 -12.84
C VAL A 344 6.62 4.76 -11.82
N SER A 345 7.42 3.81 -11.34
CA SER A 345 6.97 2.73 -10.42
C SER A 345 6.46 3.32 -9.09
N GLU A 346 5.66 2.55 -8.36
CA GLU A 346 5.13 2.95 -7.02
C GLU A 346 4.48 4.33 -7.13
N ASN A 347 3.51 4.47 -8.01
CA ASN A 347 2.68 5.70 -8.15
C ASN A 347 1.21 5.27 -8.25
N GLU A 348 0.31 6.20 -8.59
CA GLU A 348 -1.13 5.89 -8.78
C GLU A 348 -1.53 6.15 -10.23
N PHE A 349 -0.60 5.95 -11.17
CA PHE A 349 -0.85 6.19 -12.61
C PHE A 349 -1.87 5.17 -13.13
N SER A 350 -2.71 5.58 -14.08
CA SER A 350 -3.78 4.73 -14.66
C SER A 350 -3.83 4.92 -16.18
N GLY A 351 -4.65 4.11 -16.86
CA GLY A 351 -4.88 4.22 -18.31
C GLY A 351 -3.87 3.39 -19.11
N ASP A 352 -3.96 3.46 -20.44
CA ASP A 352 -3.07 2.71 -21.35
C ASP A 352 -1.67 3.30 -21.31
N LEU A 353 -0.64 2.49 -21.57
CA LEU A 353 0.73 2.99 -21.77
C LEU A 353 0.74 3.85 -23.04
N PRO A 354 1.57 4.91 -23.13
CA PRO A 354 1.70 5.69 -24.35
C PRO A 354 2.10 4.79 -25.54
N ALA A 355 1.52 5.03 -26.72
CA ALA A 355 1.68 4.17 -27.91
C ALA A 355 3.12 4.17 -28.44
N ASP A 356 3.88 5.26 -28.28
CA ASP A 356 5.21 5.39 -28.95
C ASP A 356 6.29 5.79 -27.95
N LEU A 357 6.47 5.01 -26.88
CA LEU A 357 7.55 5.24 -25.88
C LEU A 357 8.92 5.04 -26.53
N CYS A 358 9.04 4.08 -27.46
CA CYS A 358 10.32 3.67 -28.09
C CYS A 358 10.40 4.18 -29.54
N ALA A 359 9.74 5.29 -29.86
CA ALA A 359 9.70 5.84 -31.23
C ALA A 359 11.12 6.11 -31.74
N LYS A 360 12.01 6.63 -30.88
CA LYS A 360 13.39 6.99 -31.28
C LYS A 360 14.33 5.78 -31.17
N GLY A 361 13.82 4.63 -30.69
CA GLY A 361 14.55 3.35 -30.69
C GLY A 361 15.66 3.29 -29.67
N GLU A 362 15.58 4.08 -28.60
CA GLU A 362 16.66 4.14 -27.56
C GLU A 362 16.17 3.66 -26.19
N LEU A 363 14.90 3.27 -26.05
CA LEU A 363 14.35 2.91 -24.71
C LEU A 363 15.01 1.63 -24.21
N GLU A 364 15.68 1.69 -23.05
CA GLU A 364 16.40 0.54 -22.45
C GLU A 364 15.65 0.03 -21.22
N GLU A 365 15.14 0.93 -20.39
CA GLU A 365 14.49 0.54 -19.11
C GLU A 365 13.04 1.03 -19.09
N LEU A 366 12.09 0.11 -19.01
CA LEU A 366 10.65 0.42 -18.85
C LEU A 366 10.21 -0.13 -17.49
N LEU A 367 10.19 0.72 -16.46
CA LEU A 367 9.90 0.29 -15.07
C LEU A 367 8.64 1.02 -14.60
N ILE A 368 7.52 0.31 -14.47
CA ILE A 368 6.20 0.95 -14.14
C ILE A 368 5.47 0.13 -13.07
N ILE A 369 6.19 -0.62 -12.23
CA ILE A 369 5.53 -1.58 -11.28
C ILE A 369 4.74 -0.81 -10.24
N HIS A 370 3.76 -1.46 -9.61
CA HIS A 370 2.92 -0.90 -8.53
C HIS A 370 2.21 0.37 -9.03
N ASN A 371 1.46 0.24 -10.13
CA ASN A 371 0.59 1.31 -10.67
C ASN A 371 -0.75 0.66 -11.03
N SER A 372 -1.66 1.41 -11.65
CA SER A 372 -2.97 0.88 -12.11
C SER A 372 -3.06 0.96 -13.64
N PHE A 373 -1.93 0.82 -14.34
CA PHE A 373 -1.90 0.87 -15.83
C PHE A 373 -2.76 -0.27 -16.37
N SER A 374 -3.49 -0.01 -17.45
CA SER A 374 -4.46 -0.99 -18.02
C SER A 374 -4.27 -1.12 -19.53
N GLY A 375 -5.03 -2.01 -20.15
CA GLY A 375 -5.00 -2.22 -21.61
C GLY A 375 -3.92 -3.21 -22.00
N VAL A 376 -3.66 -3.34 -23.30
CA VAL A 376 -2.66 -4.31 -23.85
C VAL A 376 -1.32 -3.59 -23.96
N ILE A 377 -0.22 -4.35 -23.97
CA ILE A 377 1.14 -3.80 -24.24
C ILE A 377 1.11 -3.18 -25.63
N PRO A 378 1.59 -1.93 -25.82
CA PRO A 378 1.64 -1.32 -27.15
C PRO A 378 2.41 -2.17 -28.15
N GLU A 379 1.87 -2.35 -29.35
CA GLU A 379 2.46 -3.22 -30.41
C GLU A 379 3.85 -2.70 -30.79
N SER A 380 4.06 -1.38 -30.72
CA SER A 380 5.35 -0.71 -31.07
C SER A 380 6.49 -1.29 -30.23
N LEU A 381 6.23 -1.60 -28.96
CA LEU A 381 7.27 -2.09 -28.01
C LEU A 381 7.82 -3.45 -28.47
N ALA A 382 7.07 -4.19 -29.27
CA ALA A 382 7.53 -5.47 -29.86
C ALA A 382 8.75 -5.23 -30.74
N ASP A 383 8.89 -4.04 -31.32
CA ASP A 383 10.03 -3.67 -32.20
C ASP A 383 11.10 -2.91 -31.41
N CYS A 384 10.93 -2.70 -30.09
CA CYS A 384 11.89 -1.92 -29.27
C CYS A 384 13.05 -2.83 -28.84
N ARG A 385 13.99 -3.07 -29.75
CA ARG A 385 15.13 -4.00 -29.55
C ARG A 385 16.15 -3.41 -28.56
N SER A 386 16.07 -2.11 -28.28
CA SER A 386 16.98 -1.42 -27.32
C SER A 386 16.69 -1.85 -25.88
N LEU A 387 15.50 -2.38 -25.59
CA LEU A 387 15.07 -2.68 -24.19
C LEU A 387 16.02 -3.69 -23.53
N THR A 388 16.43 -3.42 -22.29
CA THR A 388 17.28 -4.33 -21.48
C THR A 388 16.53 -4.79 -20.24
N ARG A 389 15.70 -3.93 -19.65
CA ARG A 389 14.94 -4.27 -18.41
C ARG A 389 13.48 -3.86 -18.59
N ILE A 390 12.55 -4.81 -18.43
CA ILE A 390 11.09 -4.54 -18.52
C ILE A 390 10.43 -4.98 -17.22
N ARG A 391 9.82 -4.05 -16.49
CA ARG A 391 9.06 -4.37 -15.26
C ARG A 391 7.67 -3.73 -15.36
N LEU A 392 6.66 -4.54 -15.74
CA LEU A 392 5.25 -4.10 -15.87
C LEU A 392 4.42 -4.70 -14.73
N ALA A 393 5.08 -5.26 -13.72
CA ALA A 393 4.43 -6.05 -12.65
C ALA A 393 3.50 -5.17 -11.79
N TYR A 394 2.53 -5.78 -11.12
CA TYR A 394 1.61 -5.10 -10.17
C TYR A 394 0.88 -3.97 -10.90
N ASN A 395 0.23 -4.29 -12.02
CA ASN A 395 -0.61 -3.35 -12.80
C ASN A 395 -1.91 -4.07 -13.15
N ARG A 396 -2.74 -3.47 -14.02
CA ARG A 396 -4.05 -4.06 -14.44
C ARG A 396 -4.01 -4.40 -15.94
N PHE A 397 -2.83 -4.74 -16.47
CA PHE A 397 -2.66 -5.02 -17.92
C PHE A 397 -3.43 -6.28 -18.32
N SER A 398 -3.89 -6.33 -19.58
CA SER A 398 -4.67 -7.46 -20.12
C SER A 398 -4.20 -7.79 -21.53
N GLY A 399 -4.73 -8.87 -22.10
CA GLY A 399 -4.42 -9.28 -23.48
C GLY A 399 -3.18 -10.14 -23.56
N SER A 400 -2.87 -10.65 -24.74
CA SER A 400 -1.66 -11.47 -25.00
C SER A 400 -0.44 -10.55 -25.03
N VAL A 401 0.72 -11.07 -24.63
CA VAL A 401 2.01 -10.33 -24.80
C VAL A 401 2.37 -10.41 -26.28
N PRO A 402 2.68 -9.29 -26.96
CA PRO A 402 2.97 -9.31 -28.39
C PRO A 402 4.12 -10.28 -28.71
N THR A 403 4.06 -10.96 -29.86
CA THR A 403 5.05 -11.99 -30.25
C THR A 403 6.47 -11.42 -30.20
N GLY A 404 6.67 -10.23 -30.77
CA GLY A 404 7.99 -9.57 -30.81
C GLY A 404 8.53 -9.30 -29.42
N PHE A 405 7.66 -8.93 -28.48
CA PHE A 405 8.04 -8.56 -27.08
C PHE A 405 8.75 -9.73 -26.40
N TRP A 406 8.28 -10.96 -26.64
CA TRP A 406 8.89 -12.20 -26.07
C TRP A 406 10.33 -12.35 -26.53
N GLY A 407 10.63 -12.01 -27.79
CA GLY A 407 11.92 -12.33 -28.44
C GLY A 407 12.91 -11.17 -28.45
N LEU A 408 12.68 -10.10 -27.70
CA LEU A 408 13.59 -8.92 -27.74
C LEU A 408 15.00 -9.38 -27.36
N PRO A 409 16.02 -9.04 -28.17
CA PRO A 409 17.37 -9.60 -28.01
C PRO A 409 18.19 -9.21 -26.76
N HIS A 410 18.10 -7.97 -26.29
CA HIS A 410 18.97 -7.47 -25.19
C HIS A 410 18.25 -7.51 -23.83
N VAL A 411 17.02 -8.00 -23.78
CA VAL A 411 16.23 -7.99 -22.52
C VAL A 411 16.86 -8.99 -21.54
N ASN A 412 17.28 -8.52 -20.37
CA ASN A 412 17.89 -9.37 -19.31
C ASN A 412 16.80 -9.73 -18.28
N LEU A 413 15.84 -8.83 -18.06
CA LEU A 413 14.77 -9.03 -17.06
C LEU A 413 13.41 -8.76 -17.71
N LEU A 414 12.51 -9.74 -17.69
CA LEU A 414 11.10 -9.54 -18.11
C LEU A 414 10.19 -9.89 -16.93
N GLU A 415 9.63 -8.89 -16.28
CA GLU A 415 8.77 -9.09 -15.08
C GLU A 415 7.35 -8.61 -15.39
N LEU A 416 6.41 -9.54 -15.53
CA LEU A 416 4.99 -9.24 -15.87
C LEU A 416 4.08 -9.72 -14.73
N VAL A 417 4.66 -9.95 -13.55
CA VAL A 417 3.98 -10.57 -12.37
C VAL A 417 2.75 -9.71 -11.98
N ASN A 418 1.69 -10.36 -11.50
CA ASN A 418 0.49 -9.67 -10.92
C ASN A 418 -0.15 -8.76 -11.96
N ASN A 419 -0.58 -9.33 -13.09
CA ASN A 419 -1.38 -8.63 -14.13
C ASN A 419 -2.49 -9.58 -14.57
N SER A 420 -3.26 -9.22 -15.59
CA SER A 420 -4.31 -10.11 -16.16
C SER A 420 -3.89 -10.56 -17.56
N PHE A 421 -2.59 -10.67 -17.81
CA PHE A 421 -2.04 -11.09 -19.13
C PHE A 421 -2.54 -12.50 -19.45
N SER A 422 -2.96 -12.73 -20.68
CA SER A 422 -3.45 -14.06 -21.15
C SER A 422 -2.61 -14.48 -22.36
N GLY A 423 -3.08 -15.49 -23.09
CA GLY A 423 -2.39 -15.99 -24.27
C GLY A 423 -1.25 -16.92 -23.89
N GLU A 424 -0.30 -17.13 -24.79
CA GLU A 424 0.76 -18.15 -24.62
C GLU A 424 2.13 -17.48 -24.72
N ILE A 425 3.17 -18.11 -24.19
CA ILE A 425 4.57 -17.69 -24.45
C ILE A 425 4.88 -18.08 -25.89
N SER A 426 5.21 -17.12 -26.74
CA SER A 426 5.46 -17.38 -28.18
C SER A 426 6.79 -18.11 -28.35
N LYS A 427 6.93 -18.83 -29.46
CA LYS A 427 8.20 -19.54 -29.82
C LYS A 427 9.30 -18.51 -30.05
N SER A 428 8.93 -17.24 -30.26
CA SER A 428 9.86 -16.10 -30.43
C SER A 428 10.76 -15.94 -29.20
N ILE A 429 10.38 -16.50 -28.06
CA ILE A 429 11.16 -16.40 -26.78
C ILE A 429 12.59 -16.90 -27.02
N GLY A 430 12.79 -17.82 -27.98
CA GLY A 430 14.12 -18.31 -28.37
C GLY A 430 15.07 -17.18 -28.74
N GLY A 431 14.52 -16.10 -29.32
CA GLY A 431 15.28 -14.91 -29.73
C GLY A 431 15.81 -14.09 -28.56
N ALA A 432 15.30 -14.32 -27.35
CA ALA A 432 15.71 -13.57 -26.14
C ALA A 432 17.02 -14.15 -25.60
N SER A 433 18.13 -13.94 -26.30
CA SER A 433 19.46 -14.50 -25.97
C SER A 433 19.95 -14.01 -24.60
N ASN A 434 19.65 -12.76 -24.25
CA ASN A 434 20.19 -12.11 -23.03
C ASN A 434 19.32 -12.37 -21.81
N LEU A 435 18.17 -13.04 -21.95
CA LEU A 435 17.20 -13.18 -20.84
C LEU A 435 17.84 -13.97 -19.69
N SER A 436 17.87 -13.39 -18.49
CA SER A 436 18.38 -14.06 -17.26
C SER A 436 17.21 -14.35 -16.31
N LEU A 437 16.29 -13.38 -16.15
CA LEU A 437 15.16 -13.51 -15.21
C LEU A 437 13.83 -13.39 -15.96
N LEU A 438 13.02 -14.44 -15.94
CA LEU A 438 11.67 -14.43 -16.54
C LEU A 438 10.64 -14.64 -15.44
N ILE A 439 9.83 -13.62 -15.13
CA ILE A 439 8.85 -13.68 -14.01
C ILE A 439 7.46 -13.36 -14.56
N LEU A 440 6.60 -14.38 -14.69
CA LEU A 440 5.26 -14.24 -15.32
C LEU A 440 4.17 -14.67 -14.33
N SER A 441 4.49 -14.71 -13.04
CA SER A 441 3.58 -15.28 -12.00
C SER A 441 2.31 -14.43 -11.85
N ASN A 442 1.22 -15.05 -11.40
CA ASN A 442 -0.08 -14.39 -11.09
C ASN A 442 -0.62 -13.68 -12.34
N ASN A 443 -0.78 -14.43 -13.43
CA ASN A 443 -1.42 -13.93 -14.68
C ASN A 443 -2.45 -14.99 -15.12
N GLU A 444 -2.98 -14.87 -16.33
CA GLU A 444 -3.93 -15.86 -16.90
C GLU A 444 -3.30 -16.56 -18.11
N PHE A 445 -1.96 -16.67 -18.15
CA PHE A 445 -1.23 -17.29 -19.28
C PHE A 445 -1.69 -18.75 -19.44
N THR A 446 -1.82 -19.20 -20.70
CA THR A 446 -2.30 -20.57 -21.04
C THR A 446 -1.32 -21.23 -22.00
N GLY A 447 -1.56 -22.51 -22.30
CA GLY A 447 -0.77 -23.25 -23.30
C GLY A 447 0.42 -23.94 -22.67
N SER A 448 1.29 -24.50 -23.50
CA SER A 448 2.49 -25.25 -23.05
C SER A 448 3.71 -24.33 -23.13
N LEU A 449 4.70 -24.56 -22.28
CA LEU A 449 6.01 -23.85 -22.39
C LEU A 449 6.61 -24.25 -23.73
N PRO A 450 7.04 -23.29 -24.58
CA PRO A 450 7.66 -23.61 -25.86
C PRO A 450 9.02 -24.28 -25.70
N GLU A 451 9.39 -25.15 -26.65
CA GLU A 451 10.70 -25.84 -26.67
C GLU A 451 11.82 -24.80 -26.75
N GLU A 452 11.52 -23.63 -27.34
CA GLU A 452 12.50 -22.54 -27.56
C GLU A 452 12.97 -21.96 -26.21
N ILE A 453 12.22 -22.16 -25.12
CA ILE A 453 12.64 -21.73 -23.75
C ILE A 453 13.97 -22.41 -23.41
N GLY A 454 14.14 -23.67 -23.80
CA GLY A 454 15.38 -24.45 -23.56
C GLY A 454 16.59 -23.81 -24.22
N SER A 455 16.39 -23.06 -25.31
CA SER A 455 17.47 -22.37 -26.06
C SER A 455 18.08 -21.25 -25.23
N LEU A 456 17.40 -20.78 -24.17
CA LEU A 456 17.87 -19.65 -23.33
C LEU A 456 18.93 -20.14 -22.34
N ASP A 457 20.18 -20.23 -22.79
CA ASP A 457 21.32 -20.79 -21.99
C ASP A 457 21.56 -19.94 -20.74
N ASN A 458 21.42 -18.61 -20.85
CA ASN A 458 21.74 -17.64 -19.76
C ASN A 458 20.63 -17.56 -18.72
N LEU A 459 19.46 -18.19 -18.96
CA LEU A 459 18.30 -18.05 -18.05
C LEU A 459 18.67 -18.58 -16.66
N ASN A 460 18.43 -17.78 -15.61
CA ASN A 460 18.74 -18.15 -14.21
C ASN A 460 17.43 -18.34 -13.43
N GLN A 461 16.36 -17.66 -13.80
CA GLN A 461 15.07 -17.77 -13.06
C GLN A 461 13.91 -17.93 -14.04
N LEU A 462 13.09 -18.96 -13.85
CA LEU A 462 11.80 -19.10 -14.57
C LEU A 462 10.70 -19.22 -13.51
N SER A 463 10.01 -18.13 -13.24
CA SER A 463 8.87 -18.11 -12.29
C SER A 463 7.58 -17.80 -13.06
N ALA A 464 6.67 -18.76 -13.14
CA ALA A 464 5.40 -18.63 -13.88
C ALA A 464 4.26 -19.22 -13.05
N SER A 465 4.30 -19.02 -11.72
CA SER A 465 3.30 -19.58 -10.79
C SER A 465 1.95 -18.87 -10.97
N GLY A 466 0.86 -19.47 -10.50
CA GLY A 466 -0.48 -18.87 -10.56
C GLY A 466 -0.88 -18.51 -11.98
N ASN A 467 -0.76 -19.46 -12.91
CA ASN A 467 -1.20 -19.27 -14.32
C ASN A 467 -2.08 -20.46 -14.71
N LYS A 468 -2.47 -20.56 -15.99
CA LYS A 468 -3.28 -21.69 -16.51
C LYS A 468 -2.45 -22.50 -17.51
N PHE A 469 -1.12 -22.54 -17.34
CA PHE A 469 -0.20 -23.29 -18.22
C PHE A 469 -0.53 -24.78 -18.11
N SER A 470 -0.39 -25.53 -19.21
CA SER A 470 -0.77 -26.96 -19.26
C SER A 470 0.23 -27.75 -20.10
N GLY A 471 0.09 -29.08 -20.11
CA GLY A 471 0.90 -29.98 -20.95
C GLY A 471 2.17 -30.40 -20.26
N SER A 472 2.93 -31.30 -20.91
CA SER A 472 4.23 -31.79 -20.41
C SER A 472 5.27 -30.68 -20.52
N LEU A 473 6.23 -30.65 -19.59
CA LEU A 473 7.38 -29.71 -19.67
C LEU A 473 8.16 -30.05 -20.94
N PRO A 474 8.68 -29.06 -21.68
CA PRO A 474 9.49 -29.33 -22.86
C PRO A 474 10.78 -30.06 -22.46
N ASP A 475 11.22 -31.02 -23.27
CA ASP A 475 12.46 -31.82 -23.03
C ASP A 475 13.65 -30.85 -22.99
N SER A 476 13.58 -29.77 -23.77
CA SER A 476 14.65 -28.72 -23.89
C SER A 476 14.90 -28.06 -22.53
N LEU A 477 13.94 -28.12 -21.59
CA LEU A 477 14.07 -27.44 -20.27
C LEU A 477 15.33 -27.95 -19.56
N MET A 478 15.77 -29.18 -19.82
CA MET A 478 17.01 -29.76 -19.24
C MET A 478 18.22 -28.93 -19.69
N SER A 479 18.17 -28.31 -20.87
CA SER A 479 19.31 -27.55 -21.46
C SER A 479 19.61 -26.29 -20.63
N LEU A 480 18.76 -25.95 -19.66
CA LEU A 480 18.93 -24.73 -18.82
C LEU A 480 19.92 -25.03 -17.69
N GLY A 481 21.22 -25.09 -18.01
CA GLY A 481 22.31 -25.38 -17.06
C GLY A 481 22.50 -24.28 -16.03
N GLU A 482 22.19 -23.02 -16.38
CA GLU A 482 22.43 -21.85 -15.49
C GLU A 482 21.19 -21.59 -14.62
N LEU A 483 20.13 -22.37 -14.77
CA LEU A 483 18.86 -22.13 -14.03
C LEU A 483 19.10 -22.35 -12.54
N GLY A 484 18.74 -21.36 -11.72
CA GLY A 484 18.85 -21.43 -10.25
C GLY A 484 17.48 -21.49 -9.58
N THR A 485 16.44 -20.96 -10.23
CA THR A 485 15.06 -20.98 -9.68
C THR A 485 14.07 -21.44 -10.76
N LEU A 486 13.32 -22.49 -10.49
CA LEU A 486 12.19 -22.92 -11.37
C LEU A 486 10.93 -22.99 -10.51
N ASP A 487 9.99 -22.06 -10.71
CA ASP A 487 8.73 -22.03 -9.94
C ASP A 487 7.55 -22.07 -10.91
N LEU A 488 6.86 -23.20 -11.00
CA LEU A 488 5.70 -23.39 -11.91
C LEU A 488 4.48 -23.80 -11.10
N HIS A 489 4.42 -23.44 -9.81
CA HIS A 489 3.33 -23.89 -8.89
C HIS A 489 2.00 -23.21 -9.28
N GLY A 490 0.88 -23.81 -8.90
CA GLY A 490 -0.46 -23.29 -9.23
C GLY A 490 -0.71 -23.23 -10.73
N ASN A 491 -0.41 -24.31 -11.44
CA ASN A 491 -0.68 -24.43 -12.90
C ASN A 491 -1.37 -25.77 -13.17
N GLN A 492 -1.57 -26.13 -14.45
CA GLN A 492 -2.18 -27.42 -14.84
C GLN A 492 -1.14 -28.28 -15.59
N PHE A 493 0.15 -28.09 -15.30
CA PHE A 493 1.25 -28.83 -15.98
C PHE A 493 1.06 -30.32 -15.71
N SER A 494 1.26 -31.16 -16.74
CA SER A 494 1.06 -32.62 -16.67
C SER A 494 2.32 -33.34 -17.15
N GLY A 495 2.23 -34.66 -17.30
CA GLY A 495 3.36 -35.49 -17.76
C GLY A 495 4.27 -35.84 -16.61
N GLU A 496 5.51 -36.23 -16.90
CA GLU A 496 6.45 -36.77 -15.88
C GLU A 496 7.77 -36.01 -15.96
N LEU A 497 8.51 -35.95 -14.85
CA LEU A 497 9.90 -35.47 -14.82
C LEU A 497 10.79 -36.56 -15.41
N THR A 498 11.95 -36.20 -15.96
CA THR A 498 12.87 -37.15 -16.64
C THR A 498 14.25 -37.08 -15.98
N SER A 499 15.15 -37.98 -16.38
CA SER A 499 16.55 -38.01 -15.91
C SER A 499 17.28 -36.72 -16.29
N GLY A 500 16.74 -35.98 -17.27
CA GLY A 500 17.29 -34.70 -17.77
C GLY A 500 17.41 -33.64 -16.69
N ILE A 501 16.64 -33.77 -15.60
CA ILE A 501 16.65 -32.79 -14.46
C ILE A 501 18.06 -32.72 -13.87
N LYS A 502 18.88 -33.76 -14.05
CA LYS A 502 20.29 -33.81 -13.58
C LYS A 502 21.06 -32.63 -14.17
N SER A 503 20.70 -32.16 -15.38
CA SER A 503 21.39 -31.06 -16.08
C SER A 503 21.19 -29.72 -15.36
N TRP A 504 20.21 -29.63 -14.44
CA TRP A 504 20.00 -28.42 -13.61
C TRP A 504 20.98 -28.40 -12.44
N LYS A 505 22.28 -28.30 -12.73
CA LYS A 505 23.36 -28.43 -11.71
C LYS A 505 23.31 -27.26 -10.73
N LYS A 506 22.97 -26.05 -11.19
CA LYS A 506 23.01 -24.82 -10.35
C LYS A 506 21.65 -24.54 -9.72
N LEU A 507 20.66 -25.42 -9.88
CA LEU A 507 19.28 -25.17 -9.39
C LEU A 507 19.28 -25.10 -7.86
N ASN A 508 18.75 -24.03 -7.29
CA ASN A 508 18.61 -23.85 -5.82
C ASN A 508 17.15 -24.11 -5.41
N GLU A 509 16.20 -23.78 -6.28
CA GLU A 509 14.75 -23.92 -5.95
C GLU A 509 14.02 -24.66 -7.08
N LEU A 510 13.29 -25.71 -6.73
CA LEU A 510 12.35 -26.39 -7.66
C LEU A 510 10.97 -26.39 -7.01
N ASN A 511 10.01 -25.67 -7.58
CA ASN A 511 8.61 -25.65 -7.07
C ASN A 511 7.67 -26.04 -8.22
N LEU A 512 7.13 -27.25 -8.17
CA LEU A 512 6.15 -27.76 -9.16
C LEU A 512 4.83 -28.07 -8.44
N ALA A 513 4.59 -27.44 -7.29
CA ALA A 513 3.44 -27.74 -6.42
C ALA A 513 2.13 -27.39 -7.12
N ASP A 514 1.03 -28.05 -6.74
CA ASP A 514 -0.34 -27.75 -7.24
C ASP A 514 -0.36 -27.82 -8.77
N ASN A 515 0.11 -28.94 -9.33
CA ASN A 515 0.05 -29.23 -10.80
C ASN A 515 -0.59 -30.60 -10.99
N GLU A 516 -0.52 -31.17 -12.19
CA GLU A 516 -1.10 -32.50 -12.51
C GLU A 516 0.02 -33.48 -12.90
N PHE A 517 1.23 -33.29 -12.37
CA PHE A 517 2.41 -34.14 -12.71
C PHE A 517 2.16 -35.57 -12.25
N THR A 518 2.64 -36.55 -13.03
CA THR A 518 2.49 -38.01 -12.75
C THR A 518 3.86 -38.67 -12.84
N GLY A 519 3.94 -39.95 -12.44
CA GLY A 519 5.16 -40.77 -12.58
C GLY A 519 6.07 -40.65 -11.39
N LYS A 520 7.21 -41.35 -11.41
CA LYS A 520 8.17 -41.38 -10.28
C LYS A 520 9.01 -40.10 -10.29
N ILE A 521 9.36 -39.61 -9.09
CA ILE A 521 10.37 -38.52 -8.96
C ILE A 521 11.70 -39.13 -9.38
N PRO A 522 12.44 -38.55 -10.36
CA PRO A 522 13.67 -39.16 -10.83
C PRO A 522 14.73 -39.23 -9.72
N ASP A 523 15.53 -40.30 -9.70
CA ASP A 523 16.64 -40.49 -8.71
C ASP A 523 17.69 -39.40 -8.92
N GLU A 524 17.69 -38.76 -10.09
CA GLU A 524 18.68 -37.71 -10.45
C GLU A 524 18.43 -36.43 -9.64
N ILE A 525 17.34 -36.35 -8.87
CA ILE A 525 17.04 -35.20 -7.97
C ILE A 525 18.21 -35.04 -6.98
N GLY A 526 18.79 -36.14 -6.51
CA GLY A 526 19.93 -36.12 -5.59
C GLY A 526 21.18 -35.53 -6.21
N SER A 527 21.28 -35.57 -7.53
CA SER A 527 22.45 -35.03 -8.28
C SER A 527 22.48 -33.50 -8.21
N LEU A 528 21.38 -32.84 -7.83
CA LEU A 528 21.28 -31.36 -7.74
C LEU A 528 21.93 -30.90 -6.42
N SER A 529 23.24 -30.68 -6.42
CA SER A 529 24.05 -30.41 -5.20
C SER A 529 23.57 -29.16 -4.44
N VAL A 530 23.21 -28.08 -5.14
CA VAL A 530 22.92 -26.78 -4.47
C VAL A 530 21.42 -26.58 -4.28
N LEU A 531 20.59 -27.59 -4.57
CA LEU A 531 19.13 -27.49 -4.34
C LEU A 531 18.88 -27.34 -2.84
N ASN A 532 18.18 -26.29 -2.42
CA ASN A 532 17.84 -26.06 -0.98
C ASN A 532 16.31 -25.98 -0.80
N TYR A 533 15.55 -25.81 -1.88
CA TYR A 533 14.07 -25.70 -1.84
C TYR A 533 13.48 -26.72 -2.81
N LEU A 534 12.69 -27.66 -2.32
CA LEU A 534 11.99 -28.65 -3.17
C LEU A 534 10.52 -28.70 -2.78
N ASP A 535 9.61 -28.41 -3.71
CA ASP A 535 8.15 -28.50 -3.45
C ASP A 535 7.50 -29.23 -4.63
N LEU A 536 7.11 -30.49 -4.43
CA LEU A 536 6.41 -31.30 -5.46
C LEU A 536 5.01 -31.64 -4.95
N SER A 537 4.50 -30.89 -3.98
CA SER A 537 3.20 -31.18 -3.30
C SER A 537 2.04 -30.92 -4.26
N GLY A 538 0.86 -31.47 -3.95
CA GLY A 538 -0.36 -31.29 -4.77
C GLY A 538 -0.17 -31.79 -6.20
N ASN A 539 0.43 -32.97 -6.37
CA ASN A 539 0.65 -33.61 -7.70
C ASN A 539 0.20 -35.07 -7.60
N MET A 540 0.42 -35.85 -8.66
CA MET A 540 0.10 -37.30 -8.68
C MET A 540 1.39 -38.12 -8.84
N PHE A 541 2.51 -37.62 -8.32
CA PHE A 541 3.80 -38.34 -8.35
C PHE A 541 3.63 -39.67 -7.61
N SER A 542 4.16 -40.76 -8.17
CA SER A 542 3.94 -42.13 -7.63
C SER A 542 5.30 -42.83 -7.44
N GLY A 543 5.28 -43.98 -6.74
CA GLY A 543 6.47 -44.82 -6.52
C GLY A 543 7.25 -44.38 -5.31
N LYS A 544 8.42 -44.97 -5.11
CA LYS A 544 9.26 -44.73 -3.91
C LYS A 544 9.90 -43.34 -4.01
N ILE A 545 10.00 -42.64 -2.89
CA ILE A 545 10.79 -41.38 -2.81
C ILE A 545 12.26 -41.72 -3.08
N PRO A 546 12.98 -40.98 -3.95
CA PRO A 546 14.37 -41.28 -4.24
C PRO A 546 15.22 -41.25 -2.97
N VAL A 547 16.04 -42.28 -2.75
CA VAL A 547 16.96 -42.37 -1.58
C VAL A 547 17.97 -41.20 -1.65
N SER A 548 18.29 -40.75 -2.86
CA SER A 548 19.29 -39.68 -3.12
C SER A 548 18.85 -38.38 -2.45
N LEU A 549 17.56 -38.21 -2.17
CA LEU A 549 17.02 -36.98 -1.54
C LEU A 549 17.66 -36.78 -0.16
N GLN A 550 18.08 -37.86 0.53
CA GLN A 550 18.77 -37.82 1.85
C GLN A 550 20.04 -36.98 1.73
N SER A 551 20.74 -37.16 0.61
CA SER A 551 22.06 -36.53 0.34
C SER A 551 21.89 -35.01 0.21
N LEU A 552 20.79 -34.53 -0.37
CA LEU A 552 20.49 -33.07 -0.53
C LEU A 552 20.26 -32.44 0.85
N LYS A 553 20.80 -31.24 1.07
CA LYS A 553 20.52 -30.38 2.25
C LYS A 553 19.41 -29.39 1.88
N LEU A 554 18.19 -29.62 2.33
CA LEU A 554 17.01 -28.82 1.90
C LEU A 554 16.45 -28.01 3.07
N ASN A 555 16.41 -26.68 2.93
CA ASN A 555 15.75 -25.78 3.91
C ASN A 555 14.24 -26.07 3.89
N GLN A 556 13.67 -26.29 2.71
CA GLN A 556 12.22 -26.59 2.54
C GLN A 556 12.06 -27.86 1.71
N LEU A 557 11.27 -28.81 2.19
CA LEU A 557 10.89 -30.04 1.42
C LEU A 557 9.38 -30.24 1.56
N ASN A 558 8.67 -30.41 0.44
CA ASN A 558 7.23 -30.78 0.49
C ASN A 558 6.92 -31.78 -0.63
N LEU A 559 6.59 -33.01 -0.26
CA LEU A 559 6.15 -34.06 -1.22
C LEU A 559 4.72 -34.46 -0.87
N SER A 560 3.99 -33.60 -0.16
CA SER A 560 2.64 -33.89 0.37
C SER A 560 1.61 -33.98 -0.75
N TYR A 561 0.48 -34.64 -0.48
CA TYR A 561 -0.68 -34.79 -1.41
C TYR A 561 -0.18 -35.31 -2.76
N ASN A 562 0.51 -36.45 -2.73
CA ASN A 562 0.99 -37.19 -3.93
C ASN A 562 0.52 -38.65 -3.79
N ARG A 563 0.92 -39.52 -4.71
CA ARG A 563 0.61 -40.97 -4.66
C ARG A 563 1.86 -41.78 -4.28
N LEU A 564 2.80 -41.16 -3.55
CA LEU A 564 4.12 -41.79 -3.22
C LEU A 564 3.92 -42.95 -2.25
N SER A 565 4.79 -43.97 -2.34
CA SER A 565 4.72 -45.19 -1.50
C SER A 565 6.13 -45.60 -1.06
N GLY A 566 6.23 -46.52 -0.10
CA GLY A 566 7.50 -47.15 0.29
C GLY A 566 8.17 -46.46 1.46
N ASP A 567 9.38 -46.88 1.80
CA ASP A 567 10.15 -46.38 2.98
C ASP A 567 10.82 -45.03 2.66
N LEU A 568 11.17 -44.28 3.69
CA LEU A 568 11.92 -43.00 3.58
C LEU A 568 13.38 -43.26 3.89
N PRO A 569 14.32 -42.45 3.35
CA PRO A 569 15.71 -42.54 3.79
C PRO A 569 15.76 -42.16 5.26
N PRO A 570 16.72 -42.70 6.06
CA PRO A 570 16.72 -42.48 7.50
C PRO A 570 16.68 -41.00 7.92
N SER A 571 17.42 -40.13 7.21
CA SER A 571 17.49 -38.67 7.52
C SER A 571 16.08 -38.06 7.45
N LEU A 572 15.30 -38.42 6.43
CA LEU A 572 13.95 -37.84 6.19
C LEU A 572 12.92 -38.44 7.14
N ALA A 573 13.20 -39.60 7.76
CA ALA A 573 12.24 -40.29 8.65
C ALA A 573 12.26 -39.65 10.04
N LYS A 574 11.73 -38.44 10.16
CA LYS A 574 11.74 -37.65 11.43
C LYS A 574 10.37 -36.99 11.63
N ASP A 575 10.01 -36.70 12.89
CA ASP A 575 8.73 -36.03 13.24
C ASP A 575 8.67 -34.66 12.55
N MET A 576 9.80 -33.95 12.46
CA MET A 576 9.91 -32.60 11.86
C MET A 576 9.48 -32.61 10.39
N TYR A 577 9.68 -33.74 9.69
CA TYR A 577 9.39 -33.89 8.24
C TYR A 577 7.99 -34.48 7.99
N LYS A 578 7.17 -34.65 9.03
CA LYS A 578 5.81 -35.26 8.93
C LYS A 578 4.97 -34.44 7.94
N ASN A 579 4.97 -33.11 8.07
CA ASN A 579 4.16 -32.18 7.22
C ASN A 579 4.61 -32.31 5.76
N SER A 580 5.89 -32.62 5.52
CA SER A 580 6.44 -32.81 4.15
C SER A 580 5.79 -34.02 3.47
N PHE A 581 5.40 -35.06 4.19
CA PHE A 581 4.94 -36.34 3.57
C PHE A 581 3.45 -36.62 3.82
N ILE A 582 2.67 -35.66 4.31
CA ILE A 582 1.21 -35.89 4.60
C ILE A 582 0.47 -36.03 3.26
N GLY A 583 -0.72 -36.65 3.29
CA GLY A 583 -1.59 -36.81 2.12
C GLY A 583 -1.11 -37.88 1.17
N ASN A 584 -0.16 -38.73 1.59
CA ASN A 584 0.30 -39.91 0.83
C ASN A 584 -0.08 -41.17 1.59
N PRO A 585 -1.03 -41.98 1.07
CA PRO A 585 -1.41 -43.26 1.69
C PRO A 585 -0.26 -44.28 1.82
N GLY A 586 0.53 -44.44 0.75
CA GLY A 586 1.69 -45.35 0.69
C GLY A 586 2.70 -45.04 1.77
N LEU A 587 2.94 -43.76 2.07
CA LEU A 587 3.98 -43.31 3.03
C LEU A 587 3.50 -43.51 4.47
N CYS A 588 2.24 -43.83 4.72
CA CYS A 588 1.68 -43.99 6.09
C CYS A 588 2.53 -45.01 6.89
N GLY A 589 2.90 -44.67 8.12
CA GLY A 589 3.66 -45.59 8.99
C GLY A 589 5.16 -45.43 8.80
N ASP A 590 5.62 -44.64 7.84
CA ASP A 590 7.06 -44.26 7.74
C ASP A 590 7.45 -43.47 8.98
N ILE A 591 6.57 -42.56 9.43
CA ILE A 591 6.78 -41.68 10.61
C ILE A 591 5.58 -41.85 11.56
N LYS A 592 5.85 -41.86 12.87
CA LYS A 592 4.82 -42.02 13.94
C LYS A 592 3.94 -40.77 13.98
N GLY A 593 2.65 -40.93 13.64
CA GLY A 593 1.64 -39.85 13.65
C GLY A 593 1.50 -39.17 12.30
N LEU A 594 1.99 -39.81 11.23
CA LEU A 594 1.90 -39.30 9.83
C LEU A 594 0.46 -39.42 9.34
N CYS A 595 -0.19 -40.56 9.61
CA CYS A 595 -1.60 -40.86 9.24
C CYS A 595 -2.36 -41.36 10.48
N ASN B 6 -77.46 -9.91 9.60
CA ASN B 6 -76.95 -10.37 8.28
C ASN B 6 -76.03 -11.59 8.47
N GLN B 7 -75.26 -11.92 7.43
CA GLN B 7 -74.51 -13.18 7.20
C GLN B 7 -73.06 -13.02 7.63
N ASP B 8 -72.64 -11.82 8.04
CA ASP B 8 -71.22 -11.50 8.33
C ASP B 8 -70.70 -12.44 9.42
N GLY B 9 -71.50 -12.65 10.49
CA GLY B 9 -71.17 -13.61 11.55
C GLY B 9 -71.02 -15.02 11.03
N PHE B 10 -71.97 -15.46 10.20
CA PHE B 10 -71.98 -16.82 9.60
C PHE B 10 -70.74 -17.00 8.73
N ILE B 11 -70.41 -15.99 7.91
CA ILE B 11 -69.23 -16.02 7.00
C ILE B 11 -67.97 -16.14 7.85
N LEU B 12 -67.88 -15.35 8.94
CA LEU B 12 -66.69 -15.39 9.82
C LEU B 12 -66.59 -16.74 10.53
N GLN B 13 -67.73 -17.37 10.87
CA GLN B 13 -67.73 -18.74 11.46
C GLN B 13 -67.08 -19.70 10.46
N GLN B 14 -67.38 -19.55 9.17
CA GLN B 14 -66.79 -20.40 8.10
C GLN B 14 -65.28 -20.16 8.04
N VAL B 15 -64.84 -18.92 8.19
CA VAL B 15 -63.38 -18.56 8.24
C VAL B 15 -62.75 -19.32 9.40
N LYS B 16 -63.37 -19.28 10.58
CA LYS B 16 -62.84 -19.93 11.81
C LYS B 16 -62.68 -21.43 11.58
N LEU B 17 -63.67 -22.07 10.96
CA LEU B 17 -63.68 -23.55 10.76
C LEU B 17 -62.58 -23.94 9.76
N SER B 18 -62.13 -23.00 8.92
CA SER B 18 -61.14 -23.26 7.84
C SER B 18 -59.70 -23.07 8.34
N LEU B 19 -59.48 -22.61 9.58
CA LEU B 19 -58.11 -22.27 10.07
C LEU B 19 -57.76 -23.07 11.32
N ASP B 20 -56.47 -23.39 11.49
CA ASP B 20 -55.95 -23.98 12.74
C ASP B 20 -55.68 -22.84 13.72
N ASP B 21 -56.20 -22.95 14.94
CA ASP B 21 -56.12 -21.88 15.97
C ASP B 21 -55.58 -22.47 17.27
N PRO B 22 -54.28 -22.83 17.33
CA PRO B 22 -53.71 -23.50 18.49
C PRO B 22 -53.78 -22.65 19.78
N ASP B 23 -53.72 -21.32 19.65
CA ASP B 23 -53.68 -20.38 20.80
C ASP B 23 -55.10 -19.87 21.12
N SER B 24 -56.13 -20.40 20.46
CA SER B 24 -57.56 -20.07 20.72
C SER B 24 -57.81 -18.56 20.60
N TYR B 25 -57.20 -17.91 19.60
CA TYR B 25 -57.42 -16.47 19.30
C TYR B 25 -58.89 -16.24 18.90
N LEU B 26 -59.54 -17.25 18.31
CA LEU B 26 -60.92 -17.12 17.78
C LEU B 26 -61.94 -17.65 18.79
N SER B 27 -61.56 -17.78 20.07
CA SER B 27 -62.46 -18.21 21.17
C SER B 27 -63.68 -17.30 21.23
N SER B 28 -63.49 -15.99 21.01
CA SER B 28 -64.55 -14.95 21.13
C SER B 28 -65.54 -15.06 19.97
N TRP B 29 -65.22 -15.84 18.93
CA TRP B 29 -66.08 -15.95 17.74
C TRP B 29 -67.23 -16.90 18.07
N ASN B 30 -68.26 -16.36 18.73
CA ASN B 30 -69.42 -17.14 19.26
C ASN B 30 -70.62 -16.94 18.35
N SER B 31 -71.15 -18.03 17.78
CA SER B 31 -72.32 -18.03 16.87
C SER B 31 -73.54 -17.43 17.58
N ASN B 32 -73.65 -17.61 18.90
CA ASN B 32 -74.82 -17.17 19.70
C ASN B 32 -74.88 -15.63 19.73
N ASP B 33 -73.77 -14.94 19.44
CA ASP B 33 -73.73 -13.46 19.41
C ASP B 33 -74.65 -12.93 18.31
N ALA B 34 -75.38 -11.85 18.59
CA ALA B 34 -76.23 -11.15 17.62
C ALA B 34 -75.37 -10.56 16.50
N SER B 35 -74.20 -10.02 16.85
CA SER B 35 -73.27 -9.34 15.91
C SER B 35 -71.85 -9.85 16.13
N PRO B 36 -71.02 -9.94 15.07
CA PRO B 36 -69.62 -10.33 15.19
C PRO B 36 -68.67 -9.17 15.48
N CYS B 37 -69.20 -7.96 15.68
CA CYS B 37 -68.39 -6.73 15.77
C CYS B 37 -67.44 -6.79 16.98
N ARG B 38 -67.82 -7.43 18.08
CA ARG B 38 -66.98 -7.49 19.30
C ARG B 38 -65.94 -8.63 19.21
N TRP B 39 -65.99 -9.46 18.16
CA TRP B 39 -65.09 -10.63 18.01
C TRP B 39 -63.65 -10.16 17.85
N SER B 40 -62.69 -10.96 18.32
CA SER B 40 -61.23 -10.65 18.23
C SER B 40 -60.87 -10.41 16.77
N GLY B 41 -60.18 -9.30 16.48
CA GLY B 41 -59.70 -8.97 15.13
C GLY B 41 -60.76 -8.35 14.24
N VAL B 42 -62.01 -8.22 14.71
CA VAL B 42 -63.13 -7.76 13.85
C VAL B 42 -63.51 -6.32 14.21
N SER B 43 -63.67 -5.46 13.20
CA SER B 43 -64.15 -4.06 13.37
C SER B 43 -65.31 -3.80 12.42
N CYS B 44 -66.39 -3.22 12.94
CA CYS B 44 -67.55 -2.77 12.14
C CYS B 44 -67.61 -1.26 12.24
N ALA B 45 -67.52 -0.53 11.14
CA ALA B 45 -67.46 0.95 11.20
C ALA B 45 -68.84 1.54 10.90
N GLY B 46 -69.92 0.76 11.08
CA GLY B 46 -71.27 1.15 10.63
C GLY B 46 -72.35 0.78 11.62
N ASP B 47 -73.45 1.55 11.62
CA ASP B 47 -74.66 1.31 12.46
C ASP B 47 -75.35 0.02 12.02
N PHE B 48 -74.93 -0.57 10.89
CA PHE B 48 -75.53 -1.76 10.25
C PHE B 48 -74.88 -3.07 10.75
N SER B 49 -73.83 -2.99 11.58
CA SER B 49 -73.09 -4.17 12.10
C SER B 49 -72.51 -4.95 10.92
N SER B 50 -71.96 -4.23 9.94
CA SER B 50 -71.28 -4.83 8.77
C SER B 50 -69.77 -4.82 9.02
N VAL B 51 -69.13 -5.97 8.90
CA VAL B 51 -67.66 -6.09 9.11
C VAL B 51 -66.97 -5.26 8.02
N THR B 52 -66.10 -4.34 8.42
CA THR B 52 -65.34 -3.48 7.48
C THR B 52 -63.83 -3.77 7.55
N SER B 53 -63.34 -4.30 8.66
N SER B 53 -63.34 -4.29 8.67
CA SER B 53 -61.90 -4.58 8.89
CA SER B 53 -61.91 -4.59 8.91
C SER B 53 -61.75 -5.90 9.66
C SER B 53 -61.76 -5.92 9.65
N VAL B 54 -60.81 -6.75 9.22
CA VAL B 54 -60.41 -7.98 9.95
C VAL B 54 -58.89 -7.94 10.13
N ASP B 55 -58.40 -7.91 11.37
CA ASP B 55 -56.95 -7.92 11.67
C ASP B 55 -56.64 -9.14 12.54
N LEU B 56 -56.19 -10.23 11.92
CA LEU B 56 -55.82 -11.48 12.64
C LEU B 56 -54.31 -11.62 12.64
N SER B 57 -53.60 -10.50 12.59
CA SER B 57 -52.11 -10.47 12.56
C SER B 57 -51.55 -11.07 13.86
N SER B 58 -50.45 -11.82 13.76
CA SER B 58 -49.70 -12.37 14.91
C SER B 58 -50.62 -13.20 15.83
N ALA B 59 -51.51 -14.00 15.26
CA ALA B 59 -52.48 -14.84 16.01
C ALA B 59 -52.06 -16.31 16.01
N ASN B 60 -50.93 -16.64 15.37
CA ASN B 60 -50.41 -18.03 15.23
C ASN B 60 -51.46 -18.89 14.50
N LEU B 61 -52.23 -18.29 13.59
CA LEU B 61 -53.21 -19.03 12.74
C LEU B 61 -52.45 -19.77 11.64
N ALA B 62 -52.93 -20.96 11.28
CA ALA B 62 -52.29 -21.81 10.24
C ALA B 62 -53.37 -22.34 9.30
N GLY B 63 -52.96 -22.70 8.08
CA GLY B 63 -53.87 -23.28 7.07
C GLY B 63 -54.00 -22.37 5.86
N PRO B 64 -54.81 -22.75 4.85
CA PRO B 64 -54.92 -22.00 3.61
C PRO B 64 -55.62 -20.64 3.82
N PHE B 65 -55.44 -19.72 2.88
CA PHE B 65 -56.14 -18.41 2.92
C PHE B 65 -57.64 -18.68 2.91
N PRO B 66 -58.41 -18.07 3.85
CA PRO B 66 -59.86 -18.29 3.91
C PRO B 66 -60.60 -17.42 2.89
N SER B 67 -60.75 -17.92 1.66
CA SER B 67 -61.37 -17.18 0.53
C SER B 67 -62.82 -16.81 0.85
N VAL B 68 -63.50 -17.56 1.72
CA VAL B 68 -64.92 -17.30 2.10
C VAL B 68 -65.04 -15.91 2.75
N ILE B 69 -63.95 -15.37 3.31
CA ILE B 69 -63.94 -14.02 3.96
C ILE B 69 -64.35 -12.96 2.94
N CYS B 70 -64.09 -13.19 1.65
CA CYS B 70 -64.43 -12.22 0.57
C CYS B 70 -65.94 -12.10 0.38
N ARG B 71 -66.72 -13.00 0.99
CA ARG B 71 -68.21 -12.90 0.98
C ARG B 71 -68.68 -11.75 1.89
N LEU B 72 -67.82 -11.23 2.76
CA LEU B 72 -68.16 -10.01 3.56
C LEU B 72 -68.25 -8.84 2.57
N SER B 73 -69.45 -8.29 2.35
CA SER B 73 -69.71 -7.27 1.30
C SER B 73 -68.91 -5.99 1.56
N ASN B 74 -68.75 -5.58 2.82
CA ASN B 74 -68.17 -4.25 3.15
C ASN B 74 -66.73 -4.38 3.65
N LEU B 75 -66.10 -5.55 3.53
CA LEU B 75 -64.71 -5.73 4.03
C LEU B 75 -63.79 -4.83 3.22
N ALA B 76 -63.12 -3.88 3.88
CA ALA B 76 -62.23 -2.89 3.21
C ALA B 76 -60.78 -3.11 3.64
N HIS B 77 -60.54 -3.71 4.81
CA HIS B 77 -59.16 -3.90 5.35
C HIS B 77 -59.02 -5.34 5.84
N LEU B 78 -58.01 -6.06 5.34
CA LEU B 78 -57.72 -7.44 5.79
C LEU B 78 -56.22 -7.55 6.11
N SER B 79 -55.86 -7.98 7.32
CA SER B 79 -54.46 -8.28 7.66
C SER B 79 -54.35 -9.68 8.28
N LEU B 80 -53.54 -10.55 7.67
CA LEU B 80 -53.17 -11.87 8.25
C LEU B 80 -51.65 -11.85 8.47
N TYR B 81 -51.08 -10.66 8.66
CA TYR B 81 -49.62 -10.45 8.81
C TYR B 81 -49.08 -11.36 9.91
N ASN B 82 -47.91 -11.97 9.67
CA ASN B 82 -47.19 -12.75 10.70
C ASN B 82 -48.08 -13.89 11.20
N ASN B 83 -48.47 -14.80 10.31
CA ASN B 83 -49.19 -16.05 10.67
C ASN B 83 -48.53 -17.21 9.92
N SER B 84 -49.12 -18.40 9.95
CA SER B 84 -48.62 -19.57 9.19
C SER B 84 -49.60 -19.91 8.06
N ILE B 85 -50.22 -18.88 7.46
CA ILE B 85 -51.13 -19.09 6.29
C ILE B 85 -50.29 -19.69 5.17
N ASN B 86 -50.74 -20.80 4.57
CA ASN B 86 -49.90 -21.56 3.61
C ASN B 86 -50.69 -21.86 2.34
N SER B 87 -50.07 -22.62 1.43
CA SER B 87 -50.64 -23.00 0.11
C SER B 87 -50.68 -21.75 -0.79
N THR B 88 -51.43 -21.80 -1.89
CA THR B 88 -51.46 -20.72 -2.91
C THR B 88 -52.49 -19.66 -2.51
N LEU B 89 -52.30 -18.43 -2.96
CA LEU B 89 -53.32 -17.36 -2.79
C LEU B 89 -54.37 -17.56 -3.88
N PRO B 90 -55.65 -17.87 -3.54
CA PRO B 90 -56.65 -18.19 -4.55
C PRO B 90 -56.99 -17.04 -5.51
N LEU B 91 -57.30 -17.38 -6.77
CA LEU B 91 -57.78 -16.41 -7.78
C LEU B 91 -59.14 -15.85 -7.33
N ASN B 92 -59.80 -16.52 -6.38
CA ASN B 92 -61.12 -16.12 -5.83
C ASN B 92 -60.98 -14.83 -5.00
N ILE B 93 -59.75 -14.34 -4.76
CA ILE B 93 -59.48 -13.10 -3.98
C ILE B 93 -60.19 -11.91 -4.64
N ALA B 94 -60.43 -11.96 -5.95
CA ALA B 94 -61.14 -10.88 -6.69
C ALA B 94 -62.55 -10.68 -6.13
N ALA B 95 -63.12 -11.69 -5.47
CA ALA B 95 -64.45 -11.60 -4.80
C ALA B 95 -64.41 -10.54 -3.70
N CYS B 96 -63.23 -10.23 -3.16
CA CYS B 96 -63.03 -9.12 -2.18
C CYS B 96 -63.05 -7.79 -2.93
N LYS B 97 -64.19 -7.41 -3.51
CA LYS B 97 -64.27 -6.24 -4.43
C LYS B 97 -64.22 -4.90 -3.66
N SER B 98 -64.44 -4.88 -2.34
CA SER B 98 -64.40 -3.63 -1.53
C SER B 98 -63.04 -3.45 -0.85
N LEU B 99 -62.12 -4.40 -1.00
CA LEU B 99 -60.83 -4.37 -0.27
C LEU B 99 -60.02 -3.15 -0.69
N GLN B 100 -59.59 -2.34 0.27
CA GLN B 100 -58.68 -1.20 0.01
C GLN B 100 -57.26 -1.57 0.43
N THR B 101 -57.11 -2.32 1.52
CA THR B 101 -55.78 -2.71 2.05
C THR B 101 -55.75 -4.23 2.27
N LEU B 102 -54.72 -4.89 1.74
CA LEU B 102 -54.51 -6.34 1.95
C LEU B 102 -53.09 -6.55 2.47
N ASP B 103 -52.94 -7.11 3.66
CA ASP B 103 -51.59 -7.42 4.22
C ASP B 103 -51.53 -8.91 4.54
N LEU B 104 -50.81 -9.68 3.73
CA LEU B 104 -50.61 -11.14 3.96
C LEU B 104 -49.11 -11.39 4.19
N SER B 105 -48.38 -10.37 4.64
CA SER B 105 -46.91 -10.44 4.81
C SER B 105 -46.56 -11.42 5.94
N GLN B 106 -45.34 -11.96 5.91
CA GLN B 106 -44.79 -12.90 6.92
C GLN B 106 -45.73 -14.10 7.05
N ASN B 107 -46.03 -14.77 5.94
CA ASN B 107 -46.81 -16.03 5.92
C ASN B 107 -46.02 -17.09 5.14
N LEU B 108 -46.65 -18.23 4.84
CA LEU B 108 -45.99 -19.34 4.11
C LEU B 108 -46.66 -19.53 2.74
N LEU B 109 -47.22 -18.46 2.16
CA LEU B 109 -47.95 -18.54 0.87
C LEU B 109 -46.97 -18.94 -0.23
N THR B 110 -47.40 -19.81 -1.14
CA THR B 110 -46.53 -20.38 -2.22
C THR B 110 -47.22 -20.24 -3.58
N GLY B 111 -46.48 -20.49 -4.65
CA GLY B 111 -47.03 -20.52 -6.02
C GLY B 111 -47.03 -19.14 -6.67
N GLU B 112 -47.68 -19.03 -7.83
CA GLU B 112 -47.73 -17.78 -8.63
C GLU B 112 -48.66 -16.78 -7.97
N LEU B 113 -48.37 -15.49 -8.08
CA LEU B 113 -49.29 -14.41 -7.64
C LEU B 113 -50.57 -14.54 -8.45
N PRO B 114 -51.78 -14.55 -7.83
CA PRO B 114 -53.02 -14.56 -8.60
C PRO B 114 -53.17 -13.28 -9.41
N GLN B 115 -53.42 -13.39 -10.72
CA GLN B 115 -53.56 -12.23 -11.64
C GLN B 115 -54.81 -11.44 -11.26
N THR B 116 -55.78 -12.09 -10.60
CA THR B 116 -57.09 -11.49 -10.21
C THR B 116 -56.92 -10.42 -9.11
N LEU B 117 -55.74 -10.32 -8.49
CA LEU B 117 -55.45 -9.26 -7.50
C LEU B 117 -55.66 -7.89 -8.16
N ALA B 118 -55.33 -7.76 -9.45
CA ALA B 118 -55.48 -6.52 -10.23
C ALA B 118 -56.95 -6.25 -10.57
N ASP B 119 -57.85 -7.20 -10.32
CA ASP B 119 -59.30 -7.08 -10.64
C ASP B 119 -60.06 -6.46 -9.45
N ILE B 120 -59.36 -6.02 -8.40
CA ILE B 120 -59.98 -5.31 -7.25
C ILE B 120 -59.76 -3.82 -7.47
N PRO B 121 -60.77 -3.07 -7.96
CA PRO B 121 -60.61 -1.65 -8.30
C PRO B 121 -60.26 -0.78 -7.08
N THR B 122 -60.81 -1.12 -5.91
CA THR B 122 -60.64 -0.35 -4.65
C THR B 122 -59.26 -0.57 -4.04
N LEU B 123 -58.48 -1.57 -4.47
CA LEU B 123 -57.21 -1.93 -3.79
C LEU B 123 -56.21 -0.77 -3.90
N VAL B 124 -55.70 -0.32 -2.74
CA VAL B 124 -54.71 0.80 -2.66
C VAL B 124 -53.39 0.28 -2.07
N HIS B 125 -53.45 -0.65 -1.11
N HIS B 125 -53.45 -0.62 -1.07
CA HIS B 125 -52.28 -1.23 -0.39
CA HIS B 125 -52.27 -1.23 -0.38
C HIS B 125 -52.25 -2.76 -0.59
C HIS B 125 -52.27 -2.75 -0.62
N LEU B 126 -51.19 -3.28 -1.21
CA LEU B 126 -50.97 -4.74 -1.38
C LEU B 126 -49.61 -5.11 -0.78
N ASP B 127 -49.60 -5.86 0.32
CA ASP B 127 -48.34 -6.27 0.99
C ASP B 127 -48.27 -7.80 1.06
N LEU B 128 -47.36 -8.40 0.29
CA LEU B 128 -47.15 -9.88 0.26
C LEU B 128 -45.71 -10.19 0.65
N THR B 129 -45.07 -9.29 1.41
CA THR B 129 -43.65 -9.41 1.83
C THR B 129 -43.46 -10.69 2.65
N GLY B 130 -42.28 -11.32 2.57
CA GLY B 130 -41.94 -12.48 3.42
C GLY B 130 -42.85 -13.66 3.16
N ASN B 131 -43.06 -14.01 1.89
CA ASN B 131 -43.82 -15.22 1.49
C ASN B 131 -42.94 -16.03 0.52
N ASN B 132 -43.47 -17.09 -0.07
CA ASN B 132 -42.71 -17.97 -0.99
C ASN B 132 -43.30 -17.89 -2.40
N PHE B 133 -43.89 -16.74 -2.78
CA PHE B 133 -44.47 -16.55 -4.12
C PHE B 133 -43.35 -16.67 -5.15
N SER B 134 -43.59 -17.39 -6.24
CA SER B 134 -42.58 -17.62 -7.30
C SER B 134 -43.19 -17.38 -8.68
N GLY B 135 -42.36 -17.39 -9.72
CA GLY B 135 -42.82 -17.22 -11.11
C GLY B 135 -42.87 -15.75 -11.51
N ASP B 136 -43.48 -15.46 -12.64
CA ASP B 136 -43.52 -14.10 -13.23
C ASP B 136 -44.55 -13.25 -12.47
N ILE B 137 -44.31 -11.95 -12.37
CA ILE B 137 -45.34 -10.97 -11.93
C ILE B 137 -46.38 -10.91 -13.05
N PRO B 138 -47.68 -11.12 -12.76
CA PRO B 138 -48.71 -11.17 -13.81
C PRO B 138 -48.83 -9.85 -14.60
N ALA B 139 -49.12 -9.94 -15.90
CA ALA B 139 -49.31 -8.78 -16.80
C ALA B 139 -50.47 -7.92 -16.29
N SER B 140 -51.44 -8.54 -15.61
CA SER B 140 -52.62 -7.84 -15.02
C SER B 140 -52.15 -6.74 -14.07
N PHE B 141 -50.97 -6.91 -13.43
CA PHE B 141 -50.45 -5.96 -12.41
C PHE B 141 -50.21 -4.58 -13.02
N GLY B 142 -50.00 -4.50 -14.34
CA GLY B 142 -49.90 -3.22 -15.07
C GLY B 142 -51.22 -2.44 -15.06
N LYS B 143 -52.35 -3.11 -14.85
CA LYS B 143 -53.70 -2.52 -15.02
C LYS B 143 -54.34 -2.19 -13.66
N PHE B 144 -53.60 -2.19 -12.56
CA PHE B 144 -54.15 -1.80 -11.22
C PHE B 144 -54.77 -0.40 -11.34
N GLU B 145 -56.03 -0.27 -10.93
CA GLU B 145 -56.83 0.99 -11.07
C GLU B 145 -56.37 2.04 -10.05
N ASN B 146 -56.18 1.68 -8.77
CA ASN B 146 -55.94 2.67 -7.69
C ASN B 146 -54.77 2.28 -6.79
N LEU B 147 -53.95 1.28 -7.15
CA LEU B 147 -52.90 0.77 -6.22
C LEU B 147 -51.87 1.89 -5.97
N GLU B 148 -51.55 2.14 -4.70
CA GLU B 148 -50.52 3.13 -4.29
C GLU B 148 -49.31 2.41 -3.70
N VAL B 149 -49.48 1.24 -3.10
CA VAL B 149 -48.36 0.47 -2.50
C VAL B 149 -48.37 -0.96 -3.05
N LEU B 150 -47.29 -1.36 -3.72
CA LEU B 150 -47.07 -2.77 -4.14
C LEU B 150 -45.83 -3.28 -3.42
N SER B 151 -45.97 -4.24 -2.51
CA SER B 151 -44.82 -4.83 -1.80
C SER B 151 -44.77 -6.34 -2.02
N LEU B 152 -43.74 -6.80 -2.74
CA LEU B 152 -43.50 -8.24 -3.01
C LEU B 152 -42.13 -8.61 -2.43
N VAL B 153 -41.68 -7.85 -1.43
CA VAL B 153 -40.30 -7.98 -0.85
C VAL B 153 -40.12 -9.39 -0.27
N TYR B 154 -38.90 -9.93 -0.35
CA TYR B 154 -38.51 -11.21 0.28
C TYR B 154 -39.48 -12.32 -0.14
N ASN B 155 -39.61 -12.55 -1.45
CA ASN B 155 -40.37 -13.69 -2.01
C ASN B 155 -39.40 -14.54 -2.84
N LEU B 156 -39.91 -15.47 -3.64
CA LEU B 156 -39.07 -16.32 -4.53
C LEU B 156 -39.33 -15.96 -6.00
N LEU B 157 -39.74 -14.72 -6.28
CA LEU B 157 -40.09 -14.31 -7.67
C LEU B 157 -38.83 -14.46 -8.53
N ASP B 158 -38.90 -15.21 -9.62
CA ASP B 158 -37.71 -15.57 -10.43
C ASP B 158 -37.88 -15.11 -11.89
N GLY B 159 -38.87 -14.28 -12.19
CA GLY B 159 -39.07 -13.71 -13.53
C GLY B 159 -38.25 -12.45 -13.73
N THR B 160 -38.33 -11.82 -14.89
CA THR B 160 -37.70 -10.50 -15.14
C THR B 160 -38.56 -9.42 -14.48
N ILE B 161 -37.96 -8.29 -14.12
CA ILE B 161 -38.73 -7.12 -13.59
C ILE B 161 -39.50 -6.53 -14.76
N PRO B 162 -40.85 -6.48 -14.70
CA PRO B 162 -41.68 -6.06 -15.83
C PRO B 162 -41.81 -4.56 -16.03
N PRO B 163 -41.64 -4.05 -17.28
CA PRO B 163 -41.86 -2.65 -17.60
C PRO B 163 -43.29 -2.15 -17.31
N PHE B 164 -44.28 -3.04 -17.40
CA PHE B 164 -45.72 -2.68 -17.26
C PHE B 164 -46.01 -2.17 -15.84
N LEU B 165 -45.13 -2.43 -14.87
CA LEU B 165 -45.29 -1.87 -13.49
C LEU B 165 -45.21 -0.34 -13.55
N GLY B 166 -44.51 0.21 -14.55
CA GLY B 166 -44.42 1.66 -14.79
C GLY B 166 -45.75 2.25 -15.23
N ASN B 167 -46.73 1.41 -15.59
CA ASN B 167 -48.04 1.84 -16.12
C ASN B 167 -49.03 2.09 -14.97
N ILE B 168 -48.65 1.81 -13.71
CA ILE B 168 -49.54 2.06 -12.54
C ILE B 168 -49.36 3.53 -12.13
N SER B 169 -50.15 4.44 -12.69
CA SER B 169 -50.01 5.90 -12.51
C SER B 169 -50.13 6.29 -11.04
N THR B 170 -51.00 5.60 -10.29
CA THR B 170 -51.32 5.91 -8.86
C THR B 170 -50.21 5.43 -7.92
N LEU B 171 -49.25 4.62 -8.40
CA LEU B 171 -48.26 3.96 -7.49
C LEU B 171 -47.43 5.01 -6.75
N LYS B 172 -47.31 4.86 -5.43
CA LYS B 172 -46.46 5.73 -4.56
C LYS B 172 -45.27 4.94 -4.04
N MET B 173 -45.41 3.62 -3.84
CA MET B 173 -44.29 2.77 -3.37
C MET B 173 -44.17 1.52 -4.23
N LEU B 174 -42.99 1.29 -4.81
CA LEU B 174 -42.69 0.04 -5.55
C LEU B 174 -41.63 -0.72 -4.74
N ASN B 175 -42.04 -1.77 -4.04
CA ASN B 175 -41.14 -2.54 -3.13
C ASN B 175 -41.00 -3.96 -3.67
N LEU B 176 -39.91 -4.26 -4.39
CA LEU B 176 -39.65 -5.61 -4.98
C LEU B 176 -38.32 -6.17 -4.47
N SER B 177 -37.72 -5.56 -3.44
N SER B 177 -37.71 -5.56 -3.46
CA SER B 177 -36.38 -5.91 -2.90
CA SER B 177 -36.37 -5.90 -2.92
C SER B 177 -36.32 -7.38 -2.44
C SER B 177 -36.31 -7.36 -2.42
N TYR B 178 -35.12 -7.98 -2.46
CA TYR B 178 -34.84 -9.34 -1.94
C TYR B 178 -35.68 -10.40 -2.67
N ASN B 179 -35.61 -10.41 -4.01
CA ASN B 179 -36.22 -11.48 -4.84
C ASN B 179 -35.16 -12.03 -5.79
N PRO B 180 -35.13 -13.36 -6.04
CA PRO B 180 -34.19 -13.95 -7.00
C PRO B 180 -34.68 -13.76 -8.43
N PHE B 181 -34.90 -12.51 -8.85
CA PHE B 181 -35.40 -12.18 -10.21
C PHE B 181 -34.36 -12.62 -11.25
N SER B 182 -34.81 -13.03 -12.42
CA SER B 182 -33.91 -13.24 -13.58
C SER B 182 -33.21 -11.91 -13.82
N PRO B 183 -31.89 -11.87 -14.12
CA PRO B 183 -31.20 -10.59 -14.30
C PRO B 183 -32.00 -9.66 -15.22
N SER B 184 -32.30 -8.44 -14.76
CA SER B 184 -33.18 -7.50 -15.49
C SER B 184 -32.64 -6.08 -15.40
N ARG B 185 -32.81 -5.30 -16.46
CA ARG B 185 -32.52 -3.84 -16.45
C ARG B 185 -33.67 -3.15 -15.73
N ILE B 186 -33.43 -1.98 -15.15
CA ILE B 186 -34.53 -1.13 -14.61
C ILE B 186 -35.28 -0.60 -15.84
N PRO B 187 -36.58 -0.90 -16.01
CA PRO B 187 -37.31 -0.40 -17.17
C PRO B 187 -37.31 1.13 -17.14
N PRO B 188 -36.96 1.80 -18.25
CA PRO B 188 -37.02 3.27 -18.33
C PRO B 188 -38.46 3.76 -18.11
N GLU B 189 -39.44 2.90 -18.38
CA GLU B 189 -40.88 3.20 -18.18
C GLU B 189 -41.16 3.50 -16.70
N PHE B 190 -40.32 3.04 -15.78
CA PHE B 190 -40.44 3.31 -14.33
C PHE B 190 -40.35 4.82 -14.06
N GLY B 191 -39.65 5.55 -14.93
CA GLY B 191 -39.56 7.02 -14.86
C GLY B 191 -40.91 7.69 -15.03
N ASN B 192 -41.89 6.98 -15.59
CA ASN B 192 -43.26 7.53 -15.84
C ASN B 192 -44.16 7.32 -14.61
N LEU B 193 -43.64 6.75 -13.53
CA LEU B 193 -44.38 6.66 -12.24
C LEU B 193 -44.28 8.02 -11.53
N THR B 194 -45.06 9.01 -11.98
CA THR B 194 -44.95 10.42 -11.54
C THR B 194 -45.19 10.54 -10.02
N ASN B 195 -46.08 9.74 -9.44
CA ASN B 195 -46.47 9.86 -8.01
C ASN B 195 -45.55 9.01 -7.12
N LEU B 196 -44.57 8.31 -7.70
CA LEU B 196 -43.72 7.36 -6.91
C LEU B 196 -42.94 8.14 -5.84
N GLU B 197 -42.95 7.64 -4.61
CA GLU B 197 -42.20 8.23 -3.47
C GLU B 197 -41.10 7.25 -3.03
N VAL B 198 -41.30 5.96 -3.23
CA VAL B 198 -40.28 4.94 -2.83
C VAL B 198 -40.04 3.97 -4.01
N MET B 199 -38.78 3.83 -4.41
CA MET B 199 -38.35 2.77 -5.36
C MET B 199 -37.36 1.88 -4.62
N TRP B 200 -37.82 0.73 -4.13
CA TRP B 200 -36.98 -0.18 -3.31
C TRP B 200 -36.67 -1.44 -4.11
N LEU B 201 -35.50 -1.49 -4.76
CA LEU B 201 -35.10 -2.61 -5.65
C LEU B 201 -33.78 -3.21 -5.19
N THR B 202 -33.52 -3.22 -3.88
CA THR B 202 -32.29 -3.81 -3.29
C THR B 202 -32.26 -5.31 -3.58
N GLU B 203 -31.11 -5.87 -3.97
CA GLU B 203 -30.93 -7.33 -4.18
C GLU B 203 -32.03 -7.86 -5.12
N CYS B 204 -32.20 -7.23 -6.29
CA CYS B 204 -33.20 -7.63 -7.32
C CYS B 204 -32.50 -8.16 -8.57
N HIS B 205 -31.19 -8.42 -8.50
CA HIS B 205 -30.37 -8.92 -9.65
C HIS B 205 -30.46 -7.91 -10.81
N LEU B 206 -30.48 -6.61 -10.51
CA LEU B 206 -30.55 -5.56 -11.56
C LEU B 206 -29.22 -5.56 -12.35
N VAL B 207 -29.30 -5.36 -13.66
CA VAL B 207 -28.12 -5.29 -14.56
C VAL B 207 -28.28 -4.05 -15.43
N GLY B 208 -27.23 -3.67 -16.16
CA GLY B 208 -27.29 -2.53 -17.09
C GLY B 208 -27.13 -1.22 -16.33
N GLN B 209 -27.57 -0.10 -16.93
CA GLN B 209 -27.32 1.25 -16.38
C GLN B 209 -28.60 1.80 -15.75
N ILE B 210 -28.45 2.72 -14.80
CA ILE B 210 -29.60 3.46 -14.21
C ILE B 210 -30.17 4.34 -15.32
N PRO B 211 -31.49 4.24 -15.64
CA PRO B 211 -32.08 5.03 -16.71
C PRO B 211 -32.11 6.52 -16.36
N ASP B 212 -31.86 7.39 -17.35
CA ASP B 212 -31.96 8.86 -17.19
C ASP B 212 -33.39 9.24 -16.82
N SER B 213 -34.37 8.43 -17.23
CA SER B 213 -35.82 8.68 -16.98
C SER B 213 -36.12 8.77 -15.49
N LEU B 214 -35.32 8.12 -14.64
CA LEU B 214 -35.55 8.11 -13.17
C LEU B 214 -35.49 9.54 -12.62
N GLY B 215 -34.78 10.44 -13.31
CA GLY B 215 -34.71 11.87 -12.96
C GLY B 215 -36.07 12.55 -13.00
N GLN B 216 -37.03 12.01 -13.76
CA GLN B 216 -38.40 12.57 -13.90
C GLN B 216 -39.20 12.37 -12.61
N LEU B 217 -38.74 11.54 -11.67
CA LEU B 217 -39.51 11.20 -10.45
C LEU B 217 -39.36 12.32 -9.42
N SER B 218 -40.07 13.44 -9.64
CA SER B 218 -39.98 14.66 -8.80
C SER B 218 -40.46 14.40 -7.36
N LYS B 219 -41.37 13.45 -7.14
CA LYS B 219 -41.96 13.18 -5.81
C LYS B 219 -41.20 12.06 -5.08
N LEU B 220 -40.17 11.47 -5.71
CA LEU B 220 -39.43 10.33 -5.09
C LEU B 220 -38.76 10.81 -3.80
N VAL B 221 -38.91 10.07 -2.71
CA VAL B 221 -38.27 10.36 -1.39
C VAL B 221 -37.11 9.38 -1.19
N ASP B 222 -37.27 8.13 -1.63
CA ASP B 222 -36.24 7.08 -1.44
C ASP B 222 -35.94 6.40 -2.78
N LEU B 223 -34.69 6.43 -3.22
CA LEU B 223 -34.22 5.65 -4.39
C LEU B 223 -33.24 4.59 -3.88
N ASP B 224 -33.61 3.32 -3.91
CA ASP B 224 -32.74 2.23 -3.39
C ASP B 224 -32.52 1.20 -4.50
N LEU B 225 -31.33 1.18 -5.08
CA LEU B 225 -30.92 0.22 -6.15
C LEU B 225 -29.69 -0.54 -5.68
N ALA B 226 -29.50 -0.67 -4.36
CA ALA B 226 -28.29 -1.24 -3.75
C ALA B 226 -28.23 -2.76 -3.96
N LEU B 227 -27.04 -3.35 -3.80
CA LEU B 227 -26.81 -4.83 -3.86
C LEU B 227 -27.29 -5.38 -5.20
N ASN B 228 -26.88 -4.77 -6.30
CA ASN B 228 -27.20 -5.24 -7.68
C ASN B 228 -25.91 -5.22 -8.51
N ASP B 229 -26.00 -5.46 -9.82
CA ASP B 229 -24.82 -5.45 -10.72
C ASP B 229 -24.94 -4.27 -11.69
N LEU B 230 -25.48 -3.15 -11.24
CA LEU B 230 -25.67 -1.94 -12.09
C LEU B 230 -24.30 -1.43 -12.53
N VAL B 231 -24.19 -1.01 -13.79
CA VAL B 231 -22.92 -0.51 -14.39
C VAL B 231 -23.20 0.88 -14.97
N GLY B 232 -22.16 1.55 -15.46
CA GLY B 232 -22.30 2.91 -16.03
C GLY B 232 -22.19 3.97 -14.95
N HIS B 233 -22.57 5.20 -15.25
CA HIS B 233 -22.40 6.37 -14.35
C HIS B 233 -23.72 6.65 -13.61
N ILE B 234 -23.64 7.28 -12.44
CA ILE B 234 -24.83 7.85 -11.76
C ILE B 234 -25.32 8.95 -12.69
N PRO B 235 -26.58 8.91 -13.19
CA PRO B 235 -27.04 9.92 -14.15
C PRO B 235 -27.08 11.33 -13.56
N PRO B 236 -26.55 12.36 -14.28
CA PRO B 236 -26.72 13.75 -13.86
C PRO B 236 -28.20 14.15 -13.76
N SER B 237 -29.06 13.45 -14.50
CA SER B 237 -30.53 13.66 -14.50
C SER B 237 -31.11 13.45 -13.09
N LEU B 238 -30.41 12.72 -12.22
CA LEU B 238 -30.86 12.45 -10.83
C LEU B 238 -30.95 13.77 -10.05
N GLY B 239 -30.34 14.84 -10.55
CA GLY B 239 -30.51 16.20 -9.99
C GLY B 239 -31.95 16.67 -10.07
N GLY B 240 -32.77 16.04 -10.91
CA GLY B 240 -34.21 16.35 -11.06
C GLY B 240 -35.06 15.72 -9.97
N LEU B 241 -34.48 14.92 -9.07
CA LEU B 241 -35.21 14.31 -7.94
C LEU B 241 -35.41 15.36 -6.84
N THR B 242 -36.36 16.28 -7.02
CA THR B 242 -36.57 17.46 -6.14
C THR B 242 -36.80 17.04 -4.68
N ASN B 243 -37.62 16.01 -4.43
CA ASN B 243 -38.06 15.66 -3.05
C ASN B 243 -37.21 14.53 -2.47
N VAL B 244 -36.17 14.06 -3.16
CA VAL B 244 -35.41 12.85 -2.70
C VAL B 244 -34.71 13.18 -1.36
N VAL B 245 -34.79 12.25 -0.40
CA VAL B 245 -34.13 12.38 0.93
C VAL B 245 -33.07 11.28 1.05
N GLN B 246 -33.30 10.12 0.43
CA GLN B 246 -32.41 8.95 0.60
C GLN B 246 -32.03 8.39 -0.78
N ILE B 247 -30.75 8.23 -1.06
CA ILE B 247 -30.28 7.54 -2.29
C ILE B 247 -29.34 6.42 -1.87
N GLU B 248 -29.69 5.17 -2.18
CA GLU B 248 -28.85 3.99 -1.86
C GLU B 248 -28.43 3.32 -3.18
N LEU B 249 -27.16 3.43 -3.54
CA LEU B 249 -26.60 2.81 -4.78
C LEU B 249 -25.44 1.90 -4.40
N TYR B 250 -25.31 1.53 -3.14
CA TYR B 250 -24.12 0.81 -2.63
C TYR B 250 -24.08 -0.62 -3.19
N ASN B 251 -22.88 -1.18 -3.26
CA ASN B 251 -22.62 -2.57 -3.72
C ASN B 251 -23.18 -2.74 -5.14
N ASN B 252 -22.70 -1.92 -6.07
CA ASN B 252 -22.98 -2.07 -7.53
C ASN B 252 -21.63 -2.04 -8.24
N SER B 253 -21.61 -1.96 -9.57
CA SER B 253 -20.36 -1.82 -10.36
C SER B 253 -20.34 -0.45 -11.05
N LEU B 254 -20.92 0.57 -10.41
CA LEU B 254 -21.04 1.92 -11.02
C LEU B 254 -19.64 2.54 -11.19
N THR B 255 -19.44 3.26 -12.30
CA THR B 255 -18.16 3.94 -12.63
C THR B 255 -18.45 5.43 -12.84
N GLY B 256 -17.42 6.20 -13.15
CA GLY B 256 -17.54 7.64 -13.45
C GLY B 256 -17.55 8.47 -12.17
N GLU B 257 -17.88 9.75 -12.28
CA GLU B 257 -17.78 10.72 -11.16
C GLU B 257 -19.15 10.93 -10.54
N ILE B 258 -19.19 11.29 -9.26
CA ILE B 258 -20.45 11.68 -8.56
C ILE B 258 -20.91 12.99 -9.20
N PRO B 259 -22.14 13.09 -9.73
CA PRO B 259 -22.60 14.30 -10.42
C PRO B 259 -22.67 15.49 -9.47
N PRO B 260 -22.18 16.69 -9.88
CA PRO B 260 -22.35 17.91 -9.10
C PRO B 260 -23.84 18.27 -8.99
N GLU B 261 -24.67 17.78 -9.92
CA GLU B 261 -26.13 18.03 -9.94
C GLU B 261 -26.79 17.47 -8.69
N LEU B 262 -26.16 16.53 -7.99
CA LEU B 262 -26.68 16.00 -6.70
C LEU B 262 -26.77 17.14 -5.68
N GLY B 263 -25.98 18.21 -5.86
CA GLY B 263 -26.06 19.42 -5.03
C GLY B 263 -27.40 20.13 -5.15
N ASN B 264 -28.11 19.93 -6.27
CA ASN B 264 -29.45 20.54 -6.52
C ASN B 264 -30.51 19.87 -5.65
N LEU B 265 -30.19 18.72 -5.03
CA LEU B 265 -31.16 17.96 -4.20
C LEU B 265 -31.17 18.55 -2.79
N LYS B 266 -32.02 19.55 -2.55
CA LYS B 266 -32.08 20.30 -1.27
C LYS B 266 -32.52 19.38 -0.12
N SER B 267 -33.41 18.42 -0.37
CA SER B 267 -33.98 17.55 0.69
C SER B 267 -33.10 16.32 0.95
N LEU B 268 -32.05 16.10 0.14
CA LEU B 268 -31.20 14.90 0.27
C LEU B 268 -30.50 14.93 1.63
N ARG B 269 -30.61 13.84 2.41
CA ARG B 269 -29.97 13.72 3.74
C ARG B 269 -29.09 12.48 3.79
N LEU B 270 -29.49 11.40 3.12
CA LEU B 270 -28.76 10.11 3.18
C LEU B 270 -28.27 9.73 1.79
N LEU B 271 -26.96 9.65 1.59
CA LEU B 271 -26.39 9.17 0.31
C LEU B 271 -25.41 8.03 0.60
N ASP B 272 -25.66 6.85 0.03
CA ASP B 272 -24.71 5.72 0.16
C ASP B 272 -24.44 5.16 -1.25
N ALA B 273 -23.28 5.47 -1.82
CA ALA B 273 -22.83 4.92 -3.12
C ALA B 273 -21.52 4.15 -2.88
N SER B 274 -21.39 3.55 -1.68
N SER B 274 -21.39 3.55 -1.68
CA SER B 274 -20.18 2.81 -1.26
CA SER B 274 -20.19 2.80 -1.23
C SER B 274 -20.06 1.51 -2.06
C SER B 274 -20.07 1.49 -2.02
N MET B 275 -18.87 0.90 -2.06
CA MET B 275 -18.61 -0.40 -2.75
C MET B 275 -19.00 -0.28 -4.23
N ASN B 276 -18.48 0.74 -4.90
CA ASN B 276 -18.63 0.92 -6.37
C ASN B 276 -17.23 1.16 -6.93
N GLN B 277 -17.13 1.54 -8.21
CA GLN B 277 -15.83 1.88 -8.86
C GLN B 277 -15.83 3.36 -9.22
N LEU B 278 -16.46 4.20 -8.40
CA LEU B 278 -16.59 5.65 -8.69
C LEU B 278 -15.20 6.29 -8.66
N THR B 279 -14.95 7.23 -9.57
CA THR B 279 -13.65 7.93 -9.70
C THR B 279 -13.88 9.44 -9.63
N GLY B 280 -12.81 10.22 -9.55
CA GLY B 280 -12.88 11.68 -9.51
C GLY B 280 -13.05 12.19 -8.10
N LYS B 281 -13.49 13.43 -7.94
CA LYS B 281 -13.53 14.10 -6.62
C LYS B 281 -14.96 14.16 -6.10
N ILE B 282 -15.14 14.24 -4.79
CA ILE B 282 -16.47 14.46 -4.17
C ILE B 282 -16.85 15.92 -4.43
N PRO B 283 -17.97 16.20 -5.14
CA PRO B 283 -18.31 17.57 -5.52
C PRO B 283 -18.62 18.46 -4.30
N ASP B 284 -18.16 19.71 -4.33
CA ASP B 284 -18.41 20.71 -3.26
C ASP B 284 -19.93 20.94 -3.16
N GLU B 285 -20.63 20.95 -4.29
CA GLU B 285 -22.08 21.24 -4.35
C GLU B 285 -22.84 20.21 -3.50
N LEU B 286 -22.48 18.92 -3.63
CA LEU B 286 -23.10 17.83 -2.83
C LEU B 286 -22.84 18.09 -1.35
N CYS B 287 -21.60 18.45 -1.00
CA CYS B 287 -21.17 18.66 0.40
C CYS B 287 -21.85 19.91 1.00
N ARG B 288 -22.24 20.87 0.17
CA ARG B 288 -22.98 22.09 0.62
C ARG B 288 -24.37 21.70 1.15
N VAL B 289 -24.96 20.64 0.61
CA VAL B 289 -26.28 20.11 1.08
C VAL B 289 -26.11 19.69 2.54
N PRO B 290 -27.08 20.00 3.44
CA PRO B 290 -26.97 19.64 4.85
C PRO B 290 -27.26 18.14 5.10
N LEU B 291 -26.33 17.28 4.68
CA LEU B 291 -26.50 15.81 4.71
C LEU B 291 -26.48 15.28 6.16
N GLU B 292 -27.17 14.18 6.41
CA GLU B 292 -27.12 13.46 7.71
C GLU B 292 -26.05 12.37 7.64
N SER B 293 -25.97 11.67 6.51
CA SER B 293 -25.00 10.56 6.31
C SER B 293 -24.40 10.60 4.90
N LEU B 294 -23.08 10.58 4.80
CA LEU B 294 -22.39 10.48 3.50
C LEU B 294 -21.51 9.23 3.52
N ASN B 295 -21.90 8.19 2.77
CA ASN B 295 -21.13 6.93 2.69
C ASN B 295 -20.63 6.75 1.25
N LEU B 296 -19.33 6.88 1.03
CA LEU B 296 -18.71 6.71 -0.31
C LEU B 296 -17.51 5.76 -0.20
N TYR B 297 -17.51 4.89 0.81
CA TYR B 297 -16.34 4.02 1.11
C TYR B 297 -16.17 2.96 0.02
N GLU B 298 -14.94 2.43 -0.10
CA GLU B 298 -14.58 1.36 -1.07
C GLU B 298 -14.95 1.81 -2.50
N ASN B 299 -14.47 2.99 -2.89
CA ASN B 299 -14.56 3.49 -4.29
C ASN B 299 -13.13 3.77 -4.77
N ASN B 300 -12.95 4.45 -5.90
CA ASN B 300 -11.60 4.87 -6.37
C ASN B 300 -11.54 6.39 -6.39
N LEU B 301 -12.18 7.05 -5.41
CA LEU B 301 -12.29 8.54 -5.37
C LEU B 301 -10.92 9.13 -5.00
N GLU B 302 -10.69 10.38 -5.42
CA GLU B 302 -9.42 11.10 -5.15
C GLU B 302 -9.74 12.57 -4.91
N GLY B 303 -8.73 13.38 -4.58
CA GLY B 303 -8.89 14.81 -4.32
C GLY B 303 -9.24 15.05 -2.86
N GLU B 304 -9.59 16.29 -2.52
CA GLU B 304 -9.81 16.70 -1.11
C GLU B 304 -11.28 16.51 -0.75
N LEU B 305 -11.57 16.29 0.53
CA LEU B 305 -12.96 16.33 1.06
C LEU B 305 -13.34 17.79 1.23
N PRO B 306 -14.40 18.28 0.54
CA PRO B 306 -14.79 19.69 0.65
C PRO B 306 -15.12 20.09 2.09
N ALA B 307 -14.65 21.26 2.52
CA ALA B 307 -14.86 21.80 3.89
C ALA B 307 -16.35 22.06 4.13
N SER B 308 -17.13 22.22 3.07
CA SER B 308 -18.60 22.51 3.14
C SER B 308 -19.33 21.42 3.90
N ILE B 309 -18.82 20.19 3.93
CA ILE B 309 -19.48 19.05 4.65
C ILE B 309 -19.58 19.40 6.15
N ALA B 310 -18.61 20.11 6.70
CA ALA B 310 -18.58 20.51 8.13
C ALA B 310 -19.73 21.49 8.43
N LEU B 311 -20.24 22.19 7.41
CA LEU B 311 -21.34 23.18 7.58
C LEU B 311 -22.64 22.49 7.99
N SER B 312 -22.87 21.23 7.58
CA SER B 312 -24.18 20.55 7.82
C SER B 312 -24.47 20.48 9.33
N PRO B 313 -25.67 20.93 9.77
CA PRO B 313 -26.09 20.79 11.16
C PRO B 313 -26.69 19.41 11.48
N ASN B 314 -26.89 18.58 10.45
CA ASN B 314 -27.57 17.27 10.59
C ASN B 314 -26.57 16.11 10.46
N LEU B 315 -25.30 16.37 10.20
CA LEU B 315 -24.32 15.30 9.84
C LEU B 315 -23.99 14.46 11.08
N TYR B 316 -24.29 13.16 11.04
CA TYR B 316 -23.91 12.22 12.13
C TYR B 316 -23.00 11.11 11.60
N GLU B 317 -22.91 10.91 10.28
CA GLU B 317 -22.13 9.77 9.73
C GLU B 317 -21.35 10.20 8.48
N ILE B 318 -20.05 9.94 8.47
CA ILE B 318 -19.20 10.06 7.25
C ILE B 318 -18.34 8.80 7.20
N ARG B 319 -18.56 7.94 6.19
N ARG B 319 -18.56 7.94 6.19
CA ARG B 319 -17.76 6.70 5.96
CA ARG B 319 -17.76 6.70 5.96
C ARG B 319 -17.22 6.75 4.52
C ARG B 319 -17.22 6.75 4.52
N ILE B 320 -15.98 7.22 4.35
CA ILE B 320 -15.35 7.40 3.00
C ILE B 320 -14.04 6.61 2.96
N PHE B 321 -13.93 5.55 3.75
CA PHE B 321 -12.69 4.73 3.86
C PHE B 321 -12.46 3.97 2.54
N GLY B 322 -11.24 3.50 2.33
CA GLY B 322 -10.86 2.77 1.10
C GLY B 322 -11.00 3.63 -0.14
N ASN B 323 -10.41 4.83 -0.12
CA ASN B 323 -10.33 5.72 -1.32
C ASN B 323 -8.88 6.25 -1.40
N ARG B 324 -8.62 7.21 -2.29
CA ARG B 324 -7.29 7.85 -2.40
C ARG B 324 -7.43 9.35 -2.10
N LEU B 325 -8.30 9.70 -1.14
CA LEU B 325 -8.59 11.12 -0.80
C LEU B 325 -7.34 11.74 -0.17
N THR B 326 -7.07 13.02 -0.47
CA THR B 326 -5.84 13.73 0.00
C THR B 326 -6.23 15.01 0.75
N GLY B 327 -5.23 15.66 1.33
CA GLY B 327 -5.42 16.92 2.08
C GLY B 327 -5.83 16.64 3.51
N GLY B 328 -6.34 17.67 4.21
CA GLY B 328 -6.73 17.56 5.62
C GLY B 328 -8.23 17.42 5.78
N LEU B 329 -8.69 16.92 6.92
CA LEU B 329 -10.12 16.91 7.28
C LEU B 329 -10.56 18.36 7.53
N PRO B 330 -11.86 18.70 7.35
CA PRO B 330 -12.32 20.07 7.55
C PRO B 330 -12.01 20.53 8.98
N LYS B 331 -11.50 21.74 9.14
CA LYS B 331 -11.09 22.32 10.44
C LYS B 331 -12.29 22.30 11.41
N ASP B 332 -13.50 22.59 10.91
CA ASP B 332 -14.71 22.76 11.74
C ASP B 332 -15.51 21.45 11.81
N LEU B 333 -14.97 20.32 11.35
CA LEU B 333 -15.72 19.05 11.35
C LEU B 333 -16.12 18.70 12.78
N GLY B 334 -17.41 18.47 13.04
CA GLY B 334 -17.95 18.10 14.36
C GLY B 334 -18.41 19.30 15.17
N LEU B 335 -17.99 20.52 14.79
CA LEU B 335 -18.34 21.77 15.52
C LEU B 335 -19.84 22.04 15.39
N ASN B 336 -20.41 21.88 14.19
CA ASN B 336 -21.80 22.28 13.89
C ASN B 336 -22.73 21.06 13.76
N SER B 337 -22.23 19.84 13.96
CA SER B 337 -23.01 18.61 13.66
C SER B 337 -22.91 17.61 14.80
N PRO B 338 -23.97 16.80 15.05
CA PRO B 338 -23.92 15.72 16.03
C PRO B 338 -23.20 14.50 15.45
N LEU B 339 -21.91 14.63 15.16
CA LEU B 339 -21.12 13.57 14.51
C LEU B 339 -21.05 12.36 15.44
N ARG B 340 -21.44 11.17 14.95
CA ARG B 340 -21.42 9.92 15.74
C ARG B 340 -20.40 8.95 15.15
N TRP B 341 -20.41 8.76 13.83
CA TRP B 341 -19.51 7.78 13.15
C TRP B 341 -18.64 8.50 12.13
N LEU B 342 -17.32 8.48 12.33
CA LEU B 342 -16.35 9.02 11.34
C LEU B 342 -15.42 7.89 10.92
N ASP B 343 -15.42 7.52 9.64
CA ASP B 343 -14.45 6.52 9.10
C ASP B 343 -13.82 7.09 7.83
N VAL B 344 -12.56 7.51 7.93
CA VAL B 344 -11.78 8.03 6.77
C VAL B 344 -10.55 7.13 6.57
N SER B 345 -10.61 5.90 7.06
CA SER B 345 -9.46 4.95 7.05
C SER B 345 -9.04 4.62 5.61
N GLU B 346 -7.81 4.14 5.42
CA GLU B 346 -7.29 3.72 4.10
C GLU B 346 -7.49 4.85 3.09
N ASN B 347 -6.96 6.04 3.40
CA ASN B 347 -6.95 7.20 2.47
C ASN B 347 -5.55 7.81 2.50
N GLU B 348 -5.36 8.99 1.90
CA GLU B 348 -4.06 9.71 1.92
C GLU B 348 -4.20 11.03 2.68
N PHE B 349 -5.08 11.07 3.68
CA PHE B 349 -5.33 12.31 4.48
C PHE B 349 -4.08 12.65 5.29
N SER B 350 -3.83 13.94 5.49
CA SER B 350 -2.63 14.44 6.23
C SER B 350 -3.05 15.58 7.16
N GLY B 351 -2.11 16.05 8.00
CA GLY B 351 -2.33 17.21 8.89
C GLY B 351 -2.91 16.79 10.23
N ASP B 352 -3.18 17.76 11.09
CA ASP B 352 -3.73 17.53 12.46
C ASP B 352 -5.19 17.08 12.34
N LEU B 353 -5.66 16.29 13.31
CA LEU B 353 -7.10 15.98 13.44
C LEU B 353 -7.84 17.28 13.76
N PRO B 354 -9.10 17.45 13.29
CA PRO B 354 -9.88 18.64 13.66
C PRO B 354 -10.02 18.75 15.19
N ALA B 355 -9.94 19.97 15.72
CA ALA B 355 -9.89 20.24 17.18
C ALA B 355 -11.21 19.86 17.88
N ASP B 356 -12.36 19.93 17.20
CA ASP B 356 -13.67 19.77 17.89
C ASP B 356 -14.54 18.73 17.16
N LEU B 357 -14.04 17.50 16.98
CA LEU B 357 -14.82 16.39 16.37
C LEU B 357 -15.99 16.01 17.27
N CYS B 358 -15.80 16.08 18.60
CA CYS B 358 -16.80 15.62 19.60
C CYS B 358 -17.45 16.81 20.31
N ALA B 359 -17.56 17.96 19.64
CA ALA B 359 -18.13 19.19 20.22
C ALA B 359 -19.56 18.94 20.72
N LYS B 360 -20.36 18.18 19.96
CA LYS B 360 -21.78 17.92 20.31
C LYS B 360 -21.89 16.72 21.25
N GLY B 361 -20.77 16.05 21.57
CA GLY B 361 -20.70 15.00 22.61
C GLY B 361 -21.35 13.70 22.19
N GLU B 362 -21.45 13.43 20.88
CA GLU B 362 -22.13 12.21 20.35
C GLU B 362 -21.15 11.30 19.61
N LEU B 363 -19.87 11.65 19.47
CA LEU B 363 -18.92 10.84 18.65
C LEU B 363 -18.69 9.48 19.31
N GLU B 364 -19.00 8.40 18.61
CA GLU B 364 -18.87 7.00 19.12
C GLU B 364 -17.70 6.29 18.42
N GLU B 365 -17.54 6.48 17.11
CA GLU B 365 -16.51 5.75 16.34
C GLU B 365 -15.58 6.76 15.67
N LEU B 366 -14.30 6.70 16.02
CA LEU B 366 -13.23 7.50 15.36
C LEU B 366 -12.28 6.52 14.67
N LEU B 367 -12.46 6.28 13.38
CA LEU B 367 -11.67 5.28 12.62
C LEU B 367 -10.91 5.99 11.51
N ILE B 368 -9.59 6.12 11.64
CA ILE B 368 -8.77 6.91 10.69
C ILE B 368 -7.49 6.14 10.32
N ILE B 369 -7.49 4.81 10.40
CA ILE B 369 -6.24 4.00 10.23
C ILE B 369 -5.74 4.12 8.78
N HIS B 370 -4.45 3.87 8.57
CA HIS B 370 -3.80 3.87 7.23
C HIS B 370 -4.00 5.25 6.58
N ASN B 371 -3.56 6.30 7.27
CA ASN B 371 -3.53 7.69 6.72
C ASN B 371 -2.18 8.30 7.11
N SER B 372 -1.97 9.57 6.83
CA SER B 372 -0.72 10.30 7.22
C SER B 372 -1.04 11.41 8.23
N PHE B 373 -2.06 11.21 9.07
CA PHE B 373 -2.46 12.22 10.09
C PHE B 373 -1.29 12.44 11.05
N SER B 374 -1.06 13.68 11.47
CA SER B 374 0.11 14.07 12.29
C SER B 374 -0.34 14.92 13.48
N GLY B 375 0.61 15.26 14.34
CA GLY B 375 0.36 16.11 15.52
C GLY B 375 -0.11 15.29 16.71
N VAL B 376 -0.56 15.97 17.77
CA VAL B 376 -1.00 15.31 19.03
C VAL B 376 -2.51 15.05 18.93
N ILE B 377 -3.02 14.10 19.71
CA ILE B 377 -4.48 13.86 19.84
C ILE B 377 -5.10 15.15 20.39
N PRO B 378 -6.19 15.67 19.80
CA PRO B 378 -6.86 16.86 20.32
C PRO B 378 -7.27 16.67 21.80
N GLU B 379 -7.01 17.67 22.64
CA GLU B 379 -7.30 17.62 24.10
C GLU B 379 -8.81 17.43 24.33
N SER B 380 -9.64 17.98 23.43
CA SER B 380 -11.12 17.88 23.52
C SER B 380 -11.57 16.42 23.57
N LEU B 381 -10.90 15.53 22.84
CA LEU B 381 -11.28 14.10 22.73
C LEU B 381 -11.14 13.41 24.09
N ALA B 382 -10.32 13.95 25.00
CA ALA B 382 -10.17 13.42 26.37
C ALA B 382 -11.51 13.50 27.10
N ASP B 383 -12.38 14.46 26.74
CA ASP B 383 -13.70 14.64 27.37
C ASP B 383 -14.80 13.96 26.54
N CYS B 384 -14.46 13.28 25.44
CA CYS B 384 -15.46 12.63 24.55
C CYS B 384 -15.85 11.27 25.13
N ARG B 385 -16.71 11.26 26.14
CA ARG B 385 -17.11 10.03 26.88
C ARG B 385 -18.03 9.15 26.02
N SER B 386 -18.58 9.68 24.93
CA SER B 386 -19.46 8.93 23.99
C SER B 386 -18.66 7.89 23.20
N LEU B 387 -17.34 8.03 23.08
CA LEU B 387 -16.50 7.16 22.21
C LEU B 387 -16.60 5.69 22.64
N THR B 388 -16.80 4.78 21.68
CA THR B 388 -16.85 3.32 21.91
C THR B 388 -15.69 2.63 21.18
N ARG B 389 -15.32 3.11 19.99
CA ARG B 389 -14.23 2.51 19.19
C ARG B 389 -13.28 3.60 18.69
N ILE B 390 -11.99 3.48 19.02
CA ILE B 390 -10.95 4.45 18.58
C ILE B 390 -9.87 3.68 17.81
N ARG B 391 -9.69 4.00 16.52
CA ARG B 391 -8.61 3.40 15.70
C ARG B 391 -7.81 4.53 15.03
N LEU B 392 -6.66 4.87 15.61
CA LEU B 392 -5.76 5.93 15.08
C LEU B 392 -4.50 5.28 14.51
N ALA B 393 -4.52 3.96 14.31
CA ALA B 393 -3.33 3.17 13.94
C ALA B 393 -2.82 3.53 12.55
N TYR B 394 -1.55 3.27 12.26
CA TYR B 394 -0.92 3.46 10.93
C TYR B 394 -1.08 4.93 10.51
N ASN B 395 -0.64 5.85 11.37
CA ASN B 395 -0.62 7.31 11.10
C ASN B 395 0.75 7.85 11.52
N ARG B 396 0.91 9.18 11.55
CA ARG B 396 2.19 9.84 11.94
C ARG B 396 1.99 10.64 13.22
N PHE B 397 1.08 10.22 14.11
CA PHE B 397 0.74 10.96 15.35
C PHE B 397 1.94 10.96 16.32
N SER B 398 2.05 12.02 17.11
CA SER B 398 3.16 12.20 18.08
C SER B 398 2.60 12.73 19.40
N GLY B 399 3.46 12.82 20.42
CA GLY B 399 3.10 13.38 21.74
C GLY B 399 2.51 12.33 22.65
N SER B 400 2.23 12.69 23.90
CA SER B 400 1.61 11.81 24.91
C SER B 400 0.13 11.66 24.58
N VAL B 401 -0.46 10.52 24.92
CA VAL B 401 -1.94 10.35 24.83
C VAL B 401 -2.53 11.10 26.01
N PRO B 402 -3.54 11.99 25.80
CA PRO B 402 -4.09 12.78 26.90
C PRO B 402 -4.62 11.89 28.03
N THR B 403 -4.48 12.34 29.28
CA THR B 403 -4.86 11.55 30.48
C THR B 403 -6.30 11.07 30.38
N GLY B 404 -7.22 11.97 30.02
CA GLY B 404 -8.66 11.65 29.90
C GLY B 404 -8.92 10.58 28.86
N PHE B 405 -8.17 10.60 27.75
CA PHE B 405 -8.35 9.67 26.61
C PHE B 405 -8.17 8.22 27.06
N TRP B 406 -7.21 7.98 27.97
CA TRP B 406 -6.93 6.62 28.52
C TRP B 406 -8.16 6.10 29.29
N GLY B 407 -8.87 6.97 30.02
CA GLY B 407 -9.91 6.56 30.97
C GLY B 407 -11.33 6.68 30.43
N LEU B 408 -11.52 6.85 29.12
CA LEU B 408 -12.89 7.02 28.57
C LEU B 408 -13.73 5.79 28.92
N PRO B 409 -14.94 5.98 29.50
CA PRO B 409 -15.72 4.87 30.06
C PRO B 409 -16.30 3.82 29.11
N HIS B 410 -16.77 4.19 27.91
CA HIS B 410 -17.48 3.26 27.00
C HIS B 410 -16.54 2.70 25.92
N VAL B 411 -15.25 3.05 25.94
CA VAL B 411 -14.31 2.62 24.85
C VAL B 411 -14.09 1.12 24.99
N ASN B 412 -14.40 0.36 23.94
CA ASN B 412 -14.22 -1.11 23.90
C ASN B 412 -12.91 -1.44 23.18
N LEU B 413 -12.54 -0.61 22.19
CA LEU B 413 -11.31 -0.82 21.39
C LEU B 413 -10.49 0.46 21.36
N LEU B 414 -9.23 0.40 21.79
CA LEU B 414 -8.28 1.53 21.66
C LEU B 414 -7.06 1.02 20.86
N GLU B 415 -6.97 1.41 19.59
CA GLU B 415 -5.88 0.94 18.69
C GLU B 415 -5.04 2.14 18.26
N LEU B 416 -3.80 2.24 18.77
CA LEU B 416 -2.86 3.36 18.48
C LEU B 416 -1.62 2.82 17.79
N VAL B 417 -1.69 1.60 17.25
CA VAL B 417 -0.53 0.85 16.69
C VAL B 417 0.12 1.67 15.56
N ASN B 418 1.45 1.57 15.41
CA ASN B 418 2.21 2.16 14.29
C ASN B 418 2.02 3.69 14.25
N ASN B 419 2.40 4.36 15.34
CA ASN B 419 2.45 5.84 15.42
C ASN B 419 3.76 6.22 16.11
N SER B 420 3.97 7.50 16.40
CA SER B 420 5.15 7.96 17.17
C SER B 420 4.72 8.45 18.56
N PHE B 421 3.64 7.88 19.10
CA PHE B 421 3.11 8.26 20.44
C PHE B 421 4.18 7.99 21.49
N SER B 422 4.35 8.93 22.43
CA SER B 422 5.33 8.80 23.54
C SER B 422 4.58 8.95 24.86
N GLY B 423 5.31 9.16 25.96
CA GLY B 423 4.71 9.33 27.29
C GLY B 423 4.35 7.99 27.90
N GLU B 424 3.47 7.97 28.89
CA GLU B 424 3.16 6.76 29.69
C GLU B 424 1.66 6.46 29.61
N ILE B 425 1.27 5.24 29.92
CA ILE B 425 -0.16 4.89 30.12
C ILE B 425 -0.55 5.49 31.47
N SER B 426 -1.53 6.40 31.50
CA SER B 426 -1.93 7.09 32.74
C SER B 426 -2.69 6.13 33.65
N LYS B 427 -2.70 6.41 34.96
CA LYS B 427 -3.45 5.63 35.96
C LYS B 427 -4.95 5.76 35.68
N SER B 428 -5.34 6.76 34.89
CA SER B 428 -6.74 6.98 34.45
C SER B 428 -7.29 5.78 33.67
N ILE B 429 -6.41 4.91 33.16
CA ILE B 429 -6.80 3.70 32.38
C ILE B 429 -7.78 2.85 33.20
N GLY B 430 -7.71 2.90 34.53
CA GLY B 430 -8.63 2.20 35.45
C GLY B 430 -10.08 2.58 35.15
N GLY B 431 -10.32 3.81 34.71
CA GLY B 431 -11.66 4.33 34.38
C GLY B 431 -12.24 3.70 33.13
N ALA B 432 -11.42 3.03 32.31
CA ALA B 432 -11.86 2.40 31.04
C ALA B 432 -12.51 1.05 31.35
N SER B 433 -13.70 1.05 31.95
CA SER B 433 -14.41 -0.17 32.41
C SER B 433 -14.75 -1.08 31.22
N ASN B 434 -15.07 -0.51 30.06
CA ASN B 434 -15.56 -1.27 28.88
C ASN B 434 -14.42 -1.77 28.00
N LEU B 435 -13.16 -1.43 28.30
CA LEU B 435 -12.03 -1.74 27.39
C LEU B 435 -11.88 -3.25 27.26
N SER B 436 -11.91 -3.77 26.03
CA SER B 436 -11.70 -5.21 25.73
C SER B 436 -10.38 -5.39 24.99
N LEU B 437 -10.08 -4.51 24.03
CA LEU B 437 -8.87 -4.62 23.18
C LEU B 437 -8.01 -3.36 23.35
N LEU B 438 -6.79 -3.51 23.86
CA LEU B 438 -5.83 -2.39 23.98
C LEU B 438 -4.62 -2.73 23.09
N ILE B 439 -4.41 -1.96 22.01
CA ILE B 439 -3.31 -2.24 21.04
C ILE B 439 -2.47 -0.97 20.90
N LEU B 440 -1.26 -0.97 21.48
CA LEU B 440 -0.37 0.23 21.53
C LEU B 440 0.97 -0.09 20.87
N SER B 441 1.04 -1.15 20.06
CA SER B 441 2.32 -1.66 19.51
C SER B 441 2.97 -0.65 18.55
N ASN B 442 4.29 -0.71 18.40
CA ASN B 442 5.09 0.10 17.45
C ASN B 442 4.87 1.60 17.73
N ASN B 443 5.13 2.03 18.96
CA ASN B 443 5.12 3.45 19.37
C ASN B 443 6.41 3.73 20.15
N GLU B 444 6.51 4.88 20.82
N GLU B 444 6.51 4.89 20.80
CA GLU B 444 7.66 5.25 21.67
CA GLU B 444 7.65 5.28 21.66
C GLU B 444 7.21 5.38 23.12
C GLU B 444 7.16 5.44 23.11
N PHE B 445 6.17 4.65 23.53
CA PHE B 445 5.61 4.69 24.91
C PHE B 445 6.70 4.27 25.90
N THR B 446 6.75 4.94 27.06
CA THR B 446 7.78 4.71 28.12
C THR B 446 7.09 4.48 29.47
N GLY B 447 7.87 4.14 30.49
CA GLY B 447 7.37 4.00 31.87
C GLY B 447 6.88 2.60 32.16
N SER B 448 6.24 2.40 33.31
CA SER B 448 5.75 1.08 33.77
C SER B 448 4.26 0.97 33.47
N LEU B 449 3.76 -0.25 33.25
CA LEU B 449 2.30 -0.48 33.15
C LEU B 449 1.69 -0.13 34.50
N PRO B 450 0.64 0.73 34.54
CA PRO B 450 0.00 1.10 35.80
C PRO B 450 -0.74 -0.09 36.44
N GLU B 451 -0.82 -0.12 37.77
CA GLU B 451 -1.56 -1.15 38.54
C GLU B 451 -3.03 -1.12 38.14
N GLU B 452 -3.53 0.03 37.69
CA GLU B 452 -4.95 0.25 37.33
C GLU B 452 -5.31 -0.59 36.09
N ILE B 453 -4.33 -1.03 35.30
CA ILE B 453 -4.58 -1.95 34.14
C ILE B 453 -5.23 -3.23 34.65
N GLY B 454 -4.80 -3.73 35.81
CA GLY B 454 -5.36 -4.94 36.45
C GLY B 454 -6.84 -4.79 36.76
N SER B 455 -7.31 -3.56 36.97
CA SER B 455 -8.73 -3.25 37.31
C SER B 455 -9.62 -3.53 36.10
N LEU B 456 -9.07 -3.62 34.89
CA LEU B 456 -9.86 -3.83 33.64
C LEU B 456 -10.21 -5.32 33.50
N ASP B 457 -11.29 -5.75 34.16
CA ASP B 457 -11.73 -7.17 34.22
C ASP B 457 -12.08 -7.69 32.82
N ASN B 458 -12.68 -6.84 31.98
CA ASN B 458 -13.20 -7.21 30.64
C ASN B 458 -12.08 -7.28 29.60
N LEU B 459 -10.86 -6.84 29.92
CA LEU B 459 -9.76 -6.76 28.93
C LEU B 459 -9.46 -8.17 28.39
N ASN B 460 -9.43 -8.32 27.06
CA ASN B 460 -9.16 -9.61 26.38
C ASN B 460 -7.80 -9.56 25.68
N GLN B 461 -7.35 -8.38 25.24
CA GLN B 461 -6.07 -8.26 24.50
C GLN B 461 -5.26 -7.09 25.05
N LEU B 462 -4.01 -7.34 25.41
CA LEU B 462 -3.05 -6.26 25.74
C LEU B 462 -1.83 -6.44 24.84
N SER B 463 -1.77 -5.69 23.74
CA SER B 463 -0.61 -5.73 22.81
C SER B 463 0.09 -4.37 22.84
N ALA B 464 1.33 -4.34 23.34
CA ALA B 464 2.12 -3.10 23.48
C ALA B 464 3.56 -3.37 23.05
N SER B 465 3.74 -4.17 22.00
CA SER B 465 5.08 -4.57 21.50
C SER B 465 5.76 -3.38 20.84
N GLY B 466 7.09 -3.43 20.68
CA GLY B 466 7.87 -2.37 20.01
C GLY B 466 7.68 -1.03 20.68
N ASN B 467 7.84 -0.96 22.00
CA ASN B 467 7.77 0.30 22.77
C ASN B 467 9.03 0.40 23.66
N LYS B 468 9.09 1.41 24.54
CA LYS B 468 10.23 1.59 25.48
C LYS B 468 9.72 1.39 26.92
N PHE B 469 8.68 0.57 27.11
CA PHE B 469 8.10 0.29 28.45
C PHE B 469 9.17 -0.39 29.32
N SER B 470 9.17 -0.13 30.62
CA SER B 470 10.21 -0.63 31.55
C SER B 470 9.60 -1.03 32.88
N GLY B 471 10.40 -1.64 33.75
CA GLY B 471 10.00 -1.99 35.13
C GLY B 471 9.33 -3.34 35.22
N SER B 472 9.02 -3.79 36.44
CA SER B 472 8.35 -5.08 36.70
C SER B 472 6.88 -4.96 36.26
N LEU B 473 6.29 -6.06 35.79
CA LEU B 473 4.85 -6.12 35.48
C LEU B 473 4.09 -5.86 36.78
N PRO B 474 2.96 -5.12 36.75
CA PRO B 474 2.16 -4.90 37.94
C PRO B 474 1.58 -6.22 38.45
N ASP B 475 1.52 -6.39 39.77
CA ASP B 475 0.97 -7.62 40.43
C ASP B 475 -0.50 -7.77 40.00
N SER B 476 -1.20 -6.65 39.80
CA SER B 476 -2.63 -6.59 39.41
C SER B 476 -2.86 -7.28 38.06
N LEU B 477 -1.81 -7.43 37.24
CA LEU B 477 -1.94 -8.03 35.88
C LEU B 477 -2.56 -9.43 35.99
N MET B 478 -2.33 -10.14 37.10
CA MET B 478 -2.90 -11.49 37.36
C MET B 478 -4.44 -11.40 37.39
N SER B 479 -5.01 -10.25 37.79
CA SER B 479 -6.47 -10.06 37.95
C SER B 479 -7.18 -10.12 36.59
N LEU B 480 -6.43 -10.14 35.48
CA LEU B 480 -7.00 -10.15 34.10
C LEU B 480 -7.38 -11.58 33.73
N GLY B 481 -8.49 -12.08 34.28
CA GLY B 481 -9.01 -13.44 34.03
C GLY B 481 -9.49 -13.64 32.60
N GLU B 482 -9.97 -12.58 31.95
CA GLU B 482 -10.57 -12.67 30.58
C GLU B 482 -9.48 -12.47 29.52
N LEU B 483 -8.24 -12.21 29.91
CA LEU B 483 -7.14 -11.92 28.96
C LEU B 483 -6.88 -13.15 28.08
N GLY B 484 -6.89 -12.99 26.75
CA GLY B 484 -6.60 -14.06 25.79
C GLY B 484 -5.29 -13.82 25.07
N THR B 485 -4.87 -12.56 24.92
CA THR B 485 -3.59 -12.22 24.25
C THR B 485 -2.80 -11.22 25.10
N LEU B 486 -1.55 -11.56 25.44
CA LEU B 486 -0.63 -10.61 26.11
C LEU B 486 0.66 -10.56 25.27
N ASP B 487 0.89 -9.45 24.59
CA ASP B 487 2.10 -9.28 23.74
C ASP B 487 2.85 -8.03 24.20
N LEU B 488 3.98 -8.21 24.86
CA LEU B 488 4.83 -7.10 25.38
C LEU B 488 6.24 -7.21 24.81
N HIS B 489 6.41 -7.85 23.65
CA HIS B 489 7.75 -8.12 23.07
C HIS B 489 8.38 -6.81 22.60
N GLY B 490 9.71 -6.78 22.49
CA GLY B 490 10.47 -5.59 22.06
C GLY B 490 10.29 -4.42 23.03
N ASN B 491 10.42 -4.67 24.32
CA ASN B 491 10.35 -3.62 25.38
C ASN B 491 11.55 -3.77 26.32
N GLN B 492 11.59 -3.00 27.41
CA GLN B 492 12.67 -3.09 28.43
C GLN B 492 12.08 -3.58 29.76
N PHE B 493 10.99 -4.36 29.71
CA PHE B 493 10.32 -4.88 30.94
C PHE B 493 11.31 -5.74 31.72
N SER B 494 11.33 -5.59 33.05
CA SER B 494 12.26 -6.31 33.95
C SER B 494 11.47 -7.04 35.03
N GLY B 495 12.16 -7.58 36.04
CA GLY B 495 11.52 -8.30 37.15
C GLY B 495 11.25 -9.75 36.77
N GLU B 496 10.38 -10.42 37.51
CA GLU B 496 10.14 -11.88 37.33
C GLU B 496 8.65 -12.14 37.17
N LEU B 497 8.29 -13.23 36.50
CA LEU B 497 6.90 -13.73 36.46
C LEU B 497 6.60 -14.40 37.81
N THR B 498 5.32 -14.44 38.20
CA THR B 498 4.90 -14.97 39.53
C THR B 498 3.90 -16.11 39.32
N SER B 499 3.52 -16.79 40.41
CA SER B 499 2.50 -17.86 40.41
C SER B 499 1.14 -17.30 39.97
N GLY B 500 0.97 -15.98 40.04
CA GLY B 500 -0.27 -15.27 39.64
C GLY B 500 -0.64 -15.48 38.19
N ILE B 501 0.32 -15.88 37.35
CA ILE B 501 0.08 -16.13 35.89
C ILE B 501 -0.98 -17.22 35.73
N LYS B 502 -1.15 -18.10 36.74
CA LYS B 502 -2.17 -19.17 36.74
C LYS B 502 -3.56 -18.56 36.54
N SER B 503 -3.78 -17.33 37.02
CA SER B 503 -5.09 -16.63 36.95
C SER B 503 -5.45 -16.29 35.50
N TRP B 504 -4.49 -16.31 34.56
CA TRP B 504 -4.74 -16.11 33.11
C TRP B 504 -5.26 -17.40 32.50
N LYS B 505 -6.45 -17.85 32.91
CA LYS B 505 -7.03 -19.17 32.51
C LYS B 505 -7.35 -19.16 31.01
N LYS B 506 -7.81 -18.04 30.46
CA LYS B 506 -8.29 -17.96 29.05
C LYS B 506 -7.15 -17.52 28.12
N LEU B 507 -5.92 -17.36 28.62
CA LEU B 507 -4.80 -16.83 27.79
C LEU B 507 -4.48 -17.82 26.67
N ASN B 508 -4.47 -17.36 25.41
CA ASN B 508 -4.10 -18.18 24.23
C ASN B 508 -2.67 -17.83 23.80
N GLU B 509 -2.26 -16.56 23.97
CA GLU B 509 -0.92 -16.09 23.52
C GLU B 509 -0.20 -15.35 24.64
N LEU B 510 1.03 -15.76 24.95
CA LEU B 510 1.93 -14.99 25.84
C LEU B 510 3.22 -14.70 25.08
N ASN B 511 3.51 -13.44 24.80
CA ASN B 511 4.77 -13.04 24.11
C ASN B 511 5.47 -11.98 24.97
N LEU B 512 6.54 -12.37 25.64
CA LEU B 512 7.37 -11.46 26.47
C LEU B 512 8.79 -11.41 25.89
N ALA B 513 8.94 -11.72 24.60
CA ALA B 513 10.26 -11.85 23.95
C ALA B 513 10.98 -10.49 23.92
N ASP B 514 12.31 -10.52 23.85
CA ASP B 514 13.16 -9.31 23.70
C ASP B 514 12.84 -8.32 24.83
N ASN B 515 12.90 -8.77 26.08
CA ASN B 515 12.74 -7.92 27.29
C ASN B 515 13.94 -8.17 28.22
N GLU B 516 13.88 -7.69 29.46
CA GLU B 516 14.98 -7.89 30.46
C GLU B 516 14.46 -8.73 31.64
N PHE B 517 13.50 -9.62 31.40
CA PHE B 517 12.88 -10.45 32.47
C PHE B 517 13.94 -11.38 33.08
N THR B 518 13.85 -11.63 34.39
CA THR B 518 14.78 -12.49 35.15
C THR B 518 14.00 -13.53 35.95
N GLY B 519 14.70 -14.50 36.53
CA GLY B 519 14.10 -15.49 37.45
C GLY B 519 13.60 -16.72 36.72
N LYS B 520 13.04 -17.68 37.47
CA LYS B 520 12.54 -18.96 36.90
C LYS B 520 11.18 -18.72 36.23
N ILE B 521 10.91 -19.45 35.15
CA ILE B 521 9.56 -19.49 34.53
C ILE B 521 8.68 -20.23 35.53
N PRO B 522 7.53 -19.66 35.97
CA PRO B 522 6.70 -20.32 36.98
C PRO B 522 6.15 -21.66 36.48
N ASP B 523 6.05 -22.66 37.38
CA ASP B 523 5.48 -24.00 37.06
C ASP B 523 4.00 -23.85 36.70
N GLU B 524 3.38 -22.73 37.10
CA GLU B 524 1.94 -22.43 36.87
C GLU B 524 1.67 -22.18 35.38
N ILE B 525 2.71 -22.11 34.54
CA ILE B 525 2.56 -21.98 33.06
C ILE B 525 1.73 -23.15 32.53
N GLY B 526 1.91 -24.35 33.08
CA GLY B 526 1.15 -25.57 32.72
C GLY B 526 -0.34 -25.41 33.00
N SER B 527 -0.71 -24.57 33.97
CA SER B 527 -2.12 -24.32 34.39
C SER B 527 -2.90 -23.62 33.26
N LEU B 528 -2.20 -22.97 32.33
CA LEU B 528 -2.83 -22.24 31.20
C LEU B 528 -3.21 -23.26 30.12
N SER B 529 -4.38 -23.87 30.24
CA SER B 529 -4.86 -24.99 29.38
C SER B 529 -4.97 -24.54 27.92
N VAL B 530 -5.45 -23.32 27.63
CA VAL B 530 -5.77 -22.90 26.24
C VAL B 530 -4.62 -22.12 25.61
N LEU B 531 -3.48 -22.01 26.30
CA LEU B 531 -2.27 -21.35 25.73
C LEU B 531 -1.78 -22.14 24.52
N ASN B 532 -1.65 -21.51 23.36
CA ASN B 532 -1.13 -22.16 22.13
C ASN B 532 0.12 -21.43 21.62
N TYR B 533 0.40 -20.24 22.10
CA TYR B 533 1.58 -19.43 21.69
C TYR B 533 2.35 -19.00 22.92
N LEU B 534 3.61 -19.42 23.04
CA LEU B 534 4.50 -18.97 24.15
C LEU B 534 5.83 -18.50 23.58
N ASP B 535 6.19 -17.24 23.83
CA ASP B 535 7.52 -16.72 23.42
C ASP B 535 8.13 -15.97 24.60
N LEU B 536 9.17 -16.56 25.21
CA LEU B 536 9.92 -15.94 26.33
C LEU B 536 11.37 -15.70 25.89
N SER B 537 11.63 -15.68 24.58
CA SER B 537 13.00 -15.59 24.01
C SER B 537 13.58 -14.19 24.27
N GLY B 538 14.91 -14.05 24.15
CA GLY B 538 15.61 -12.77 24.35
C GLY B 538 15.36 -12.19 25.73
N ASN B 539 15.45 -13.00 26.78
CA ASN B 539 15.28 -12.58 28.19
C ASN B 539 16.43 -13.17 29.02
N MET B 540 16.39 -12.98 30.34
CA MET B 540 17.40 -13.58 31.26
C MET B 540 16.72 -14.58 32.20
N PHE B 541 15.67 -15.25 31.73
CA PHE B 541 14.96 -16.30 32.51
C PHE B 541 15.97 -17.40 32.85
N SER B 542 15.97 -17.89 34.09
CA SER B 542 17.00 -18.85 34.56
C SER B 542 16.34 -20.08 35.19
N GLY B 543 17.14 -21.13 35.42
CA GLY B 543 16.69 -22.33 36.15
C GLY B 543 16.10 -23.35 35.20
N LYS B 544 15.54 -24.44 35.75
CA LYS B 544 14.99 -25.55 34.95
C LYS B 544 13.69 -25.10 34.27
N ILE B 545 13.51 -25.51 33.02
CA ILE B 545 12.25 -25.29 32.27
C ILE B 545 11.16 -26.06 33.00
N PRO B 546 9.97 -25.47 33.28
CA PRO B 546 8.90 -26.19 33.98
C PRO B 546 8.51 -27.46 33.21
N VAL B 547 8.41 -28.58 33.92
CA VAL B 547 7.99 -29.87 33.31
C VAL B 547 6.56 -29.73 32.74
N SER B 548 5.75 -28.89 33.40
CA SER B 548 4.32 -28.66 33.06
C SER B 548 4.19 -28.13 31.63
N LEU B 549 5.24 -27.54 31.06
CA LEU B 549 5.21 -26.99 29.67
C LEU B 549 4.94 -28.12 28.68
N GLN B 550 5.41 -29.34 28.95
CA GLN B 550 5.20 -30.55 28.11
C GLN B 550 3.69 -30.79 27.95
N SER B 551 2.94 -30.58 29.03
CA SER B 551 1.47 -30.83 29.09
C SER B 551 0.73 -29.87 28.15
N LEU B 552 1.17 -28.61 28.04
CA LEU B 552 0.56 -27.59 27.14
C LEU B 552 0.75 -28.02 25.68
N LYS B 553 -0.29 -27.83 24.85
CA LYS B 553 -0.26 -28.00 23.37
C LYS B 553 0.02 -26.64 22.72
N LEU B 554 1.26 -26.41 22.28
CA LEU B 554 1.69 -25.08 21.79
C LEU B 554 2.02 -25.15 20.30
N ASN B 555 1.34 -24.35 19.49
CA ASN B 555 1.67 -24.17 18.05
C ASN B 555 3.06 -23.53 17.93
N GLN B 556 3.36 -22.55 18.80
CA GLN B 556 4.69 -21.87 18.80
C GLN B 556 5.28 -21.89 20.22
N LEU B 557 6.54 -22.31 20.35
CA LEU B 557 7.28 -22.23 21.63
C LEU B 557 8.66 -21.64 21.35
N ASN B 558 9.06 -20.58 22.06
CA ASN B 558 10.43 -20.03 21.96
C ASN B 558 10.94 -19.64 23.35
N LEU B 559 11.95 -20.34 23.85
CA LEU B 559 12.62 -20.03 25.13
C LEU B 559 14.09 -19.70 24.84
N SER B 560 14.40 -19.35 23.60
CA SER B 560 15.80 -19.16 23.13
C SER B 560 16.41 -17.89 23.74
N TYR B 561 17.74 -17.81 23.75
CA TYR B 561 18.53 -16.64 24.25
C TYR B 561 18.07 -16.28 25.66
N ASN B 562 18.11 -17.27 26.56
CA ASN B 562 17.80 -17.11 28.01
C ASN B 562 18.96 -17.69 28.81
N ARG B 563 18.86 -17.69 30.14
CA ARG B 563 19.89 -18.25 31.05
C ARG B 563 19.41 -19.61 31.60
N LEU B 564 18.46 -20.27 30.93
CA LEU B 564 17.83 -21.54 31.39
C LEU B 564 18.86 -22.66 31.42
N SER B 565 18.73 -23.59 32.37
CA SER B 565 19.71 -24.68 32.61
C SER B 565 18.99 -25.99 32.88
N GLY B 566 19.73 -27.10 32.82
CA GLY B 566 19.22 -28.44 33.19
C GLY B 566 18.63 -29.19 32.01
N ASP B 567 17.85 -30.25 32.28
CA ASP B 567 17.25 -31.15 31.25
C ASP B 567 15.85 -30.65 30.86
N LEU B 568 15.39 -31.06 29.68
CA LEU B 568 14.08 -30.69 29.09
C LEU B 568 13.06 -31.78 29.43
N PRO B 569 11.73 -31.51 29.42
CA PRO B 569 10.74 -32.57 29.52
C PRO B 569 10.91 -33.47 28.30
N PRO B 570 10.62 -34.78 28.40
CA PRO B 570 10.92 -35.71 27.31
C PRO B 570 10.29 -35.32 25.97
N SER B 571 9.05 -34.82 25.99
CA SER B 571 8.30 -34.41 24.76
C SER B 571 9.08 -33.33 24.02
N LEU B 572 9.61 -32.34 24.76
CA LEU B 572 10.31 -31.17 24.19
C LEU B 572 11.73 -31.54 23.75
N ALA B 573 12.29 -32.66 24.21
CA ALA B 573 13.66 -33.08 23.85
C ALA B 573 13.65 -33.74 22.47
N LYS B 574 13.47 -32.94 21.40
CA LYS B 574 13.37 -33.41 19.99
C LYS B 574 14.14 -32.45 19.09
N ASP B 575 14.60 -32.93 17.93
CA ASP B 575 15.32 -32.12 16.91
C ASP B 575 14.43 -30.95 16.46
N MET B 576 13.13 -31.21 16.32
CA MET B 576 12.07 -30.24 15.90
C MET B 576 12.11 -28.98 16.79
N TYR B 577 12.42 -29.14 18.08
CA TYR B 577 12.33 -28.08 19.12
C TYR B 577 13.70 -27.42 19.36
N LYS B 578 14.71 -27.77 18.54
CA LYS B 578 16.11 -27.25 18.67
C LYS B 578 16.09 -25.72 18.67
N ASN B 579 15.40 -25.11 17.69
CA ASN B 579 15.34 -23.64 17.49
C ASN B 579 14.68 -22.98 18.72
N SER B 580 13.76 -23.68 19.39
CA SER B 580 13.07 -23.19 20.61
C SER B 580 14.06 -22.96 21.75
N PHE B 581 15.13 -23.76 21.85
CA PHE B 581 16.02 -23.73 23.05
C PHE B 581 17.44 -23.26 22.72
N ILE B 582 17.69 -22.69 21.53
CA ILE B 582 19.06 -22.21 21.16
C ILE B 582 19.43 -21.00 22.05
N GLY B 583 20.72 -20.72 22.18
CA GLY B 583 21.23 -19.54 22.91
C GLY B 583 21.18 -19.73 24.43
N ASN B 584 20.96 -20.96 24.91
CA ASN B 584 20.98 -21.27 26.36
C ASN B 584 22.15 -22.19 26.69
N PRO B 585 23.13 -21.75 27.50
CA PRO B 585 24.28 -22.59 27.89
C PRO B 585 23.93 -23.86 28.67
N GLY B 586 23.05 -23.76 29.68
CA GLY B 586 22.65 -24.89 30.54
C GLY B 586 21.94 -25.98 29.76
N LEU B 587 21.17 -25.58 28.75
CA LEU B 587 20.35 -26.49 27.91
C LEU B 587 21.23 -27.23 26.89
N CYS B 588 22.50 -26.84 26.71
CA CYS B 588 23.41 -27.41 25.68
C CYS B 588 23.47 -28.93 25.82
N GLY B 589 23.31 -29.66 24.71
CA GLY B 589 23.45 -31.12 24.65
C GLY B 589 22.21 -31.86 25.11
N ASP B 590 21.16 -31.14 25.53
CA ASP B 590 19.83 -31.75 25.86
C ASP B 590 19.31 -32.42 24.59
C1 NAG C . 34.91 20.94 -10.31
C2 NAG C . 35.88 20.19 -11.24
C3 NAG C . 35.32 20.15 -12.66
C4 NAG C . 33.96 19.47 -12.63
C5 NAG C . 33.04 20.18 -11.64
C6 NAG C . 31.71 19.45 -11.46
C7 NAG C . 38.20 20.29 -10.48
C8 NAG C . 39.55 20.91 -10.68
N2 NAG C . 37.20 20.78 -11.24
O3 NAG C . 36.20 19.41 -13.51
O4 NAG C . 33.39 19.57 -13.94
O5 NAG C . 33.66 20.24 -10.35
O6 NAG C . 31.93 18.11 -11.04
O7 NAG C . 38.02 19.39 -9.69
C1 NAG C . 33.03 18.77 -14.94
C2 NAG C . 32.00 18.89 -16.06
C3 NAG C . 31.60 17.52 -16.59
C4 NAG C . 32.82 16.65 -16.89
C5 NAG C . 33.71 16.59 -15.65
C6 NAG C . 34.97 15.75 -15.86
C7 NAG C . 30.69 20.89 -15.49
C8 NAG C . 29.38 21.38 -14.94
N2 NAG C . 30.81 19.56 -15.56
O3 NAG C . 30.84 17.70 -17.80
O4 NAG C . 32.34 15.35 -17.29
O5 NAG C . 34.11 17.91 -15.30
O6 NAG C . 35.84 16.40 -16.80
O7 NAG C . 31.56 21.67 -15.84
C1 BMA C . 32.27 14.85 -18.54
C2 BMA C . 32.72 13.40 -18.73
C3 BMA C . 33.66 13.24 -19.91
C4 BMA C . 33.09 13.88 -21.17
C5 BMA C . 32.65 15.32 -20.89
C6 BMA C . 31.95 15.92 -22.11
O2 BMA C . 31.56 12.58 -18.92
O3 BMA C . 33.92 11.85 -20.17
O4 BMA C . 34.08 13.86 -22.21
O5 BMA C . 31.77 15.38 -19.77
O6 BMA C . 31.79 17.33 -21.94
C1 NAG D . 38.68 39.51 0.74
C2 NAG D . 39.64 39.44 1.91
C3 NAG D . 40.55 40.66 1.89
C4 NAG D . 41.25 40.75 0.54
C5 NAG D . 40.22 40.77 -0.59
C6 NAG D . 40.82 40.77 -2.00
C7 NAG D . 38.71 38.21 3.81
C8 NAG D . 37.91 38.33 5.08
N2 NAG D . 38.91 39.37 3.16
O3 NAG D . 41.51 40.55 2.95
O4 NAG D . 42.06 41.95 0.51
O5 NAG D . 39.39 39.60 -0.49
O6 NAG D . 41.58 39.57 -2.19
O7 NAG D . 39.12 37.14 3.42
C1 NAG D . 43.29 42.37 0.78
C2 NAG D . 44.12 43.49 0.14
C3 NAG D . 45.60 43.12 0.07
C4 NAG D . 46.11 42.66 1.43
C5 NAG D . 45.23 41.51 1.93
C6 NAG D . 45.71 40.96 3.28
C7 NAG D . 42.61 44.54 -1.51
C8 NAG D . 42.30 44.69 -2.96
N2 NAG D . 43.65 43.76 -1.22
O3 NAG D . 46.36 44.26 -0.36
O4 NAG D . 47.47 42.25 1.31
O5 NAG D . 43.88 41.97 2.03
O6 NAG D . 44.90 41.46 4.35
O7 NAG D . 41.94 45.08 -0.64
C1 NAG E . 3.00 -28.85 2.15
C2 NAG E . 3.02 -28.05 3.44
C3 NAG E . 1.71 -28.26 4.18
C4 NAG E . 0.54 -27.90 3.28
C5 NAG E . 0.63 -28.69 1.96
C6 NAG E . -0.45 -28.32 0.94
C7 NAG E . 5.35 -27.90 4.20
C8 NAG E . 6.39 -28.49 5.11
N2 NAG E . 4.15 -28.47 4.27
O3 NAG E . 1.69 -27.46 5.36
O4 NAG E . -0.69 -28.18 3.97
O5 NAG E . 1.90 -28.44 1.35
O6 NAG E . -0.35 -26.93 0.61
O7 NAG E . 5.61 -26.97 3.46
C1 NAG E . -1.50 -27.53 4.80
C2 NAG E . -3.03 -27.53 5.00
C3 NAG E . -3.56 -26.14 5.34
C4 NAG E . -2.74 -25.49 6.44
C5 NAG E . -1.26 -25.49 6.05
C6 NAG E . -0.38 -24.80 7.09
C7 NAG E . -4.03 -29.22 3.53
C8 NAG E . -4.68 -29.45 2.18
N2 NAG E . -3.68 -27.97 3.77
O3 NAG E . -4.92 -26.27 5.78
O4 NAG E . -3.21 -24.16 6.66
O5 NAG E . -0.85 -26.85 5.88
O6 NAG E . -0.39 -25.54 8.32
O7 NAG E . -3.86 -30.13 4.32
C1 NAG F . 47.68 6.48 -12.55
C2 NAG F . 46.79 5.97 -13.66
C3 NAG F . 46.99 4.46 -13.79
C4 NAG F . 48.46 4.14 -14.00
C5 NAG F . 49.32 4.78 -12.90
C6 NAG F . 50.82 4.60 -13.14
C7 NAG F . 44.68 7.16 -14.04
C8 NAG F . 43.26 7.32 -13.58
N2 NAG F . 45.40 6.27 -13.37
O3 NAG F . 46.23 3.98 -14.90
O4 NAG F . 48.61 2.71 -13.96
O5 NAG F . 49.04 6.17 -12.84
O6 NAG F . 51.19 5.21 -14.38
O7 NAG F . 45.12 7.81 -14.97
C1 NAG F . 48.72 1.72 -14.84
C2 NAG F . 49.61 0.49 -14.82
C3 NAG F . 50.04 0.08 -16.23
C4 NAG F . 48.83 -0.03 -17.15
C5 NAG F . 48.06 1.29 -17.11
C6 NAG F . 46.83 1.26 -18.03
C7 NAG F . 50.87 0.65 -12.71
C8 NAG F . 52.21 0.91 -12.09
N2 NAG F . 50.83 0.73 -14.04
O3 NAG F . 50.72 -1.18 -16.18
O4 NAG F . 49.26 -0.33 -18.48
O5 NAG F . 47.64 1.55 -15.78
O6 NAG F . 45.89 0.32 -17.54
O7 NAG F . 49.88 0.38 -12.04
C1 NAG G . -0.42 -10.59 -6.45
C2 NAG G . -1.04 -9.86 -5.27
C3 NAG G . -1.41 -10.87 -4.18
C4 NAG G . -2.33 -11.95 -4.75
C5 NAG G . -1.67 -12.60 -5.97
C6 NAG G . -2.58 -13.61 -6.65
C7 NAG G . -0.24 -7.57 -4.93
C8 NAG G . 0.80 -6.71 -4.29
N2 NAG G . -0.11 -8.88 -4.75
O3 NAG G . -2.05 -10.20 -3.10
O4 NAG G . -2.58 -12.93 -3.73
O5 NAG G . -1.34 -11.59 -6.92
O6 NAG G . -3.71 -12.94 -7.23
O7 NAG G . -1.17 -7.08 -5.57
C1 NAG G . -3.62 -13.43 -3.07
C2 NAG G . -4.03 -14.85 -2.68
C3 NAG G . -5.52 -15.09 -2.87
C4 NAG G . -6.33 -13.96 -2.25
C5 NAG G . -5.86 -12.61 -2.78
C6 NAG G . -6.67 -11.45 -2.24
C7 NAG G . -2.12 -16.32 -3.19
C8 NAG G . -1.55 -17.28 -4.19
N2 NAG G . -3.32 -15.82 -3.50
O3 NAG G . -5.89 -16.32 -2.27
O4 NAG G . -7.72 -14.15 -2.53
O5 NAG G . -4.48 -12.46 -2.45
O6 NAG G . -6.25 -10.23 -2.87
O7 NAG G . -1.50 -16.02 -2.17
C1 NAG H . 56.67 8.51 1.90
C2 NAG H . 56.76 7.75 3.22
C3 NAG H . 58.17 7.23 3.45
C4 NAG H . 58.57 6.37 2.24
C5 NAG H . 58.44 7.21 0.95
C6 NAG H . 58.81 6.46 -0.32
C7 NAG H . 55.17 8.56 4.93
C8 NAG H . 54.93 9.59 6.00
N2 NAG H . 56.35 8.65 4.31
O3 NAG H . 58.18 6.47 4.67
O4 NAG H . 59.91 5.88 2.38
O5 NAG H . 57.09 7.65 0.83
O6 NAG H . 58.41 5.08 -0.25
O7 NAG H . 54.33 7.73 4.65
C1 FUC H . 58.42 6.73 5.95
C2 FUC H . 57.70 5.86 6.98
C3 FUC H . 58.35 4.48 7.08
C4 FUC H . 59.86 4.60 7.28
C5 FUC H . 60.49 5.60 6.31
C6 FUC H . 61.96 5.87 6.58
O2 FUC H . 56.32 5.73 6.63
O3 FUC H . 57.76 3.76 8.15
O4 FUC H . 60.15 4.98 8.63
O5 FUC H . 59.78 6.85 6.35
C1 NAG H . 60.51 4.71 2.66
C2 NAG H . 61.97 4.26 2.60
C3 NAG H . 62.08 2.79 2.23
C4 NAG H . 61.22 1.96 3.17
C5 NAG H . 59.79 2.45 3.14
C6 NAG H . 58.88 1.66 4.08
C7 NAG H . 63.10 6.31 1.88
C8 NAG H . 63.76 7.01 0.73
N2 NAG H . 62.67 5.07 1.62
O3 NAG H . 63.44 2.37 2.32
O4 NAG H . 61.28 0.57 2.79
O5 NAG H . 59.77 3.84 3.53
O6 NAG H . 57.52 2.09 3.94
O7 NAG H . 62.97 6.84 2.97
C1 FUC H . 57.77 4.40 -1.21
C2 FUC H . 57.65 2.91 -0.95
C3 FUC H . 56.56 2.61 0.06
C4 FUC H . 55.25 3.28 -0.32
C5 FUC H . 55.49 4.77 -0.59
C6 FUC H . 54.21 5.46 -1.05
O2 FUC H . 58.91 2.40 -0.47
O3 FUC H . 56.35 1.18 0.15
O4 FUC H . 54.71 2.66 -1.50
O5 FUC H . 56.49 4.92 -1.59
C1 NAG I . 27.18 40.84 -0.89
C2 NAG I . 26.58 40.74 0.51
C3 NAG I . 25.75 41.99 0.78
C4 NAG I . 26.60 43.24 0.60
C5 NAG I . 27.18 43.24 -0.83
C6 NAG I . 28.08 44.44 -1.13
C7 NAG I . 25.89 38.63 1.54
C8 NAG I . 24.89 37.50 1.50
N2 NAG I . 25.73 39.56 0.61
O3 NAG I . 25.18 41.89 2.10
O4 NAG I . 25.80 44.41 0.82
O5 NAG I . 27.95 42.05 -0.99
O6 NAG I . 29.26 44.40 -0.32
O7 NAG I . 26.75 38.67 2.40
C1 FUC I . 23.90 41.72 2.42
C2 FUC I . 23.49 41.12 3.77
C3 FUC I . 23.34 42.23 4.80
C4 FUC I . 22.37 43.30 4.31
C5 FUC I . 22.76 43.79 2.92
C6 FUC I . 21.73 44.76 2.35
O2 FUC I . 24.46 40.17 4.21
O3 FUC I . 22.87 41.67 6.04
O4 FUC I . 21.04 42.76 4.26
O5 FUC I . 22.91 42.68 2.02
C1 NAG I . 25.98 45.39 1.70
C2 NAG I . 25.93 46.92 1.61
C3 NAG I . 27.00 47.57 2.49
C4 NAG I . 26.96 47.01 3.90
C5 NAG I . 27.06 45.49 3.86
C6 NAG I . 27.01 44.89 5.26
C7 NAG I . 25.16 47.34 -0.70
C8 NAG I . 25.58 47.83 -2.06
N2 NAG I . 26.13 47.36 0.23
O3 NAG I . 26.79 48.98 2.52
O4 NAG I . 28.05 47.56 4.66
O5 NAG I . 25.97 44.98 3.08
O6 NAG I . 27.00 43.46 5.18
O7 NAG I . 24.03 46.94 -0.47
C1 NAG J . -41.91 0.00 1.08
C2 NAG J . -42.53 -0.29 2.45
C3 NAG J . -42.37 0.92 3.36
C4 NAG J . -40.90 1.30 3.47
C5 NAG J . -40.29 1.49 2.08
C6 NAG J . -38.78 1.70 2.15
C7 NAG J . -44.34 -1.93 2.42
C8 NAG J . -45.82 -2.15 2.45
N2 NAG J . -43.93 -0.66 2.39
O3 NAG J . -42.89 0.61 4.67
O4 NAG J . -40.81 2.54 4.17
O5 NAG J . -40.53 0.31 1.29
O6 NAG J . -38.17 0.59 2.81
O7 NAG J . -43.56 -2.87 2.45
C1 NAG J . -40.27 2.87 5.34
C2 NAG J . -39.77 4.23 5.82
C3 NAG J . -38.88 4.08 7.05
C4 NAG J . -39.57 3.23 8.12
C5 NAG J . -39.98 1.89 7.52
C6 NAG J . -40.71 0.98 8.50
C7 NAG J . -39.58 5.61 3.80
C8 NAG J . -38.64 6.19 2.79
N2 NAG J . -39.02 4.88 4.76
O3 NAG J . -38.60 5.38 7.57
O4 NAG J . -38.67 3.10 9.23
O5 NAG J . -40.85 2.13 6.41
O6 NAG J . -41.98 1.56 8.82
O7 NAG J . -40.79 5.80 3.74
C1 BMA J . -38.75 3.85 10.35
C2 BMA J . -38.47 3.24 11.73
C3 BMA J . -39.53 3.62 12.76
C4 BMA J . -39.82 5.12 12.74
C5 BMA J . -40.13 5.58 11.32
C6 BMA J . -40.36 7.09 11.26
O2 BMA J . -37.19 3.67 12.18
O3 BMA J . -39.11 3.23 14.07
O4 BMA J . -40.92 5.41 13.61
O5 BMA J . -39.03 5.25 10.46
O6 BMA J . -41.55 7.44 11.97
C1 NAG K . -52.12 0.57 -18.33
C2 NAG K . -52.66 -0.75 -18.83
C3 NAG K . -54.07 -0.57 -19.38
C4 NAG K . -54.95 0.09 -18.33
C5 NAG K . -54.30 1.40 -17.86
C6 NAG K . -55.10 2.10 -16.76
C7 NAG K . -50.88 -2.25 -19.63
C8 NAG K . -50.03 -2.62 -20.81
N2 NAG K . -51.78 -1.28 -19.86
O3 NAG K . -54.61 -1.83 -19.76
O4 NAG K . -56.23 0.33 -18.90
O5 NAG K . -53.00 1.13 -17.36
O6 NAG K . -55.20 1.24 -15.62
O7 NAG K . -50.74 -2.80 -18.54
C1 NAG K . -57.46 -0.18 -18.71
C2 NAG K . -58.81 0.49 -18.98
C3 NAG K . -59.89 -0.03 -18.04
C4 NAG K . -59.91 -1.55 -18.03
C5 NAG K . -58.53 -2.07 -17.67
C6 NAG K . -58.50 -3.59 -17.61
C7 NAG K . -58.28 2.75 -19.76
C8 NAG K . -58.21 4.21 -19.38
N2 NAG K . -58.70 1.93 -18.80
O3 NAG K . -61.16 0.46 -18.48
O4 NAG K . -60.91 -2.00 -17.10
O5 NAG K . -57.60 -1.60 -18.65
O6 NAG K . -58.57 -4.14 -18.93
O7 NAG K . -57.94 2.37 -20.87
C1 NAG L . 13.27 -17.89 18.53
C2 NAG L . 13.17 -18.52 17.14
C3 NAG L . 14.55 -18.47 16.49
C4 NAG L . 15.07 -17.04 16.45
C5 NAG L . 15.05 -16.44 17.86
C6 NAG L . 15.44 -14.96 17.87
C7 NAG L . 11.41 -20.23 17.01
C8 NAG L . 11.10 -21.68 17.17
N2 NAG L . 12.68 -19.88 17.21
O3 NAG L . 14.48 -19.02 15.17
O4 NAG L . 16.40 -17.06 15.90
O5 NAG L . 13.73 -16.54 18.41
O6 NAG L . 15.32 -14.43 19.21
O7 NAG L . 10.54 -19.42 16.71
C1 NAG L . 16.99 -17.00 14.70
C2 NAG L . 18.22 -16.26 14.16
C3 NAG L . 17.91 -15.52 12.86
C4 NAG L . 17.21 -16.43 11.87
C5 NAG L . 15.98 -17.06 12.52
C6 NAG L . 15.21 -17.97 11.56
C7 NAG L . 19.57 -15.56 16.09
C8 NAG L . 19.91 -14.40 16.99
N2 NAG L . 18.69 -15.28 15.13
O3 NAG L . 19.12 -15.04 12.29
O4 NAG L . 16.84 -15.67 10.71
O5 NAG L . 16.41 -17.81 13.67
O6 NAG L . 16.01 -19.09 11.18
O7 NAG L . 20.07 -16.67 16.24
C1 NAG M . 4.48 -0.83 11.54
C2 NAG M . 4.86 -0.96 10.07
C3 NAG M . 5.99 -1.97 9.89
C4 NAG M . 7.17 -1.63 10.80
C5 NAG M . 6.69 -1.49 12.25
C6 NAG M . 7.80 -1.03 13.19
C7 NAG M . 3.06 -0.62 8.42
C8 NAG M . 1.90 -1.27 7.73
N2 NAG M . 3.70 -1.41 9.30
O3 NAG M . 6.41 -1.99 8.53
O4 NAG M . 8.15 -2.68 10.70
O5 NAG M . 5.65 -0.52 12.29
O6 NAG M . 8.19 0.31 12.88
O7 NAG M . 3.38 0.53 8.20
C1 NAG M . 9.33 -3.11 10.23
C2 NAG M . 10.46 -3.98 10.79
C3 NAG M . 11.83 -3.53 10.29
C4 NAG M . 11.84 -3.30 8.79
C5 NAG M . 10.71 -2.34 8.41
C6 NAG M . 10.66 -2.04 6.92
C7 NAG M . 9.68 -4.66 13.02
C8 NAG M . 9.88 -4.45 14.50
N2 NAG M . 10.49 -3.94 12.24
O3 NAG M . 12.82 -4.52 10.61
O4 NAG M . 13.11 -2.78 8.38
O5 NAG M . 9.46 -2.93 8.82
O6 NAG M . 9.92 -0.83 6.71
O7 NAG M . 8.85 -5.44 12.59
C1 NAG N . -50.76 -25.96 5.80
C2 NAG N . -50.16 -27.29 5.37
C3 NAG N . -50.98 -28.44 5.94
C4 NAG N . -51.11 -28.26 7.45
C5 NAG N . -51.68 -26.89 7.78
C6 NAG N . -51.83 -26.62 9.28
C7 NAG N . -48.96 -27.14 3.23
C8 NAG N . -49.10 -27.26 1.73
N2 NAG N . -50.08 -27.37 3.91
O3 NAG N . -50.32 -29.66 5.60
O4 NAG N . -51.96 -29.27 8.01
O5 NAG N . -50.83 -25.89 7.22
O6 NAG N . -50.70 -27.11 10.02
O7 NAG N . -47.89 -26.88 3.74
C1 FUC N . -50.45 -30.53 4.59
C2 FUC N . -49.20 -31.31 4.23
C3 FUC N . -48.92 -32.41 5.26
C4 FUC N . -50.17 -33.27 5.48
C5 FUC N . -51.42 -32.41 5.70
C6 FUC N . -52.70 -33.22 5.78
O2 FUC N . -48.07 -30.44 4.14
O3 FUC N . -47.82 -33.22 4.84
O4 FUC N . -50.36 -34.13 4.36
O5 FUC N . -51.55 -31.44 4.66
C1 NAG N . -51.95 -30.36 8.79
C2 NAG N . -52.93 -31.33 9.44
C3 NAG N . -52.37 -31.88 10.75
C4 NAG N . -50.96 -32.44 10.53
C5 NAG N . -50.07 -31.36 9.91
C6 NAG N . -48.64 -31.84 9.67
C7 NAG N . -55.09 -30.37 8.77
C8 NAG N . -56.30 -29.63 9.23
N2 NAG N . -54.19 -30.64 9.71
O3 NAG N . -53.22 -32.93 11.23
O4 NAG N . -50.41 -32.87 11.78
O5 NAG N . -50.65 -30.96 8.66
O6 NAG N . -48.63 -32.90 8.72
O7 NAG N . -54.94 -30.69 7.60
C1 FUC N . -49.92 -26.47 10.89
C2 FUC N . -49.07 -27.36 11.80
C3 FUC N . -47.83 -27.84 11.05
C4 FUC N . -47.05 -26.64 10.51
C5 FUC N . -47.96 -25.70 9.72
C6 FUC N . -47.23 -24.44 9.30
O2 FUC N . -49.84 -28.49 12.23
O3 FUC N . -47.00 -28.62 11.91
O4 FUC N . -46.44 -25.93 11.59
O5 FUC N . -49.11 -25.35 10.50
C1 NAG O . -43.76 8.14 -20.73
C2 NAG O . -42.89 7.39 -21.73
C3 NAG O . -42.90 8.12 -23.07
C4 NAG O . -44.32 8.44 -23.54
C5 NAG O . -45.06 9.19 -22.43
C6 NAG O . -46.51 9.54 -22.78
C7 NAG O . -40.81 6.21 -21.17
C8 NAG O . -39.42 6.37 -20.64
N2 NAG O . -41.52 7.33 -21.26
O3 NAG O . -42.26 7.29 -24.04
O4 NAG O . -44.24 9.23 -24.73
O5 NAG O . -45.06 8.38 -21.26
O6 NAG O . -47.26 8.34 -23.04
O7 NAG O . -41.25 5.11 -21.50
C1 NAG O . -44.52 9.03 -26.02
C2 NAG O . -45.08 9.96 -27.11
C3 NAG O . -45.92 9.18 -28.12
C4 NAG O . -45.18 7.94 -28.62
C5 NAG O . -44.76 7.09 -27.43
C6 NAG O . -44.04 5.81 -27.84
C7 NAG O . -45.49 12.13 -26.01
C8 NAG O . -46.55 13.01 -25.42
N2 NAG O . -45.93 10.97 -26.51
O3 NAG O . -46.23 10.02 -29.23
O4 NAG O . -46.05 7.20 -29.50
O5 NAG O . -43.90 7.88 -26.60
O6 NAG O . -44.31 4.77 -26.89
O7 NAG O . -44.31 12.44 -26.00
C1 NAG P . -45.51 -12.78 15.25
C2 NAG P . -44.74 -11.84 16.16
C3 NAG P . -44.15 -12.65 17.32
C4 NAG P . -45.26 -13.40 18.04
C5 NAG P . -46.05 -14.26 17.05
C6 NAG P . -47.26 -14.95 17.68
C7 NAG P . -43.69 -9.86 15.16
C8 NAG P . -42.52 -9.36 14.38
N2 NAG P . -43.68 -11.17 15.41
O3 NAG P . -43.50 -11.77 18.23
O4 NAG P . -44.65 -14.23 19.04
O5 NAG P . -46.54 -13.42 15.99
O6 NAG P . -48.08 -13.98 18.37
O7 NAG P . -44.59 -9.12 15.54
C1 NAG P . -44.33 -14.22 20.33
C2 NAG P . -44.51 -15.33 21.37
C3 NAG P . -44.95 -14.76 22.71
C4 NAG P . -43.98 -13.67 23.14
C5 NAG P . -43.90 -12.59 22.06
C6 NAG P . -42.93 -11.48 22.45
C7 NAG P . -45.22 -17.33 20.13
C8 NAG P . -46.35 -18.27 19.84
N2 NAG P . -45.50 -16.32 20.95
O3 NAG P . -44.98 -15.80 23.69
O4 NAG P . -44.40 -13.11 24.39
O5 NAG P . -43.47 -13.20 20.84
O6 NAG P . -42.71 -10.59 21.36
O7 NAG P . -44.12 -17.49 19.61
C1 EDO Q . 28.70 15.93 -10.86
O1 EDO Q . 27.65 15.79 -11.81
C2 EDO Q . 28.82 17.31 -10.32
O2 EDO Q . 27.57 17.96 -10.12
C1 EDO R . 20.55 10.27 -7.64
O1 EDO R . 19.58 10.02 -8.64
C2 EDO R . 21.59 9.21 -7.56
O2 EDO R . 22.25 8.99 -8.79
C1 EDO S . 50.56 5.79 -9.61
O1 EDO S . 51.18 6.81 -10.37
C2 EDO S . 50.52 6.06 -8.15
O2 EDO S . 51.80 6.20 -7.58
C1 EDO T . 22.59 12.04 2.78
O1 EDO T . 21.62 12.95 3.25
C2 EDO T . 23.68 11.77 3.75
O2 EDO T . 24.68 10.92 3.22
C1 EDO U . 12.64 0.80 -9.10
O1 EDO U . 12.16 0.38 -10.35
C2 EDO U . 11.59 0.87 -8.06
O2 EDO U . 10.68 -0.22 -8.09
C1 EDO V . 32.91 11.50 4.13
O1 EDO V . 32.13 11.52 5.31
C2 EDO V . 32.35 12.34 3.04
O2 EDO V . 31.40 13.30 3.50
C1 EDO W . 70.53 17.94 -25.57
O1 EDO W . 71.53 17.55 -26.50
C2 EDO W . 70.53 19.39 -25.29
O2 EDO W . 69.85 19.72 -24.10
C1 EDO X . 51.27 22.04 6.15
O1 EDO X . 50.53 23.20 6.53
C2 EDO X . 52.73 22.29 6.05
O2 EDO X . 53.37 22.46 7.31
C1 EDO Y . 3.02 -17.00 -4.21
O1 EDO Y . 2.00 -17.97 -4.35
C2 EDO Y . 2.81 -15.83 -5.11
O2 EDO Y . 1.54 -15.24 -4.97
C1 EDO Z . 75.13 14.56 -23.19
O1 EDO Z . 76.36 14.40 -23.89
C2 EDO Z . 73.96 14.66 -24.08
O2 EDO Z . 73.47 15.98 -24.22
C1 EDO AA . 22.26 23.58 -22.89
O1 EDO AA . 21.49 24.13 -21.84
C2 EDO AA . 23.26 22.60 -22.43
O2 EDO AA . 22.97 21.28 -22.83
C1 NAG BA . 21.03 8.54 0.74
C2 NAG BA . 21.81 7.32 0.21
C3 NAG BA . 21.86 6.22 1.26
C4 NAG BA . 22.39 6.76 2.59
C5 NAG BA . 21.55 7.96 3.02
C6 NAG BA . 22.04 8.56 4.32
C7 NAG BA . 21.53 7.22 -2.23
C8 NAG BA . 20.91 6.45 -3.36
N2 NAG BA . 21.23 6.77 -1.01
O3 NAG BA . 22.70 5.14 0.82
O4 NAG BA . 22.35 5.73 3.59
O5 NAG BA . 21.60 8.96 1.98
O6 NAG BA . 21.14 9.59 4.76
O7 NAG BA . 22.25 8.18 -2.44
C1 NAG CA . 22.25 -7.92 -21.33
C2 NAG CA . 23.17 -7.11 -22.24
C3 NAG CA . 24.15 -6.28 -21.41
C4 NAG CA . 23.37 -5.39 -20.46
C5 NAG CA . 22.44 -6.24 -19.60
C6 NAG CA . 21.61 -5.37 -18.67
C7 NAG CA . 23.49 -8.27 -24.40
C8 NAG CA . 24.40 -9.17 -25.18
N2 NAG CA . 23.91 -7.98 -23.16
O3 NAG CA . 24.97 -5.49 -22.29
O4 NAG CA . 24.29 -4.66 -19.63
O5 NAG CA . 21.57 -7.00 -20.45
O6 NAG CA . 20.74 -6.16 -17.87
O7 NAG CA . 22.46 -7.84 -24.87
C1 NAG DA . 44.16 8.34 4.08
C2 NAG DA . 45.12 7.26 4.61
C3 NAG DA . 44.50 5.88 4.38
C4 NAG DA . 43.13 5.82 5.03
C5 NAG DA . 42.25 6.96 4.52
C6 NAG DA . 40.88 6.99 5.19
C7 NAG DA . 47.41 8.10 4.48
C8 NAG DA . 48.68 8.12 3.67
N2 NAG DA . 46.41 7.37 3.96
O3 NAG DA . 45.36 4.88 4.92
O4 NAG DA . 42.52 4.55 4.76
O5 NAG DA . 42.90 8.21 4.74
O6 NAG DA . 41.01 7.38 6.56
O7 NAG DA . 47.32 8.71 5.53
S SO4 EA . 20.46 -5.52 -32.50
O1 SO4 EA . 20.39 -6.92 -32.17
O2 SO4 EA . 20.76 -5.36 -33.89
O3 SO4 EA . 19.19 -4.89 -32.20
O4 SO4 EA . 21.49 -4.89 -31.71
C1 EDO FA . -24.21 -1.19 3.94
O1 EDO FA . -24.94 -0.87 5.11
C2 EDO FA . -23.95 0.00 3.09
O2 EDO FA . -23.21 1.01 3.75
C1 EDO GA . -46.84 -16.55 14.27
O1 EDO GA . -48.10 -15.89 14.26
C2 EDO GA . -46.61 -17.40 13.08
O2 EDO GA . -47.59 -18.41 12.90
C1 EDO HA . -38.40 -15.77 0.82
O1 EDO HA . -39.33 -15.44 1.84
C2 EDO HA . -37.56 -16.94 1.16
O2 EDO HA . -38.28 -17.99 1.79
C1 EDO IA . -35.09 1.33 2.02
O1 EDO IA . -34.25 2.12 1.21
C2 EDO IA . -34.45 0.87 3.27
O2 EDO IA . -33.71 1.89 3.92
C1 EDO JA . -38.95 15.80 1.60
O1 EDO JA . -39.30 14.90 0.57
C2 EDO JA . -39.27 17.21 1.26
O2 EDO JA . -38.96 17.55 -0.08
C1 EDO KA . -12.84 0.27 8.29
O1 EDO KA . -12.61 0.85 9.56
C2 EDO KA . -11.65 -0.42 7.74
O2 EDO KA . -10.44 -0.07 8.37
C1 EDO LA . -32.31 -12.05 -3.46
O1 EDO LA . -32.60 -12.36 -2.12
C2 EDO LA . -31.11 -12.74 -3.98
O2 EDO LA . -31.41 -13.91 -4.71
C1 EDO MA . 5.73 -7.15 15.23
O1 EDO MA . 7.14 -7.10 15.33
C2 EDO MA . 5.19 -6.24 14.18
O2 EDO MA . 5.79 -4.96 14.18
C1 EDO NA . -33.81 18.76 8.70
O1 EDO NA . -34.00 19.25 7.38
C2 EDO NA . -33.77 17.28 8.79
O2 EDO NA . -32.46 16.75 8.91
C1 EDO OA . -35.72 16.46 5.17
O1 EDO OA . -35.13 16.39 3.88
C2 EDO OA . -36.11 15.14 5.71
O2 EDO OA . -35.39 14.76 6.88
C1 NAG PA . -21.54 -6.81 -1.52
C2 NAG PA . -21.62 -7.47 -0.15
C3 NAG PA . -20.83 -8.79 -0.16
C4 NAG PA . -21.33 -9.69 -1.27
C5 NAG PA . -21.27 -8.94 -2.61
C6 NAG PA . -21.81 -9.80 -3.74
C7 NAG PA . -21.86 -5.77 1.61
C8 NAG PA . -21.17 -5.08 2.76
N2 NAG PA . -21.10 -6.63 0.93
O3 NAG PA . -20.96 -9.45 1.11
O4 NAG PA . -20.55 -10.88 -1.33
O5 NAG PA . -22.03 -7.74 -2.52
O6 NAG PA . -21.81 -9.04 -4.96
O7 NAG PA . -23.03 -5.56 1.37
C1 NAG QA . -19.02 -1.36 25.35
C2 NAG QA . -20.42 -0.75 25.53
C3 NAG QA . -21.42 -1.42 24.59
C4 NAG QA . -20.90 -1.42 23.15
C5 NAG QA . -19.51 -2.06 23.11
C6 NAG QA . -18.92 -2.14 21.70
C7 NAG QA . -20.65 -0.02 27.88
C8 NAG QA . -21.19 -0.40 29.22
N2 NAG QA . -20.87 -0.92 26.91
O3 NAG QA . -22.67 -0.72 24.65
O4 NAG QA . -21.81 -2.15 22.32
O5 NAG QA . -18.64 -1.31 23.98
O6 NAG QA . -18.60 -0.83 21.21
O7 NAG QA . -20.05 1.03 27.70
C1 NAG RA . -39.84 -21.13 1.42
C2 NAG RA . -39.94 -22.53 2.02
C3 NAG RA . -38.72 -22.81 2.90
C4 NAG RA . -37.45 -22.62 2.07
C5 NAG RA . -37.44 -21.22 1.46
C6 NAG RA . -36.22 -20.98 0.58
C7 NAG RA . -42.32 -23.07 2.23
C8 NAG RA . -43.50 -23.17 3.16
N2 NAG RA . -41.17 -22.68 2.78
O3 NAG RA . -38.79 -24.13 3.43
O4 NAG RA . -36.30 -22.83 2.91
O5 NAG RA . -38.62 -21.03 0.68
O6 NAG RA . -36.29 -21.81 -0.59
O7 NAG RA . -42.42 -23.34 1.04
S SO4 SA . -21.51 8.54 30.93
O1 SO4 SA . -22.25 7.29 30.92
O2 SO4 SA . -20.93 8.75 29.64
O3 SO4 SA . -20.47 8.47 31.92
O4 SO4 SA . -22.41 9.63 31.24
NA NA TA . -60.29 -14.76 21.98
#